data_9KFV
# 
_entry.id   9KFV 
# 
_audit_conform.dict_name       mmcif_pdbx.dic 
_audit_conform.dict_version    5.404 
_audit_conform.dict_location   http://mmcif.pdb.org/dictionaries/ascii/mmcif_pdbx.dic 
# 
loop_
_database_2.database_id 
_database_2.database_code 
_database_2.pdbx_database_accession 
_database_2.pdbx_DOI 
PDB   9KFV         pdb_00009kfv 10.2210/pdb9kfv/pdb 
WWPDB D_1300053344 ?            ?                   
# 
_pdbx_audit_revision_history.ordinal             1 
_pdbx_audit_revision_history.data_content_type   'Structure model' 
_pdbx_audit_revision_history.major_revision      1 
_pdbx_audit_revision_history.minor_revision      0 
_pdbx_audit_revision_history.revision_date       2025-09-17 
_pdbx_audit_revision_history.part_number         ? 
# 
_pdbx_audit_revision_details.ordinal             1 
_pdbx_audit_revision_details.revision_ordinal    1 
_pdbx_audit_revision_details.data_content_type   'Structure model' 
_pdbx_audit_revision_details.provider            repository 
_pdbx_audit_revision_details.type                'Initial release' 
_pdbx_audit_revision_details.description         ? 
_pdbx_audit_revision_details.details             ? 
# 
_pdbx_database_status.status_code                     REL 
_pdbx_database_status.status_code_sf                  REL 
_pdbx_database_status.status_code_mr                  ? 
_pdbx_database_status.entry_id                        9KFV 
_pdbx_database_status.recvd_initial_deposition_date   2024-11-07 
_pdbx_database_status.SG_entry                        N 
_pdbx_database_status.deposit_site                    PDBJ 
_pdbx_database_status.process_site                    PDBC 
_pdbx_database_status.status_code_cs                  ? 
_pdbx_database_status.status_code_nmr_data            ? 
_pdbx_database_status.methods_development_category    ? 
_pdbx_database_status.pdb_format_compatible           N 
# 
_pdbx_contact_author.id                 3 
_pdbx_contact_author.email              huanglin36@mail.sysu.edu.cn 
_pdbx_contact_author.name_first         Lin 
_pdbx_contact_author.name_last          Huang 
_pdbx_contact_author.name_mi            ? 
_pdbx_contact_author.role               'principal investigator/group leader' 
_pdbx_contact_author.identifier_ORCID   0000-0002-2121-365X 
# 
loop_
_audit_author.name 
_audit_author.pdbx_ordinal 
_audit_author.identifier_ORCID 
'He, Y.'         1 ? 
'Yan, K.'        2 ? 
'Lilley, D.M.J.' 3 ? 
'Huang, L.'      4 ? 
# 
_citation.abstract                  ? 
_citation.abstract_id_CAS           ? 
_citation.book_id_ISBN              ? 
_citation.book_publisher            ? 
_citation.book_publisher_city       ? 
_citation.book_title                ? 
_citation.coordinate_linkage        ? 
_citation.country                   ? 
_citation.database_id_Medline       ? 
_citation.details                   ? 
_citation.id                        primary 
_citation.journal_abbrev            'To Be Published' 
_citation.journal_id_ASTM           ? 
_citation.journal_id_CSD            0353 
_citation.journal_id_ISSN           ? 
_citation.journal_full              ? 
_citation.journal_issue             ? 
_citation.journal_volume            ? 
_citation.language                  ? 
_citation.page_first                ? 
_citation.page_last                 ? 
_citation.title                     'Crystal structure of the methyltransferase ribozyme MTR1 bound to DNA substrate' 
_citation.year                      ? 
_citation.database_id_CSD           ? 
_citation.pdbx_database_id_DOI      ? 
_citation.pdbx_database_id_PubMed   ? 
_citation.pdbx_database_id_patent   ? 
_citation.unpublished_flag          ? 
# 
loop_
_citation_author.citation_id 
_citation_author.name 
_citation_author.ordinal 
_citation_author.identifier_ORCID 
primary 'He, Y.'         1 ? 
primary 'Yan, K.'        2 ? 
primary 'Lilley, D.M.J.' 3 ? 
primary 'Huang, L.'      4 ? 
# 
loop_
_entity.id 
_entity.type 
_entity.src_method 
_entity.pdbx_description 
_entity.formula_weight 
_entity.pdbx_number_of_molecules 
_entity.pdbx_ec 
_entity.pdbx_mutation 
_entity.pdbx_fragment 
_entity.details 
1 polymer     syn 
;DNA (5'-D(*CP*CP*AP*CP*TP*GP*(A1EFN)P*GP*AP*GP*CP*TP*TP*C)-3')
;
4330.889 1 ? ? ? ? 
2 polymer     syn 
;RNA (5'-R(*GP*GP*AP*AP*GP*CP*UP*CP*UP*GP*AP*CP*CP*GP*AP*CP*CP*CP*CP*CP*AP*GP*CP*C)-3')
;
7641.636 1 ? ? ? ? 
3 polymer     syn 
;RNA (5'-R(*GP*CP*UP*GP*GP*GP*AP*CP*AP*AP*CP*UP*AP*GP*AP*CP*AP*UP*AP*CP*AP*GP*UP*G)-3')
;
7755.703 1 ? ? ? ? 
4 non-polymer syn 'SODIUM ION'                                                                             22.990   2 ? ? ? ? 
5 non-polymer syn GUANINE                                                                                  151.126  1 ? ? ? ? 
6 non-polymer syn 'POTASSIUM ION'                                                                          39.098   2 ? ? ? ? 
# 
loop_
_entity_poly.entity_id 
_entity_poly.type 
_entity_poly.nstd_linkage 
_entity_poly.nstd_monomer 
_entity_poly.pdbx_seq_one_letter_code 
_entity_poly.pdbx_seq_one_letter_code_can 
_entity_poly.pdbx_strand_id 
_entity_poly.pdbx_target_identifier 
1 polydeoxyribonucleotide no yes '(DC)(DC)(DA)(DC)(DT)(DG)(A1EFN)(DG)(DA)(DG)(DC)(DT)(DT)(DC)' CCACTGAGAGCTTC           A ? 
2 polyribonucleotide      no no  GGAAGCUCUGACCGACCCCCAGCC                                      GGAAGCUCUGACCGACCCCCAGCC B ? 
3 polyribonucleotide      no no  GCUGGGACAACUAGACAUACAGUG                                      GCUGGGACAACUAGACAUACAGUG C ? 
# 
loop_
_pdbx_entity_nonpoly.entity_id 
_pdbx_entity_nonpoly.name 
_pdbx_entity_nonpoly.comp_id 
4 'SODIUM ION'    NA  
5 GUANINE         GUN 
6 'POTASSIUM ION' K   
# 
loop_
_entity_poly_seq.entity_id 
_entity_poly_seq.num 
_entity_poly_seq.mon_id 
_entity_poly_seq.hetero 
1 1  DC    n 
1 2  DC    n 
1 3  DA    n 
1 4  DC    n 
1 5  DT    n 
1 6  DG    n 
1 7  A1EFN n 
1 8  DG    n 
1 9  DA    n 
1 10 DG    n 
1 11 DC    n 
1 12 DT    n 
1 13 DT    n 
1 14 DC    n 
2 1  G     n 
2 2  G     n 
2 3  A     n 
2 4  A     n 
2 5  G     n 
2 6  C     n 
2 7  U     n 
2 8  C     n 
2 9  U     n 
2 10 G     n 
2 11 A     n 
2 12 C     n 
2 13 C     n 
2 14 G     n 
2 15 A     n 
2 16 C     n 
2 17 C     n 
2 18 C     n 
2 19 C     n 
2 20 C     n 
2 21 A     n 
2 22 G     n 
2 23 C     n 
2 24 C     n 
3 1  G     n 
3 2  C     n 
3 3  U     n 
3 4  G     n 
3 5  G     n 
3 6  G     n 
3 7  A     n 
3 8  C     n 
3 9  A     n 
3 10 A     n 
3 11 C     n 
3 12 U     n 
3 13 A     n 
3 14 G     n 
3 15 A     n 
3 16 C     n 
3 17 A     n 
3 18 U     n 
3 19 A     n 
3 20 C     n 
3 21 A     n 
3 22 G     n 
3 23 U     n 
3 24 G     n 
# 
loop_
_pdbx_entity_src_syn.entity_id 
_pdbx_entity_src_syn.pdbx_src_id 
_pdbx_entity_src_syn.pdbx_alt_source_flag 
_pdbx_entity_src_syn.pdbx_beg_seq_num 
_pdbx_entity_src_syn.pdbx_end_seq_num 
_pdbx_entity_src_syn.organism_scientific 
_pdbx_entity_src_syn.organism_common_name 
_pdbx_entity_src_syn.ncbi_taxonomy_id 
_pdbx_entity_src_syn.details 
1 1 sample 1 14 'synthetic construct' ? 32630 ? 
2 1 sample 1 24 'synthetic construct' ? 32630 ? 
3 1 sample 1 24 'synthetic construct' ? 32630 ? 
# 
loop_
_chem_comp.id 
_chem_comp.type 
_chem_comp.mon_nstd_flag 
_chem_comp.name 
_chem_comp.pdbx_synonyms 
_chem_comp.formula 
_chem_comp.formula_weight 
A     'RNA linking' y "ADENOSINE-5'-MONOPHOSPHATE" ? 'C10 H14 N5 O7 P' 347.221 
A1EFN 'DNA linking' n 
'[(2R,3S,5R)-5-[6-azanylidene-1-(phenylmethyl)purin-9-yl]-3-oxidanyl-oxolan-2-yl]methyl dihydrogen phosphate' ? 'C17 H20 N5 O6 P' 
421.344 
C     'RNA linking' y "CYTIDINE-5'-MONOPHOSPHATE" ? 'C9 H14 N3 O8 P'  323.197 
DA    'DNA linking' y "2'-DEOXYADENOSINE-5'-MONOPHOSPHATE" ? 'C10 H14 N5 O6 P' 331.222 
DC    'DNA linking' y "2'-DEOXYCYTIDINE-5'-MONOPHOSPHATE" ? 'C9 H14 N3 O7 P'  307.197 
DG    'DNA linking' y "2'-DEOXYGUANOSINE-5'-MONOPHOSPHATE" ? 'C10 H14 N5 O7 P' 347.221 
DT    'DNA linking' y "THYMIDINE-5'-MONOPHOSPHATE" ? 'C10 H15 N2 O8 P' 322.208 
G     'RNA linking' y "GUANOSINE-5'-MONOPHOSPHATE" ? 'C10 H14 N5 O8 P' 363.221 
GUN   non-polymer   . GUANINE ? 'C5 H5 N5 O'      151.126 
K     non-polymer   . 'POTASSIUM ION' ? 'K 1'             39.098  
NA    non-polymer   . 'SODIUM ION' ? 'Na 1'            22.990  
U     'RNA linking' y "URIDINE-5'-MONOPHOSPHATE" ? 'C9 H13 N2 O9 P'  324.181 
# 
loop_
_pdbx_poly_seq_scheme.asym_id 
_pdbx_poly_seq_scheme.entity_id 
_pdbx_poly_seq_scheme.seq_id 
_pdbx_poly_seq_scheme.mon_id 
_pdbx_poly_seq_scheme.ndb_seq_num 
_pdbx_poly_seq_scheme.pdb_seq_num 
_pdbx_poly_seq_scheme.auth_seq_num 
_pdbx_poly_seq_scheme.pdb_mon_id 
_pdbx_poly_seq_scheme.auth_mon_id 
_pdbx_poly_seq_scheme.pdb_strand_id 
_pdbx_poly_seq_scheme.pdb_ins_code 
_pdbx_poly_seq_scheme.hetero 
A 1 1  DC    1  1  1  DC    DC  A . n 
A 1 2  DC    2  2  2  DC    DC  A . n 
A 1 3  DA    3  3  3  DA    DA  A . n 
A 1 4  DC    4  4  4  DC    DC  A . n 
A 1 5  DT    5  5  5  DT    DT  A . n 
A 1 6  DG    6  6  6  DG    DG  A . n 
A 1 7  A1EFN 7  7  7  A1EFN ZZZ A . n 
A 1 8  DG    8  8  8  DG    DG  A . n 
A 1 9  DA    9  9  9  DA    DA  A . n 
A 1 10 DG    10 10 10 DG    DG  A . n 
A 1 11 DC    11 11 11 DC    DC  A . n 
A 1 12 DT    12 12 12 DT    DT  A . n 
A 1 13 DT    13 13 13 DT    DT  A . n 
A 1 14 DC    14 14 14 DC    DC  A . n 
B 2 1  G     1  1  1  G     G   B . n 
B 2 2  G     2  2  2  G     G   B . n 
B 2 3  A     3  3  3  A     A   B . n 
B 2 4  A     4  4  4  A     A   B . n 
B 2 5  G     5  5  5  G     G   B . n 
B 2 6  C     6  6  6  C     C   B . n 
B 2 7  U     7  7  7  U     U   B . n 
B 2 8  C     8  8  8  C     C   B . n 
B 2 9  U     9  9  9  U     U   B . n 
B 2 10 G     10 10 10 G     G   B . n 
B 2 11 A     11 11 11 A     A   B . n 
B 2 12 C     12 12 12 C     C   B . n 
B 2 13 C     13 13 13 C     C   B . n 
B 2 14 G     14 14 14 G     G   B . n 
B 2 15 A     15 15 15 A     A   B . n 
B 2 16 C     16 16 16 C     C   B . n 
B 2 17 C     17 17 17 C     C   B . n 
B 2 18 C     18 18 18 C     C   B . n 
B 2 19 C     19 19 19 C     C   B . n 
B 2 20 C     20 20 20 C     C   B . n 
B 2 21 A     21 21 21 A     A   B . n 
B 2 22 G     22 22 22 G     G   B . n 
B 2 23 C     23 23 23 C     C   B . n 
B 2 24 C     24 24 24 C     C   B . n 
C 3 1  G     1  25 25 G     G   C . n 
C 3 2  C     2  26 26 C     C   C . n 
C 3 3  U     3  27 27 U     U   C . n 
C 3 4  G     4  28 28 G     G   C . n 
C 3 5  G     5  29 29 G     G   C . n 
C 3 6  G     6  30 30 G     G   C . n 
C 3 7  A     7  31 31 A     A   C . n 
C 3 8  C     8  32 32 C     C   C . n 
C 3 9  A     9  33 33 A     A   C . n 
C 3 10 A     10 34 34 A     A   C . n 
C 3 11 C     11 35 35 C     C   C . n 
C 3 12 U     12 36 36 U     U   C . n 
C 3 13 A     13 37 37 A     A   C . n 
C 3 14 G     14 38 38 G     G   C . n 
C 3 15 A     15 39 39 A     A   C . n 
C 3 16 C     16 40 40 C     C   C . n 
C 3 17 A     17 41 41 A     A   C . n 
C 3 18 U     18 42 42 U     U   C . n 
C 3 19 A     19 43 43 A     A   C . n 
C 3 20 C     20 44 44 C     C   C . n 
C 3 21 A     21 45 45 A     A   C . n 
C 3 22 G     22 46 46 G     G   C . n 
C 3 23 U     23 47 47 U     U   C . n 
C 3 24 G     24 48 48 G     G   C . n 
# 
_pdbx_entity_instance_feature.ordinal        1 
_pdbx_entity_instance_feature.comp_id        A1EFN 
_pdbx_entity_instance_feature.asym_id        ? 
_pdbx_entity_instance_feature.seq_num        ? 
_pdbx_entity_instance_feature.auth_comp_id   A1EFN 
_pdbx_entity_instance_feature.auth_asym_id   ? 
_pdbx_entity_instance_feature.auth_seq_num   ? 
_pdbx_entity_instance_feature.feature_type   'SUBJECT OF INVESTIGATION' 
_pdbx_entity_instance_feature.details        ? 
# 
loop_
_pdbx_nonpoly_scheme.asym_id 
_pdbx_nonpoly_scheme.entity_id 
_pdbx_nonpoly_scheme.mon_id 
_pdbx_nonpoly_scheme.ndb_seq_num 
_pdbx_nonpoly_scheme.pdb_seq_num 
_pdbx_nonpoly_scheme.auth_seq_num 
_pdbx_nonpoly_scheme.pdb_mon_id 
_pdbx_nonpoly_scheme.auth_mon_id 
_pdbx_nonpoly_scheme.pdb_strand_id 
_pdbx_nonpoly_scheme.pdb_ins_code 
D 4 NA  1 101 5   NA  NA  B . 
E 5 GUN 1 101 101 GUN GUN C . 
F 4 NA  1 102 4   NA  NA  C . 
G 6 K   1 103 1   K   K   C . 
H 6 K   1 104 2   K   K   C . 
# 
loop_
_software.citation_id 
_software.classification 
_software.compiler_name 
_software.compiler_version 
_software.contact_author 
_software.contact_author_email 
_software.date 
_software.description 
_software.dependencies 
_software.hardware 
_software.language 
_software.location 
_software.mods 
_software.name 
_software.os 
_software.os_version 
_software.type 
_software.version 
_software.pdbx_ordinal 
? refinement       ? ? ? ? ? ? ? ? ? ? ? PHENIX   ? ? ? '(1.19.2_4158: ???)' 1 
? 'data reduction' ? ? ? ? ? ? ? ? ? ? ? autoPROC ? ? ? .                    2 
? 'data scaling'   ? ? ? ? ? ? ? ? ? ? ? autoPROC ? ? ? .                    3 
? phasing          ? ? ? ? ? ? ? ? ? ? ? PHASER   ? ? ? .                    4 
# 
_cell.angle_alpha                  90.00 
_cell.angle_alpha_esd              ? 
_cell.angle_beta                   90.00 
_cell.angle_beta_esd               ? 
_cell.angle_gamma                  90.00 
_cell.angle_gamma_esd              ? 
_cell.entry_id                     9KFV 
_cell.details                      ? 
_cell.formula_units_Z              ? 
_cell.length_a                     67.342 
_cell.length_a_esd                 ? 
_cell.length_b                     67.342 
_cell.length_b_esd                 ? 
_cell.length_c                     65.163 
_cell.length_c_esd                 ? 
_cell.volume                       ? 
_cell.volume_esd                   ? 
_cell.Z_PDB                        4 
_cell.reciprocal_angle_alpha       ? 
_cell.reciprocal_angle_beta        ? 
_cell.reciprocal_angle_gamma       ? 
_cell.reciprocal_angle_alpha_esd   ? 
_cell.reciprocal_angle_beta_esd    ? 
_cell.reciprocal_angle_gamma_esd   ? 
_cell.reciprocal_length_a          ? 
_cell.reciprocal_length_b          ? 
_cell.reciprocal_length_c          ? 
_cell.reciprocal_length_a_esd      ? 
_cell.reciprocal_length_b_esd      ? 
_cell.reciprocal_length_c_esd      ? 
_cell.pdbx_unique_axis             ? 
_cell.pdbx_esd_method              ? 
# 
_symmetry.entry_id                         9KFV 
_symmetry.cell_setting                     ? 
_symmetry.Int_Tables_number                76 
_symmetry.space_group_name_Hall            ? 
_symmetry.space_group_name_H-M             'P 41' 
_symmetry.pdbx_full_space_group_name_H-M   ? 
# 
_exptl.absorpt_coefficient_mu     ? 
_exptl.absorpt_correction_T_max   ? 
_exptl.absorpt_correction_T_min   ? 
_exptl.absorpt_correction_type    ? 
_exptl.absorpt_process_details    ? 
_exptl.entry_id                   9KFV 
_exptl.crystals_number            1 
_exptl.details                    ? 
_exptl.method                     'X-RAY DIFFRACTION' 
_exptl.method_details             ? 
# 
_exptl_crystal.colour                       ? 
_exptl_crystal.density_diffrn               ? 
_exptl_crystal.density_Matthews             3.79 
_exptl_crystal.density_method               ? 
_exptl_crystal.density_percent_sol          67.53 
_exptl_crystal.description                  ? 
_exptl_crystal.F_000                        ? 
_exptl_crystal.id                           1 
_exptl_crystal.preparation                  ? 
_exptl_crystal.size_max                     ? 
_exptl_crystal.size_mid                     ? 
_exptl_crystal.size_min                     ? 
_exptl_crystal.size_rad                     ? 
_exptl_crystal.colour_lustre                ? 
_exptl_crystal.colour_modifier              ? 
_exptl_crystal.colour_primary               ? 
_exptl_crystal.density_meas                 ? 
_exptl_crystal.density_meas_esd             ? 
_exptl_crystal.density_meas_gt              ? 
_exptl_crystal.density_meas_lt              ? 
_exptl_crystal.density_meas_temp            ? 
_exptl_crystal.density_meas_temp_esd        ? 
_exptl_crystal.density_meas_temp_gt         ? 
_exptl_crystal.density_meas_temp_lt         ? 
_exptl_crystal.pdbx_crystal_image_url       ? 
_exptl_crystal.pdbx_crystal_image_format    ? 
_exptl_crystal.pdbx_mosaicity               ? 
_exptl_crystal.pdbx_mosaicity_esd           ? 
_exptl_crystal.pdbx_mosaic_method           ? 
_exptl_crystal.pdbx_mosaic_block_size       ? 
_exptl_crystal.pdbx_mosaic_block_size_esd   ? 
# 
_exptl_crystal_grow.apparatus       ? 
_exptl_crystal_grow.atmosphere      ? 
_exptl_crystal_grow.crystal_id      1 
_exptl_crystal_grow.details         ? 
_exptl_crystal_grow.method          'VAPOR DIFFUSION, HANGING DROP' 
_exptl_crystal_grow.method_ref      ? 
_exptl_crystal_grow.pH              7.6 
_exptl_crystal_grow.pressure        ? 
_exptl_crystal_grow.pressure_esd    ? 
_exptl_crystal_grow.seeding         ? 
_exptl_crystal_grow.seeding_ref     ? 
_exptl_crystal_grow.temp_details    ? 
_exptl_crystal_grow.temp_esd        ? 
_exptl_crystal_grow.time            ? 
_exptl_crystal_grow.pdbx_details    
;100mM NaCl,
100mM LiCl,
10mM MgCl2,
36% MPD
;
_exptl_crystal_grow.pdbx_pH_range   ? 
_exptl_crystal_grow.temp            291 
# 
_diffrn.ambient_environment              ? 
_diffrn.ambient_temp                     100 
_diffrn.ambient_temp_details             ? 
_diffrn.ambient_temp_esd                 ? 
_diffrn.crystal_id                       1 
_diffrn.crystal_support                  ? 
_diffrn.crystal_treatment                ? 
_diffrn.details                          ? 
_diffrn.id                               1 
_diffrn.ambient_pressure                 ? 
_diffrn.ambient_pressure_esd             ? 
_diffrn.ambient_pressure_gt              ? 
_diffrn.ambient_pressure_lt              ? 
_diffrn.ambient_temp_gt                  ? 
_diffrn.ambient_temp_lt                  ? 
_diffrn.pdbx_serial_crystal_experiment   N 
# 
_diffrn_detector.details                      ? 
_diffrn_detector.detector                     PIXEL 
_diffrn_detector.diffrn_id                    1 
_diffrn_detector.type                         'DECTRIS EIGER X 16M' 
_diffrn_detector.area_resol_mean              ? 
_diffrn_detector.dtime                        ? 
_diffrn_detector.pdbx_frames_total            ? 
_diffrn_detector.pdbx_collection_time_total   ? 
_diffrn_detector.pdbx_collection_date         2024-09-23 
_diffrn_detector.pdbx_frequency               ? 
_diffrn_detector.id                           ? 
_diffrn_detector.number_of_axes               ? 
# 
_diffrn_radiation.collimation                      ? 
_diffrn_radiation.diffrn_id                        1 
_diffrn_radiation.filter_edge                      ? 
_diffrn_radiation.inhomogeneity                    ? 
_diffrn_radiation.monochromator                    ? 
_diffrn_radiation.polarisn_norm                    ? 
_diffrn_radiation.polarisn_ratio                   ? 
_diffrn_radiation.probe                            ? 
_diffrn_radiation.type                             ? 
_diffrn_radiation.xray_symbol                      ? 
_diffrn_radiation.wavelength_id                    1 
_diffrn_radiation.pdbx_monochromatic_or_laue_m_l   M 
_diffrn_radiation.pdbx_wavelength_list             ? 
_diffrn_radiation.pdbx_wavelength                  ? 
_diffrn_radiation.pdbx_diffrn_protocol             'SINGLE WAVELENGTH' 
_diffrn_radiation.pdbx_analyzer                    ? 
_diffrn_radiation.pdbx_scattering_type             x-ray 
# 
_diffrn_radiation_wavelength.id           1 
_diffrn_radiation_wavelength.wavelength   0.97918 
_diffrn_radiation_wavelength.wt           1.0 
# 
_diffrn_source.current                     ? 
_diffrn_source.details                     ? 
_diffrn_source.diffrn_id                   1 
_diffrn_source.power                       ? 
_diffrn_source.size                        ? 
_diffrn_source.source                      SYNCHROTRON 
_diffrn_source.target                      ? 
_diffrn_source.type                        'SSRF BEAMLINE BL10U2' 
_diffrn_source.voltage                     ? 
_diffrn_source.take-off_angle              ? 
_diffrn_source.pdbx_wavelength_list        0.97918 
_diffrn_source.pdbx_wavelength             ? 
_diffrn_source.pdbx_synchrotron_beamline   BL10U2 
_diffrn_source.pdbx_synchrotron_site       SSRF 
# 
_reflns.B_iso_Wilson_estimate                          ? 
_reflns.entry_id                                       9KFV 
_reflns.data_reduction_details                         ? 
_reflns.data_reduction_method                          ? 
_reflns.d_resolution_high                              2.82 
_reflns.d_resolution_low                               67.34 
_reflns.details                                        ? 
_reflns.limit_h_max                                    ? 
_reflns.limit_h_min                                    ? 
_reflns.limit_k_max                                    ? 
_reflns.limit_k_min                                    ? 
_reflns.limit_l_max                                    ? 
_reflns.limit_l_min                                    ? 
_reflns.number_all                                     ? 
_reflns.number_obs                                     6850 
_reflns.observed_criterion                             ? 
_reflns.observed_criterion_F_max                       ? 
_reflns.observed_criterion_F_min                       ? 
_reflns.observed_criterion_I_max                       ? 
_reflns.observed_criterion_I_min                       ? 
_reflns.observed_criterion_sigma_F                     ? 
_reflns.observed_criterion_sigma_I                     ? 
_reflns.percent_possible_obs                           95.5 
_reflns.R_free_details                                 ? 
_reflns.Rmerge_F_all                                   ? 
_reflns.Rmerge_F_obs                                   ? 
_reflns.Friedel_coverage                               ? 
_reflns.number_gt                                      ? 
_reflns.threshold_expression                           ? 
_reflns.pdbx_redundancy                                6.1 
_reflns.pdbx_netI_over_av_sigmaI                       ? 
_reflns.pdbx_netI_over_sigmaI                          10.500 
_reflns.pdbx_res_netI_over_av_sigmaI_2                 ? 
_reflns.pdbx_res_netI_over_sigmaI_2                    ? 
_reflns.pdbx_chi_squared                               ? 
_reflns.pdbx_scaling_rejects                           ? 
_reflns.pdbx_d_res_high_opt                            ? 
_reflns.pdbx_d_res_low_opt                             ? 
_reflns.pdbx_d_res_opt_method                          ? 
_reflns.phase_calculation_details                      ? 
_reflns.pdbx_Rrim_I_all                                ? 
_reflns.pdbx_Rpim_I_all                                0.062 
_reflns.pdbx_d_opt                                     ? 
_reflns.pdbx_number_measured_all                       ? 
_reflns.pdbx_diffrn_id                                 1 
_reflns.pdbx_ordinal                                   1 
_reflns.pdbx_CC_half                                   0.987 
_reflns.pdbx_CC_star                                   ? 
_reflns.pdbx_R_split                                   ? 
_reflns.pdbx_Rmerge_I_obs                              0.141 
_reflns.pdbx_Rmerge_I_all                              ? 
_reflns.pdbx_Rsym_value                                ? 
_reflns.pdbx_CC_split_method                           ? 
_reflns.pdbx_aniso_diffraction_limit_axis_1_ortho[1]   ? 
_reflns.pdbx_aniso_diffraction_limit_axis_1_ortho[2]   ? 
_reflns.pdbx_aniso_diffraction_limit_axis_1_ortho[3]   ? 
_reflns.pdbx_aniso_diffraction_limit_axis_2_ortho[1]   ? 
_reflns.pdbx_aniso_diffraction_limit_axis_2_ortho[2]   ? 
_reflns.pdbx_aniso_diffraction_limit_axis_2_ortho[3]   ? 
_reflns.pdbx_aniso_diffraction_limit_axis_3_ortho[1]   ? 
_reflns.pdbx_aniso_diffraction_limit_axis_3_ortho[2]   ? 
_reflns.pdbx_aniso_diffraction_limit_axis_3_ortho[3]   ? 
_reflns.pdbx_aniso_diffraction_limit_1                 ? 
_reflns.pdbx_aniso_diffraction_limit_2                 ? 
_reflns.pdbx_aniso_diffraction_limit_3                 ? 
_reflns.pdbx_aniso_B_tensor_eigenvector_1_ortho[1]     ? 
_reflns.pdbx_aniso_B_tensor_eigenvector_1_ortho[2]     ? 
_reflns.pdbx_aniso_B_tensor_eigenvector_1_ortho[3]     ? 
_reflns.pdbx_aniso_B_tensor_eigenvector_2_ortho[1]     ? 
_reflns.pdbx_aniso_B_tensor_eigenvector_2_ortho[2]     ? 
_reflns.pdbx_aniso_B_tensor_eigenvector_2_ortho[3]     ? 
_reflns.pdbx_aniso_B_tensor_eigenvector_3_ortho[1]     ? 
_reflns.pdbx_aniso_B_tensor_eigenvector_3_ortho[2]     ? 
_reflns.pdbx_aniso_B_tensor_eigenvector_3_ortho[3]     ? 
_reflns.pdbx_aniso_B_tensor_eigenvalue_1               ? 
_reflns.pdbx_aniso_B_tensor_eigenvalue_2               ? 
_reflns.pdbx_aniso_B_tensor_eigenvalue_3               ? 
_reflns.pdbx_orthogonalization_convention              ? 
_reflns.pdbx_percent_possible_ellipsoidal              ? 
_reflns.pdbx_percent_possible_spherical                ? 
_reflns.pdbx_percent_possible_ellipsoidal_anomalous    ? 
_reflns.pdbx_percent_possible_spherical_anomalous      ? 
_reflns.pdbx_redundancy_anomalous                      ? 
_reflns.pdbx_CC_half_anomalous                         ? 
_reflns.pdbx_absDiff_over_sigma_anomalous              ? 
_reflns.pdbx_percent_possible_anomalous                ? 
_reflns.pdbx_observed_signal_threshold                 ? 
_reflns.pdbx_signal_type                               ? 
_reflns.pdbx_signal_details                            ? 
_reflns.pdbx_signal_software_id                        ? 
# 
_reflns_shell.d_res_high                                    2.82 
_reflns_shell.d_res_low                                     2.97 
_reflns_shell.meanI_over_sigI_all                           ? 
_reflns_shell.meanI_over_sigI_obs                           0.500 
_reflns_shell.number_measured_all                           ? 
_reflns_shell.number_measured_obs                           ? 
_reflns_shell.number_possible                               ? 
_reflns_shell.number_unique_all                             ? 
_reflns_shell.number_unique_obs                             1045 
_reflns_shell.percent_possible_obs                          ? 
_reflns_shell.Rmerge_F_all                                  ? 
_reflns_shell.Rmerge_F_obs                                  ? 
_reflns_shell.meanI_over_sigI_gt                            ? 
_reflns_shell.meanI_over_uI_all                             ? 
_reflns_shell.meanI_over_uI_gt                              ? 
_reflns_shell.number_measured_gt                            ? 
_reflns_shell.number_unique_gt                              ? 
_reflns_shell.percent_possible_gt                           ? 
_reflns_shell.Rmerge_F_gt                                   ? 
_reflns_shell.Rmerge_I_gt                                   ? 
_reflns_shell.pdbx_redundancy                               5.0 
_reflns_shell.pdbx_chi_squared                              ? 
_reflns_shell.pdbx_netI_over_sigmaI_all                     ? 
_reflns_shell.pdbx_netI_over_sigmaI_obs                     ? 
_reflns_shell.pdbx_Rrim_I_all                               ? 
_reflns_shell.pdbx_Rpim_I_all                               1.443 
_reflns_shell.pdbx_rejects                                  ? 
_reflns_shell.pdbx_ordinal                                  1 
_reflns_shell.pdbx_diffrn_id                                1 
_reflns_shell.pdbx_CC_half                                  0.417 
_reflns_shell.pdbx_CC_star                                  ? 
_reflns_shell.pdbx_R_split                                  ? 
_reflns_shell.percent_possible_all                          100.0 
_reflns_shell.Rmerge_I_all                                  ? 
_reflns_shell.Rmerge_I_obs                                  2.918 
_reflns_shell.pdbx_Rsym_value                               ? 
_reflns_shell.pdbx_percent_possible_ellipsoidal             ? 
_reflns_shell.pdbx_percent_possible_spherical               ? 
_reflns_shell.pdbx_percent_possible_ellipsoidal_anomalous   ? 
_reflns_shell.pdbx_percent_possible_spherical_anomalous     ? 
_reflns_shell.pdbx_redundancy_anomalous                     ? 
_reflns_shell.pdbx_CC_half_anomalous                        ? 
_reflns_shell.pdbx_absDiff_over_sigma_anomalous             ? 
_reflns_shell.pdbx_percent_possible_anomalous               ? 
# 
_refine.aniso_B[1][1]                            ? 
_refine.aniso_B[1][2]                            ? 
_refine.aniso_B[1][3]                            ? 
_refine.aniso_B[2][2]                            ? 
_refine.aniso_B[2][3]                            ? 
_refine.aniso_B[3][3]                            ? 
_refine.B_iso_max                                ? 
_refine.B_iso_mean                               ? 
_refine.B_iso_min                                ? 
_refine.correlation_coeff_Fo_to_Fc               ? 
_refine.correlation_coeff_Fo_to_Fc_free          ? 
_refine.details                                  ? 
_refine.diff_density_max                         ? 
_refine.diff_density_max_esd                     ? 
_refine.diff_density_min                         ? 
_refine.diff_density_min_esd                     ? 
_refine.diff_density_rms                         ? 
_refine.diff_density_rms_esd                     ? 
_refine.entry_id                                 9KFV 
_refine.pdbx_refine_id                           'X-RAY DIFFRACTION' 
_refine.ls_abs_structure_details                 ? 
_refine.ls_abs_structure_Flack                   ? 
_refine.ls_abs_structure_Flack_esd               ? 
_refine.ls_abs_structure_Rogers                  ? 
_refine.ls_abs_structure_Rogers_esd              ? 
_refine.ls_d_res_high                            2.82 
_refine.ls_d_res_low                             33.67 
_refine.ls_extinction_coef                       ? 
_refine.ls_extinction_coef_esd                   ? 
_refine.ls_extinction_expression                 ? 
_refine.ls_extinction_method                     ? 
_refine.ls_goodness_of_fit_all                   ? 
_refine.ls_goodness_of_fit_all_esd               ? 
_refine.ls_goodness_of_fit_obs                   ? 
_refine.ls_goodness_of_fit_obs_esd               ? 
_refine.ls_hydrogen_treatment                    ? 
_refine.ls_matrix_type                           ? 
_refine.ls_number_constraints                    ? 
_refine.ls_number_parameters                     ? 
_refine.ls_number_reflns_all                     ? 
_refine.ls_number_reflns_obs                     6160 
_refine.ls_number_reflns_R_free                  284 
_refine.ls_number_reflns_R_work                  ? 
_refine.ls_number_restraints                     ? 
_refine.ls_percent_reflns_obs                    86.23 
_refine.ls_percent_reflns_R_free                 4.61 
_refine.ls_R_factor_all                          ? 
_refine.ls_R_factor_obs                          0.1990 
_refine.ls_R_factor_R_free                       0.2339 
_refine.ls_R_factor_R_free_error                 ? 
_refine.ls_R_factor_R_free_error_details         ? 
_refine.ls_R_factor_R_work                       0.1974 
_refine.ls_R_Fsqd_factor_obs                     ? 
_refine.ls_R_I_factor_obs                        ? 
_refine.ls_redundancy_reflns_all                 ? 
_refine.ls_redundancy_reflns_obs                 ? 
_refine.ls_restrained_S_all                      ? 
_refine.ls_restrained_S_obs                      ? 
_refine.ls_shift_over_esd_max                    ? 
_refine.ls_shift_over_esd_mean                   ? 
_refine.ls_structure_factor_coef                 ? 
_refine.ls_weighting_details                     ? 
_refine.ls_weighting_scheme                      ? 
_refine.ls_wR_factor_all                         ? 
_refine.ls_wR_factor_obs                         ? 
_refine.ls_wR_factor_R_free                      ? 
_refine.ls_wR_factor_R_work                      ? 
_refine.occupancy_max                            ? 
_refine.occupancy_min                            ? 
_refine.solvent_model_details                    'FLAT BULK SOLVENT MODEL' 
_refine.solvent_model_param_bsol                 ? 
_refine.solvent_model_param_ksol                 ? 
_refine.pdbx_R_complete                          ? 
_refine.ls_R_factor_gt                           ? 
_refine.ls_goodness_of_fit_gt                    ? 
_refine.ls_goodness_of_fit_ref                   ? 
_refine.ls_shift_over_su_max                     ? 
_refine.ls_shift_over_su_max_lt                  ? 
_refine.ls_shift_over_su_mean                    ? 
_refine.ls_shift_over_su_mean_lt                 ? 
_refine.pdbx_ls_sigma_I                          ? 
_refine.pdbx_ls_sigma_F                          1.34 
_refine.pdbx_ls_sigma_Fsqd                       ? 
_refine.pdbx_data_cutoff_high_absF               ? 
_refine.pdbx_data_cutoff_high_rms_absF           ? 
_refine.pdbx_data_cutoff_low_absF                ? 
_refine.pdbx_isotropic_thermal_model             ? 
_refine.pdbx_ls_cross_valid_method               'FREE R-VALUE' 
_refine.pdbx_method_to_determine_struct          'MOLECULAR REPLACEMENT' 
_refine.pdbx_starting_model                      ? 
_refine.pdbx_stereochemistry_target_values       ML 
_refine.pdbx_R_Free_selection_details            ? 
_refine.pdbx_stereochem_target_val_spec_case     ? 
_refine.pdbx_overall_ESU_R                       ? 
_refine.pdbx_overall_ESU_R_Free                  ? 
_refine.pdbx_solvent_vdw_probe_radii             1.11 
_refine.pdbx_solvent_ion_probe_radii             ? 
_refine.pdbx_solvent_shrinkage_radii             0.90 
_refine.pdbx_real_space_R                        ? 
_refine.pdbx_density_correlation                 ? 
_refine.pdbx_pd_number_of_powder_patterns        ? 
_refine.pdbx_pd_number_of_points                 ? 
_refine.pdbx_pd_meas_number_of_points            ? 
_refine.pdbx_pd_proc_ls_prof_R_factor            ? 
_refine.pdbx_pd_proc_ls_prof_wR_factor           ? 
_refine.pdbx_pd_Marquardt_correlation_coeff      ? 
_refine.pdbx_pd_Fsqrd_R_factor                   ? 
_refine.pdbx_pd_ls_matrix_band_width             ? 
_refine.pdbx_overall_phase_error                 21.90 
_refine.pdbx_overall_SU_R_free_Cruickshank_DPI   ? 
_refine.pdbx_overall_SU_R_free_Blow_DPI          ? 
_refine.pdbx_overall_SU_R_Blow_DPI               ? 
_refine.pdbx_TLS_residual_ADP_flag               ? 
_refine.pdbx_diffrn_id                           1 
_refine.overall_SU_B                             ? 
_refine.overall_SU_ML                            0.23 
_refine.overall_SU_R_Cruickshank_DPI             ? 
_refine.overall_SU_R_free                        ? 
_refine.overall_FOM_free_R_set                   ? 
_refine.overall_FOM_work_R_set                   ? 
_refine.pdbx_average_fsc_overall                 ? 
_refine.pdbx_average_fsc_work                    ? 
_refine.pdbx_average_fsc_free                    ? 
# 
_refine_hist.pdbx_refine_id                   'X-RAY DIFFRACTION' 
_refine_hist.cycle_id                         LAST 
_refine_hist.details                          ? 
_refine_hist.d_res_high                       2.82 
_refine_hist.d_res_low                        33.67 
_refine_hist.number_atoms_solvent             0 
_refine_hist.number_atoms_total               1322 
_refine_hist.number_reflns_all                ? 
_refine_hist.number_reflns_obs                ? 
_refine_hist.number_reflns_R_free             ? 
_refine_hist.number_reflns_R_work             ? 
_refine_hist.R_factor_all                     ? 
_refine_hist.R_factor_obs                     ? 
_refine_hist.R_factor_R_free                  ? 
_refine_hist.R_factor_R_work                  ? 
_refine_hist.pdbx_number_residues_total       ? 
_refine_hist.pdbx_B_iso_mean_ligand           ? 
_refine_hist.pdbx_B_iso_mean_solvent          ? 
_refine_hist.pdbx_number_atoms_protein        0 
_refine_hist.pdbx_number_atoms_nucleic_acid   1307 
_refine_hist.pdbx_number_atoms_ligand         15 
_refine_hist.pdbx_number_atoms_lipid          ? 
_refine_hist.pdbx_number_atoms_carb           ? 
_refine_hist.pdbx_pseudo_atom_details         ? 
# 
loop_
_refine_ls_restr.pdbx_refine_id 
_refine_ls_restr.criterion 
_refine_ls_restr.dev_ideal 
_refine_ls_restr.dev_ideal_target 
_refine_ls_restr.number 
_refine_ls_restr.rejects 
_refine_ls_restr.type 
_refine_ls_restr.weight 
_refine_ls_restr.pdbx_restraint_function 
'X-RAY DIFFRACTION' ? 0.008  ? 1473 ? f_bond_d           ? ? 
'X-RAY DIFFRACTION' ? 1.379  ? 2282 ? f_angle_d          ? ? 
'X-RAY DIFFRACTION' ? 15.218 ? 700  ? f_dihedral_angle_d ? ? 
'X-RAY DIFFRACTION' ? 0.055  ? 292  ? f_chiral_restr     ? ? 
'X-RAY DIFFRACTION' ? 0.008  ? 64   ? f_plane_restr      ? ? 
# 
loop_
_refine_ls_shell.pdbx_refine_id 
_refine_ls_shell.d_res_high 
_refine_ls_shell.d_res_low 
_refine_ls_shell.number_reflns_all 
_refine_ls_shell.number_reflns_obs 
_refine_ls_shell.number_reflns_R_free 
_refine_ls_shell.number_reflns_R_work 
_refine_ls_shell.percent_reflns_obs 
_refine_ls_shell.percent_reflns_R_free 
_refine_ls_shell.R_factor_all 
_refine_ls_shell.R_factor_obs 
_refine_ls_shell.R_factor_R_free_error 
_refine_ls_shell.R_factor_R_work 
_refine_ls_shell.redundancy_reflns_all 
_refine_ls_shell.redundancy_reflns_obs 
_refine_ls_shell.wR_factor_all 
_refine_ls_shell.wR_factor_obs 
_refine_ls_shell.wR_factor_R_free 
_refine_ls_shell.wR_factor_R_work 
_refine_ls_shell.pdbx_R_complete 
_refine_ls_shell.pdbx_total_number_of_bins_used 
_refine_ls_shell.pdbx_phase_error 
_refine_ls_shell.pdbx_fsc_work 
_refine_ls_shell.pdbx_fsc_free 
_refine_ls_shell.R_factor_R_free 
'X-RAY DIFFRACTION' 2.82 3.55  . . 97  2712 79.00 . . . . 0.2810 . . . . . . . . . . . 0.3166 
'X-RAY DIFFRACTION' 3.55 33.67 . . 187 3164 93.00 . . . . 0.1754 . . . . . . . . . . . 0.2182 
# 
_struct.entry_id                     9KFV 
_struct.title                        
'Crystal structure of the methyltransferase-ribozyme 1 bound to DNA substrate (1-benzyl-adenosine derivative)' 
_struct.pdbx_model_details           ? 
_struct.pdbx_formula_weight          ? 
_struct.pdbx_formula_weight_method   ? 
_struct.pdbx_model_type_details      ? 
_struct.pdbx_CASP_flag               N 
# 
_struct_keywords.entry_id        9KFV 
_struct_keywords.text            'Ribozyme, Methyltransferase, MTR1, O6-benzylguanine, DNA-RNA HYBRID' 
_struct_keywords.pdbx_keywords   'DNA-RNA HYBRID' 
# 
loop_
_struct_asym.id 
_struct_asym.pdbx_blank_PDB_chainid_flag 
_struct_asym.pdbx_modified 
_struct_asym.entity_id 
_struct_asym.details 
A N N 1 ? 
B N N 2 ? 
C N N 3 ? 
D N N 4 ? 
E N N 5 ? 
F N N 4 ? 
G N N 6 ? 
H N N 6 ? 
# 
loop_
_struct_ref.id 
_struct_ref.db_name 
_struct_ref.db_code 
_struct_ref.pdbx_db_accession 
_struct_ref.pdbx_db_isoform 
_struct_ref.entity_id 
_struct_ref.pdbx_seq_one_letter_code 
_struct_ref.pdbx_align_begin 
1 PDB 9KFV 9KFV ? 1 ? 1 
2 PDB 9KFV 9KFV ? 2 ? 1 
3 PDB 9KFV 9KFV ? 3 ? 1 
# 
loop_
_struct_ref_seq.align_id 
_struct_ref_seq.ref_id 
_struct_ref_seq.pdbx_PDB_id_code 
_struct_ref_seq.pdbx_strand_id 
_struct_ref_seq.seq_align_beg 
_struct_ref_seq.pdbx_seq_align_beg_ins_code 
_struct_ref_seq.seq_align_end 
_struct_ref_seq.pdbx_seq_align_end_ins_code 
_struct_ref_seq.pdbx_db_accession 
_struct_ref_seq.db_align_beg 
_struct_ref_seq.pdbx_db_align_beg_ins_code 
_struct_ref_seq.db_align_end 
_struct_ref_seq.pdbx_db_align_end_ins_code 
_struct_ref_seq.pdbx_auth_seq_align_beg 
_struct_ref_seq.pdbx_auth_seq_align_end 
1 1 9KFV A 1 ? 14 ? 9KFV 1  ? 14 ? 1  14 
2 2 9KFV B 1 ? 24 ? 9KFV 1  ? 24 ? 1  24 
3 3 9KFV C 1 ? 24 ? 9KFV 25 ? 48 ? 25 48 
# 
_pdbx_struct_assembly.id                   1 
_pdbx_struct_assembly.details              author_and_software_defined_assembly 
_pdbx_struct_assembly.method_details       PISA 
_pdbx_struct_assembly.oligomeric_details   trimeric 
_pdbx_struct_assembly.oligomeric_count     3 
# 
loop_
_pdbx_struct_assembly_prop.biol_id 
_pdbx_struct_assembly_prop.type 
_pdbx_struct_assembly_prop.value 
_pdbx_struct_assembly_prop.details 
1 'ABSA (A^2)' 5630 ? 
1 MORE         -19  ? 
1 'SSA (A^2)'  9780 ? 
# 
_pdbx_struct_assembly_gen.assembly_id       1 
_pdbx_struct_assembly_gen.oper_expression   1 
_pdbx_struct_assembly_gen.asym_id_list      A,B,C,D,E,F,G,H 
# 
_pdbx_struct_assembly_auth_evidence.id                     1 
_pdbx_struct_assembly_auth_evidence.assembly_id            1 
_pdbx_struct_assembly_auth_evidence.experimental_support   none 
_pdbx_struct_assembly_auth_evidence.details                ? 
# 
_pdbx_struct_oper_list.id                   1 
_pdbx_struct_oper_list.type                 'identity operation' 
_pdbx_struct_oper_list.name                 1_555 
_pdbx_struct_oper_list.symmetry_operation   x,y,z 
_pdbx_struct_oper_list.matrix[1][1]         1.0000000000 
_pdbx_struct_oper_list.matrix[1][2]         0.0000000000 
_pdbx_struct_oper_list.matrix[1][3]         0.0000000000 
_pdbx_struct_oper_list.vector[1]            0.0000000000 
_pdbx_struct_oper_list.matrix[2][1]         0.0000000000 
_pdbx_struct_oper_list.matrix[2][2]         1.0000000000 
_pdbx_struct_oper_list.matrix[2][3]         0.0000000000 
_pdbx_struct_oper_list.vector[2]            0.0000000000 
_pdbx_struct_oper_list.matrix[3][1]         0.0000000000 
_pdbx_struct_oper_list.matrix[3][2]         0.0000000000 
_pdbx_struct_oper_list.matrix[3][3]         1.0000000000 
_pdbx_struct_oper_list.vector[3]            0.0000000000 
# 
loop_
_struct_conn.id 
_struct_conn.conn_type_id 
_struct_conn.pdbx_leaving_atom_flag 
_struct_conn.pdbx_PDB_id 
_struct_conn.ptnr1_label_asym_id 
_struct_conn.ptnr1_label_comp_id 
_struct_conn.ptnr1_label_seq_id 
_struct_conn.ptnr1_label_atom_id 
_struct_conn.pdbx_ptnr1_label_alt_id 
_struct_conn.pdbx_ptnr1_PDB_ins_code 
_struct_conn.pdbx_ptnr1_standard_comp_id 
_struct_conn.ptnr1_symmetry 
_struct_conn.ptnr2_label_asym_id 
_struct_conn.ptnr2_label_comp_id 
_struct_conn.ptnr2_label_seq_id 
_struct_conn.ptnr2_label_atom_id 
_struct_conn.pdbx_ptnr2_label_alt_id 
_struct_conn.pdbx_ptnr2_PDB_ins_code 
_struct_conn.ptnr1_auth_asym_id 
_struct_conn.ptnr1_auth_comp_id 
_struct_conn.ptnr1_auth_seq_id 
_struct_conn.ptnr2_auth_asym_id 
_struct_conn.ptnr2_auth_comp_id 
_struct_conn.ptnr2_auth_seq_id 
_struct_conn.ptnr2_symmetry 
_struct_conn.pdbx_ptnr3_label_atom_id 
_struct_conn.pdbx_ptnr3_label_seq_id 
_struct_conn.pdbx_ptnr3_label_comp_id 
_struct_conn.pdbx_ptnr3_label_asym_id 
_struct_conn.pdbx_ptnr3_label_alt_id 
_struct_conn.pdbx_ptnr3_PDB_ins_code 
_struct_conn.details 
_struct_conn.pdbx_dist_value 
_struct_conn.pdbx_value_order 
_struct_conn.pdbx_role 
covale1  covale both ? A DG    6  "O3'" ? ? ? 1_555 A A1EFN 7  P     ? ? A DG    6   A A1EFN 7   1_555 ? ? ? ? ? ? ? 1.604 ? ? 
covale2  covale one  ? A A1EFN 7  "O3'" ? ? ? 1_555 A DG    8  P     ? ? A A1EFN 7   A DG    8   1_555 ? ? ? ? ? ? ? 1.606 ? ? 
metalc1  metalc ?    ? D NA    .  NA    ? ? ? 4_554 C A     7  "O3'" ? ? B NA    101 C A     31  1_555 ? ? ? ? ? ? ? 3.062 ? ? 
metalc2  metalc ?    ? D NA    .  NA    ? ? ? 4_554 C A     7  "O2'" ? ? B NA    101 C A     31  1_555 ? ? ? ? ? ? ? 2.901 ? ? 
metalc3  metalc ?    ? C C     8  O2    ? ? ? 1_555 G K     .  K     ? ? C C     32  C K     103 1_555 ? ? ? ? ? ? ? 2.416 ? ? 
hydrog1  hydrog ?    ? A DC    2  N3    ? ? ? 1_555 C G     24 N1    ? ? A DC    2   C G     48  1_555 ? ? ? ? ? ? WATSON-CRICK ? 
? ? 
hydrog2  hydrog ?    ? A DC    2  N4    ? ? ? 1_555 C G     24 O6    ? ? A DC    2   C G     48  1_555 ? ? ? ? ? ? WATSON-CRICK ? 
? ? 
hydrog3  hydrog ?    ? A DC    2  O2    ? ? ? 1_555 C G     24 N2    ? ? A DC    2   C G     48  1_555 ? ? ? ? ? ? WATSON-CRICK ? 
? ? 
hydrog4  hydrog ?    ? A DA    3  N1    ? ? ? 1_555 C U     23 N3    ? ? A DA    3   C U     47  1_555 ? ? ? ? ? ? WATSON-CRICK ? 
? ? 
hydrog5  hydrog ?    ? A DA    3  N6    ? ? ? 1_555 C U     23 O4    ? ? A DA    3   C U     47  1_555 ? ? ? ? ? ? WATSON-CRICK ? 
? ? 
hydrog6  hydrog ?    ? A DC    4  N3    ? ? ? 1_555 C G     22 N1    ? ? A DC    4   C G     46  1_555 ? ? ? ? ? ? WATSON-CRICK ? 
? ? 
hydrog7  hydrog ?    ? A DC    4  N4    ? ? ? 1_555 C G     22 O6    ? ? A DC    4   C G     46  1_555 ? ? ? ? ? ? WATSON-CRICK ? 
? ? 
hydrog8  hydrog ?    ? A DC    4  O2    ? ? ? 1_555 C G     22 N2    ? ? A DC    4   C G     46  1_555 ? ? ? ? ? ? WATSON-CRICK ? 
? ? 
hydrog9  hydrog ?    ? A DT    5  N3    ? ? ? 1_555 C A     21 N1    ? ? A DT    5   C A     45  1_555 ? ? ? ? ? ? WATSON-CRICK ? 
? ? 
hydrog10 hydrog ?    ? A DT    5  O4    ? ? ? 1_555 C A     21 N6    ? ? A DT    5   C A     45  1_555 ? ? ? ? ? ? WATSON-CRICK ? 
? ? 
hydrog11 hydrog ?    ? A DG    6  N1    ? ? ? 1_555 C C     20 N3    ? ? A DG    6   C C     44  1_555 ? ? ? ? ? ? WATSON-CRICK ? 
? ? 
hydrog12 hydrog ?    ? A DG    6  N2    ? ? ? 1_555 C C     20 O2    ? ? A DG    6   C C     44  1_555 ? ? ? ? ? ? WATSON-CRICK ? 
? ? 
hydrog13 hydrog ?    ? A DG    6  O6    ? ? ? 1_555 C C     20 N4    ? ? A DG    6   C C     44  1_555 ? ? ? ? ? ? WATSON-CRICK ? 
? ? 
hydrog14 hydrog ?    ? A DG    8  N1    ? ? ? 1_555 B C     8  N3    ? ? A DG    8   B C     8   1_555 ? ? ? ? ? ? WATSON-CRICK ? 
? ? 
hydrog15 hydrog ?    ? A DG    8  N2    ? ? ? 1_555 B C     8  O2    ? ? A DG    8   B C     8   1_555 ? ? ? ? ? ? WATSON-CRICK ? 
? ? 
hydrog16 hydrog ?    ? A DG    8  O6    ? ? ? 1_555 B C     8  N4    ? ? A DG    8   B C     8   1_555 ? ? ? ? ? ? WATSON-CRICK ? 
? ? 
hydrog17 hydrog ?    ? A DA    9  N1    ? ? ? 1_555 B U     7  N3    ? ? A DA    9   B U     7   1_555 ? ? ? ? ? ? WATSON-CRICK ? 
? ? 
hydrog18 hydrog ?    ? A DA    9  N6    ? ? ? 1_555 B U     7  O4    ? ? A DA    9   B U     7   1_555 ? ? ? ? ? ? WATSON-CRICK ? 
? ? 
hydrog19 hydrog ?    ? A DG    10 N1    ? ? ? 1_555 B C     6  N3    ? ? A DG    10  B C     6   1_555 ? ? ? ? ? ? WATSON-CRICK ? 
? ? 
hydrog20 hydrog ?    ? A DG    10 N2    ? ? ? 1_555 B C     6  O2    ? ? A DG    10  B C     6   1_555 ? ? ? ? ? ? WATSON-CRICK ? 
? ? 
hydrog21 hydrog ?    ? A DG    10 O6    ? ? ? 1_555 B C     6  N4    ? ? A DG    10  B C     6   1_555 ? ? ? ? ? ? WATSON-CRICK ? 
? ? 
hydrog22 hydrog ?    ? A DC    11 N3    ? ? ? 1_555 B G     5  N1    ? ? A DC    11  B G     5   1_555 ? ? ? ? ? ? WATSON-CRICK ? 
? ? 
hydrog23 hydrog ?    ? A DC    11 N4    ? ? ? 1_555 B G     5  O6    ? ? A DC    11  B G     5   1_555 ? ? ? ? ? ? WATSON-CRICK ? 
? ? 
hydrog24 hydrog ?    ? A DC    11 O2    ? ? ? 1_555 B G     5  N2    ? ? A DC    11  B G     5   1_555 ? ? ? ? ? ? WATSON-CRICK ? 
? ? 
hydrog25 hydrog ?    ? A DT    12 N3    ? ? ? 1_555 B A     4  N1    ? ? A DT    12  B A     4   1_555 ? ? ? ? ? ? WATSON-CRICK ? 
? ? 
hydrog26 hydrog ?    ? A DT    12 O4    ? ? ? 1_555 B A     4  N6    ? ? A DT    12  B A     4   1_555 ? ? ? ? ? ? WATSON-CRICK ? 
? ? 
hydrog27 hydrog ?    ? A DT    13 N3    ? ? ? 1_555 B A     3  N1    ? ? A DT    13  B A     3   1_555 ? ? ? ? ? ? WATSON-CRICK ? 
? ? 
hydrog28 hydrog ?    ? A DT    13 O4    ? ? ? 1_555 B A     3  N6    ? ? A DT    13  B A     3   1_555 ? ? ? ? ? ? WATSON-CRICK ? 
? ? 
hydrog29 hydrog ?    ? A DC    14 N3    ? ? ? 1_555 B G     2  N1    ? ? A DC    14  B G     2   1_555 ? ? ? ? ? ? WATSON-CRICK ? 
? ? 
hydrog30 hydrog ?    ? A DC    14 N4    ? ? ? 1_555 B G     2  O6    ? ? A DC    14  B G     2   1_555 ? ? ? ? ? ? WATSON-CRICK ? 
? ? 
hydrog31 hydrog ?    ? A DC    14 O2    ? ? ? 1_555 B G     2  N2    ? ? A DC    14  B G     2   1_555 ? ? ? ? ? ? WATSON-CRICK ? 
? ? 
hydrog32 hydrog ?    ? B U     9  N3    ? ? ? 1_555 C A     10 N7    ? ? B U     9   C A     34  1_555 ? ? ? ? ? ? 
'REVERSED HOOGSTEEN' ?     ? ? 
hydrog33 hydrog ?    ? B U     9  O2    ? ? ? 1_555 C A     10 N6    ? ? B U     9   C A     34  1_555 ? ? ? ? ? ? 
'REVERSED HOOGSTEEN' ?     ? ? 
hydrog34 hydrog ?    ? B A     11 N6    ? ? ? 1_555 C A     19 N3    ? ? B A     11  C A     43  1_555 ? ? ? ? ? ? 'A-A MISPAIR' ? 
? ? 
hydrog35 hydrog ?    ? B C     13 N3    ? ? ? 1_555 C G     14 N1    ? ? B C     13  C G     38  1_555 ? ? ? ? ? ? WATSON-CRICK ? 
? ? 
hydrog36 hydrog ?    ? B C     13 N4    ? ? ? 1_555 C G     14 O6    ? ? B C     13  C G     38  1_555 ? ? ? ? ? ? WATSON-CRICK ? 
? ? 
hydrog37 hydrog ?    ? B C     13 O2    ? ? ? 1_555 C G     14 N2    ? ? B C     13  C G     38  1_555 ? ? ? ? ? ? WATSON-CRICK ? 
? ? 
hydrog38 hydrog ?    ? B C     13 O2    ? ? ? 1_555 C A     17 N6    ? ? B C     13  C A     41  1_555 ? ? ? ? ? ? 'C-A MISPAIR' ? 
? ? 
hydrog39 hydrog ?    ? B G     14 N1    ? ? ? 1_555 C C     11 N3    ? ? B G     14  C C     35  1_555 ? ? ? ? ? ? WATSON-CRICK ? 
? ? 
hydrog40 hydrog ?    ? B G     14 N2    ? ? ? 1_555 C C     11 O2    ? ? B G     14  C C     35  1_555 ? ? ? ? ? ? WATSON-CRICK ? 
? ? 
hydrog41 hydrog ?    ? B G     14 O6    ? ? ? 1_555 C C     11 N4    ? ? B G     14  C C     35  1_555 ? ? ? ? ? ? WATSON-CRICK ? 
? ? 
hydrog42 hydrog ?    ? B C     17 N4    ? ? ? 1_555 C A     7  N1    ? ? B C     17  C A     31  1_555 ? ? ? ? ? ? 'C-A MISPAIR' ? 
? ? 
hydrog43 hydrog ?    ? B C     18 N3    ? ? ? 1_555 C G     6  N1    ? ? B C     18  C G     30  1_555 ? ? ? ? ? ? WATSON-CRICK ? 
? ? 
hydrog44 hydrog ?    ? B C     18 N4    ? ? ? 1_555 C G     6  O6    ? ? B C     18  C G     30  1_555 ? ? ? ? ? ? WATSON-CRICK ? 
? ? 
hydrog45 hydrog ?    ? B C     18 O2    ? ? ? 1_555 C G     6  N2    ? ? B C     18  C G     30  1_555 ? ? ? ? ? ? WATSON-CRICK ? 
? ? 
hydrog46 hydrog ?    ? B C     19 N3    ? ? ? 1_555 C G     5  N1    ? ? B C     19  C G     29  1_555 ? ? ? ? ? ? WATSON-CRICK ? 
? ? 
hydrog47 hydrog ?    ? B C     19 N4    ? ? ? 1_555 C G     5  O6    ? ? B C     19  C G     29  1_555 ? ? ? ? ? ? WATSON-CRICK ? 
? ? 
hydrog48 hydrog ?    ? B C     19 O2    ? ? ? 1_555 C G     5  N2    ? ? B C     19  C G     29  1_555 ? ? ? ? ? ? WATSON-CRICK ? 
? ? 
hydrog49 hydrog ?    ? B C     20 N3    ? ? ? 1_555 C G     4  N1    ? ? B C     20  C G     28  1_555 ? ? ? ? ? ? WATSON-CRICK ? 
? ? 
hydrog50 hydrog ?    ? B C     20 N4    ? ? ? 1_555 C G     4  O6    ? ? B C     20  C G     28  1_555 ? ? ? ? ? ? WATSON-CRICK ? 
? ? 
hydrog51 hydrog ?    ? B C     20 O2    ? ? ? 1_555 C G     4  N2    ? ? B C     20  C G     28  1_555 ? ? ? ? ? ? WATSON-CRICK ? 
? ? 
hydrog52 hydrog ?    ? B A     21 N1    ? ? ? 1_555 C U     3  N3    ? ? B A     21  C U     27  1_555 ? ? ? ? ? ? WATSON-CRICK ? 
? ? 
hydrog53 hydrog ?    ? B A     21 N6    ? ? ? 1_555 C U     3  O4    ? ? B A     21  C U     27  1_555 ? ? ? ? ? ? WATSON-CRICK ? 
? ? 
hydrog54 hydrog ?    ? B G     22 N1    ? ? ? 1_555 C C     2  N3    ? ? B G     22  C C     26  1_555 ? ? ? ? ? ? WATSON-CRICK ? 
? ? 
hydrog55 hydrog ?    ? B G     22 N2    ? ? ? 1_555 C C     2  O2    ? ? B G     22  C C     26  1_555 ? ? ? ? ? ? WATSON-CRICK ? 
? ? 
hydrog56 hydrog ?    ? B G     22 O6    ? ? ? 1_555 C C     2  N4    ? ? B G     22  C C     26  1_555 ? ? ? ? ? ? WATSON-CRICK ? 
? ? 
hydrog57 hydrog ?    ? B C     23 N3    ? ? ? 1_555 C G     1  N1    ? ? B C     23  C G     25  1_555 ? ? ? ? ? ? WATSON-CRICK ? 
? ? 
hydrog58 hydrog ?    ? B C     23 N4    ? ? ? 1_555 C G     1  O6    ? ? B C     23  C G     25  1_555 ? ? ? ? ? ? WATSON-CRICK ? 
? ? 
hydrog59 hydrog ?    ? B C     23 O2    ? ? ? 1_555 C G     1  N2    ? ? B C     23  C G     25  1_555 ? ? ? ? ? ? WATSON-CRICK ? 
? ? 
hydrog60 hydrog ?    ? C A     13 N3    ? ? ? 1_555 C A     19 N6    ? ? C A     37  C A     43  1_555 ? ? ? ? ? ? 'A-A MISPAIR' ? 
? ? 
# 
loop_
_struct_conn_type.id 
_struct_conn_type.criteria 
_struct_conn_type.reference 
covale ? ? 
metalc ? ? 
hydrog ? ? 
# 
_pdbx_struct_conn_angle.id                    1 
_pdbx_struct_conn_angle.ptnr1_label_atom_id   "O3'" 
_pdbx_struct_conn_angle.ptnr1_label_alt_id    ? 
_pdbx_struct_conn_angle.ptnr1_label_asym_id   C 
_pdbx_struct_conn_angle.ptnr1_label_comp_id   A 
_pdbx_struct_conn_angle.ptnr1_label_seq_id    7 
_pdbx_struct_conn_angle.ptnr1_auth_atom_id    ? 
_pdbx_struct_conn_angle.ptnr1_auth_asym_id    C 
_pdbx_struct_conn_angle.ptnr1_auth_comp_id    A 
_pdbx_struct_conn_angle.ptnr1_auth_seq_id     31 
_pdbx_struct_conn_angle.ptnr1_PDB_ins_code    ? 
_pdbx_struct_conn_angle.ptnr1_symmetry        1_555 
_pdbx_struct_conn_angle.ptnr2_label_atom_id   NA 
_pdbx_struct_conn_angle.ptnr2_label_alt_id    ? 
_pdbx_struct_conn_angle.ptnr2_label_asym_id   D 
_pdbx_struct_conn_angle.ptnr2_label_comp_id   NA 
_pdbx_struct_conn_angle.ptnr2_label_seq_id    . 
_pdbx_struct_conn_angle.ptnr2_auth_atom_id    ? 
_pdbx_struct_conn_angle.ptnr2_auth_asym_id    B 
_pdbx_struct_conn_angle.ptnr2_auth_comp_id    NA 
_pdbx_struct_conn_angle.ptnr2_auth_seq_id     101 
_pdbx_struct_conn_angle.ptnr2_PDB_ins_code    ? 
_pdbx_struct_conn_angle.ptnr2_symmetry        4_554 
_pdbx_struct_conn_angle.ptnr3_label_atom_id   "O2'" 
_pdbx_struct_conn_angle.ptnr3_label_alt_id    ? 
_pdbx_struct_conn_angle.ptnr3_label_asym_id   C 
_pdbx_struct_conn_angle.ptnr3_label_comp_id   A 
_pdbx_struct_conn_angle.ptnr3_label_seq_id    7 
_pdbx_struct_conn_angle.ptnr3_auth_atom_id    ? 
_pdbx_struct_conn_angle.ptnr3_auth_asym_id    C 
_pdbx_struct_conn_angle.ptnr3_auth_comp_id    A 
_pdbx_struct_conn_angle.ptnr3_auth_seq_id     31 
_pdbx_struct_conn_angle.ptnr3_PDB_ins_code    ? 
_pdbx_struct_conn_angle.ptnr3_symmetry        1_555 
_pdbx_struct_conn_angle.value                 56.3 
_pdbx_struct_conn_angle.value_esd             ? 
# 
_pdbx_entry_details.entry_id                   9KFV 
_pdbx_entry_details.nonpolymer_details         ? 
_pdbx_entry_details.sequence_details           ? 
_pdbx_entry_details.compound_details           ? 
_pdbx_entry_details.source_details             ? 
_pdbx_entry_details.has_ligand_of_interest     Y 
_pdbx_entry_details.has_protein_modification   N 
# 
loop_
_pdbx_validate_rmsd_angle.id 
_pdbx_validate_rmsd_angle.PDB_model_num 
_pdbx_validate_rmsd_angle.auth_atom_id_1 
_pdbx_validate_rmsd_angle.auth_asym_id_1 
_pdbx_validate_rmsd_angle.auth_comp_id_1 
_pdbx_validate_rmsd_angle.auth_seq_id_1 
_pdbx_validate_rmsd_angle.PDB_ins_code_1 
_pdbx_validate_rmsd_angle.label_alt_id_1 
_pdbx_validate_rmsd_angle.auth_atom_id_2 
_pdbx_validate_rmsd_angle.auth_asym_id_2 
_pdbx_validate_rmsd_angle.auth_comp_id_2 
_pdbx_validate_rmsd_angle.auth_seq_id_2 
_pdbx_validate_rmsd_angle.PDB_ins_code_2 
_pdbx_validate_rmsd_angle.label_alt_id_2 
_pdbx_validate_rmsd_angle.auth_atom_id_3 
_pdbx_validate_rmsd_angle.auth_asym_id_3 
_pdbx_validate_rmsd_angle.auth_comp_id_3 
_pdbx_validate_rmsd_angle.auth_seq_id_3 
_pdbx_validate_rmsd_angle.PDB_ins_code_3 
_pdbx_validate_rmsd_angle.label_alt_id_3 
_pdbx_validate_rmsd_angle.angle_value 
_pdbx_validate_rmsd_angle.angle_target_value 
_pdbx_validate_rmsd_angle.angle_deviation 
_pdbx_validate_rmsd_angle.angle_standard_deviation 
_pdbx_validate_rmsd_angle.linker_flag 
1 1 "O4'" A DG 6  ? ? "C4'" A DG 6  ? ? "C3'" A DG 6  ? ? 101.94 104.50 -2.56 0.40 N 
2 1 "O4'" A DG 6  ? ? "C1'" A DG 6  ? ? N9    A DG 6  ? ? 110.43 108.30 2.13  0.30 N 
3 1 "O5'" B C  17 ? ? P     B C  17 ? ? OP1   B C  17 ? ? 98.21  105.70 -7.49 0.90 N 
4 1 C6    B C  17 ? ? N1    B C  17 ? ? C2    B C  17 ? ? 117.59 120.30 -2.71 0.40 N 
5 1 C6    B C  20 ? ? N1    B C  20 ? ? C2    B C  20 ? ? 123.11 120.30 2.81  0.40 N 
6 1 C2    B C  20 ? ? N3    B C  20 ? ? C4    B C  20 ? ? 116.85 119.90 -3.05 0.50 N 
7 1 C5    B C  20 ? ? C6    B C  20 ? ? N1    B C  20 ? ? 117.10 121.00 -3.90 0.50 N 
# 
loop_
_space_group_symop.id 
_space_group_symop.operation_xyz 
1 x,y,z       
2 -y,x,z+1/4  
3 y,-x,z+3/4  
4 -x,-y,z+1/2 
# 
loop_
_chem_comp_atom.comp_id 
_chem_comp_atom.atom_id 
_chem_comp_atom.type_symbol 
_chem_comp_atom.pdbx_aromatic_flag 
_chem_comp_atom.pdbx_stereo_config 
_chem_comp_atom.pdbx_ordinal 
A     OP3    O  N N 1   
A     P      P  N N 2   
A     OP1    O  N N 3   
A     OP2    O  N N 4   
A     "O5'"  O  N N 5   
A     "C5'"  C  N N 6   
A     "C4'"  C  N R 7   
A     "O4'"  O  N N 8   
A     "C3'"  C  N S 9   
A     "O3'"  O  N N 10  
A     "C2'"  C  N R 11  
A     "O2'"  O  N N 12  
A     "C1'"  C  N R 13  
A     N9     N  Y N 14  
A     C8     C  Y N 15  
A     N7     N  Y N 16  
A     C5     C  Y N 17  
A     C6     C  Y N 18  
A     N6     N  N N 19  
A     N1     N  Y N 20  
A     C2     C  Y N 21  
A     N3     N  Y N 22  
A     C4     C  Y N 23  
A     HOP3   H  N N 24  
A     HOP2   H  N N 25  
A     "H5'"  H  N N 26  
A     "H5''" H  N N 27  
A     "H4'"  H  N N 28  
A     "H3'"  H  N N 29  
A     "HO3'" H  N N 30  
A     "H2'"  H  N N 31  
A     "HO2'" H  N N 32  
A     "H1'"  H  N N 33  
A     H8     H  N N 34  
A     H61    H  N N 35  
A     H62    H  N N 36  
A     H2     H  N N 37  
A1EFN C7     C  Y N 38  
A1EFN C9     C  Y N 39  
A1EFN N1     N  N N 40  
A1EFN C2     C  N N 41  
A1EFN C10    C  Y N 42  
A1EFN C4     C  Y N 43  
A1EFN N3     N  N N 44  
A1EFN C6     C  N N 45  
A1EFN C1     C  N N 46  
A1EFN "C1'"  C  N R 47  
A1EFN C11    C  Y N 48  
A1EFN C12    C  Y N 49  
A1EFN "C2'"  C  N N 50  
A1EFN C3     C  Y N 51  
A1EFN "C3'"  C  N S 52  
A1EFN "C4'"  C  N R 53  
A1EFN C5     C  Y N 54  
A1EFN "C5'"  C  N N 55  
A1EFN C8     C  Y N 56  
A1EFN N6     N  N N 57  
A1EFN N7     N  Y N 58  
A1EFN N9     N  Y N 59  
A1EFN "O3'"  O  N N 60  
A1EFN "O4'"  O  N N 61  
A1EFN "O5'"  O  N N 62  
A1EFN OP3    O  N N 63  
A1EFN OP1    O  N N 64  
A1EFN P      P  N N 65  
A1EFN OP2    O  N N 66  
A1EFN H1     H  N N 67  
A1EFN H3     H  N N 68  
A1EFN H2     H  N N 69  
A1EFN H4     H  N N 70  
A1EFN H5     H  N N 71  
A1EFN H6     H  N N 72  
A1EFN "H1'"  H  N N 73  
A1EFN H7     H  N N 74  
A1EFN H9     H  N N 75  
A1EFN "H2'"  H  N N 76  
A1EFN "H2''" H  N N 77  
A1EFN "H3'"  H  N N 78  
A1EFN "H4'"  H  N N 79  
A1EFN "H5'"  H  N N 80  
A1EFN "H5''" H  N N 81  
A1EFN H8     H  N N 82  
A1EFN H61    H  N N 83  
A1EFN "HO3'" H  N N 84  
A1EFN HOP3   H  N N 85  
A1EFN HOP2   H  N N 86  
C     OP3    O  N N 87  
C     P      P  N N 88  
C     OP1    O  N N 89  
C     OP2    O  N N 90  
C     "O5'"  O  N N 91  
C     "C5'"  C  N N 92  
C     "C4'"  C  N R 93  
C     "O4'"  O  N N 94  
C     "C3'"  C  N S 95  
C     "O3'"  O  N N 96  
C     "C2'"  C  N R 97  
C     "O2'"  O  N N 98  
C     "C1'"  C  N R 99  
C     N1     N  N N 100 
C     C2     C  N N 101 
C     O2     O  N N 102 
C     N3     N  N N 103 
C     C4     C  N N 104 
C     N4     N  N N 105 
C     C5     C  N N 106 
C     C6     C  N N 107 
C     HOP3   H  N N 108 
C     HOP2   H  N N 109 
C     "H5'"  H  N N 110 
C     "H5''" H  N N 111 
C     "H4'"  H  N N 112 
C     "H3'"  H  N N 113 
C     "HO3'" H  N N 114 
C     "H2'"  H  N N 115 
C     "HO2'" H  N N 116 
C     "H1'"  H  N N 117 
C     H41    H  N N 118 
C     H42    H  N N 119 
C     H5     H  N N 120 
C     H6     H  N N 121 
DA    OP3    O  N N 122 
DA    P      P  N N 123 
DA    OP1    O  N N 124 
DA    OP2    O  N N 125 
DA    "O5'"  O  N N 126 
DA    "C5'"  C  N N 127 
DA    "C4'"  C  N R 128 
DA    "O4'"  O  N N 129 
DA    "C3'"  C  N S 130 
DA    "O3'"  O  N N 131 
DA    "C2'"  C  N N 132 
DA    "C1'"  C  N R 133 
DA    N9     N  Y N 134 
DA    C8     C  Y N 135 
DA    N7     N  Y N 136 
DA    C5     C  Y N 137 
DA    C6     C  Y N 138 
DA    N6     N  N N 139 
DA    N1     N  Y N 140 
DA    C2     C  Y N 141 
DA    N3     N  Y N 142 
DA    C4     C  Y N 143 
DA    HOP3   H  N N 144 
DA    HOP2   H  N N 145 
DA    "H5'"  H  N N 146 
DA    "H5''" H  N N 147 
DA    "H4'"  H  N N 148 
DA    "H3'"  H  N N 149 
DA    "HO3'" H  N N 150 
DA    "H2'"  H  N N 151 
DA    "H2''" H  N N 152 
DA    "H1'"  H  N N 153 
DA    H8     H  N N 154 
DA    H61    H  N N 155 
DA    H62    H  N N 156 
DA    H2     H  N N 157 
DC    OP3    O  N N 158 
DC    P      P  N N 159 
DC    OP1    O  N N 160 
DC    OP2    O  N N 161 
DC    "O5'"  O  N N 162 
DC    "C5'"  C  N N 163 
DC    "C4'"  C  N R 164 
DC    "O4'"  O  N N 165 
DC    "C3'"  C  N S 166 
DC    "O3'"  O  N N 167 
DC    "C2'"  C  N N 168 
DC    "C1'"  C  N R 169 
DC    N1     N  N N 170 
DC    C2     C  N N 171 
DC    O2     O  N N 172 
DC    N3     N  N N 173 
DC    C4     C  N N 174 
DC    N4     N  N N 175 
DC    C5     C  N N 176 
DC    C6     C  N N 177 
DC    HOP3   H  N N 178 
DC    HOP2   H  N N 179 
DC    "H5'"  H  N N 180 
DC    "H5''" H  N N 181 
DC    "H4'"  H  N N 182 
DC    "H3'"  H  N N 183 
DC    "HO3'" H  N N 184 
DC    "H2'"  H  N N 185 
DC    "H2''" H  N N 186 
DC    "H1'"  H  N N 187 
DC    H41    H  N N 188 
DC    H42    H  N N 189 
DC    H5     H  N N 190 
DC    H6     H  N N 191 
DG    OP3    O  N N 192 
DG    P      P  N N 193 
DG    OP1    O  N N 194 
DG    OP2    O  N N 195 
DG    "O5'"  O  N N 196 
DG    "C5'"  C  N N 197 
DG    "C4'"  C  N R 198 
DG    "O4'"  O  N N 199 
DG    "C3'"  C  N S 200 
DG    "O3'"  O  N N 201 
DG    "C2'"  C  N N 202 
DG    "C1'"  C  N R 203 
DG    N9     N  Y N 204 
DG    C8     C  Y N 205 
DG    N7     N  Y N 206 
DG    C5     C  Y N 207 
DG    C6     C  N N 208 
DG    O6     O  N N 209 
DG    N1     N  N N 210 
DG    C2     C  N N 211 
DG    N2     N  N N 212 
DG    N3     N  N N 213 
DG    C4     C  Y N 214 
DG    HOP3   H  N N 215 
DG    HOP2   H  N N 216 
DG    "H5'"  H  N N 217 
DG    "H5''" H  N N 218 
DG    "H4'"  H  N N 219 
DG    "H3'"  H  N N 220 
DG    "HO3'" H  N N 221 
DG    "H2'"  H  N N 222 
DG    "H2''" H  N N 223 
DG    "H1'"  H  N N 224 
DG    H8     H  N N 225 
DG    H1     H  N N 226 
DG    H21    H  N N 227 
DG    H22    H  N N 228 
DT    OP3    O  N N 229 
DT    P      P  N N 230 
DT    OP1    O  N N 231 
DT    OP2    O  N N 232 
DT    "O5'"  O  N N 233 
DT    "C5'"  C  N N 234 
DT    "C4'"  C  N R 235 
DT    "O4'"  O  N N 236 
DT    "C3'"  C  N S 237 
DT    "O3'"  O  N N 238 
DT    "C2'"  C  N N 239 
DT    "C1'"  C  N R 240 
DT    N1     N  N N 241 
DT    C2     C  N N 242 
DT    O2     O  N N 243 
DT    N3     N  N N 244 
DT    C4     C  N N 245 
DT    O4     O  N N 246 
DT    C5     C  N N 247 
DT    C7     C  N N 248 
DT    C6     C  N N 249 
DT    HOP3   H  N N 250 
DT    HOP2   H  N N 251 
DT    "H5'"  H  N N 252 
DT    "H5''" H  N N 253 
DT    "H4'"  H  N N 254 
DT    "H3'"  H  N N 255 
DT    "HO3'" H  N N 256 
DT    "H2'"  H  N N 257 
DT    "H2''" H  N N 258 
DT    "H1'"  H  N N 259 
DT    H3     H  N N 260 
DT    H71    H  N N 261 
DT    H72    H  N N 262 
DT    H73    H  N N 263 
DT    H6     H  N N 264 
G     OP3    O  N N 265 
G     P      P  N N 266 
G     OP1    O  N N 267 
G     OP2    O  N N 268 
G     "O5'"  O  N N 269 
G     "C5'"  C  N N 270 
G     "C4'"  C  N R 271 
G     "O4'"  O  N N 272 
G     "C3'"  C  N S 273 
G     "O3'"  O  N N 274 
G     "C2'"  C  N R 275 
G     "O2'"  O  N N 276 
G     "C1'"  C  N R 277 
G     N9     N  Y N 278 
G     C8     C  Y N 279 
G     N7     N  Y N 280 
G     C5     C  Y N 281 
G     C6     C  N N 282 
G     O6     O  N N 283 
G     N1     N  N N 284 
G     C2     C  N N 285 
G     N2     N  N N 286 
G     N3     N  N N 287 
G     C4     C  Y N 288 
G     HOP3   H  N N 289 
G     HOP2   H  N N 290 
G     "H5'"  H  N N 291 
G     "H5''" H  N N 292 
G     "H4'"  H  N N 293 
G     "H3'"  H  N N 294 
G     "HO3'" H  N N 295 
G     "H2'"  H  N N 296 
G     "HO2'" H  N N 297 
G     "H1'"  H  N N 298 
G     H8     H  N N 299 
G     H1     H  N N 300 
G     H21    H  N N 301 
G     H22    H  N N 302 
GUN   N9     N  Y N 303 
GUN   C8     C  Y N 304 
GUN   N7     N  Y N 305 
GUN   C5     C  Y N 306 
GUN   C6     C  N N 307 
GUN   O6     O  N N 308 
GUN   N1     N  N N 309 
GUN   C2     C  N N 310 
GUN   N2     N  N N 311 
GUN   N3     N  N N 312 
GUN   C4     C  Y N 313 
GUN   HN9    H  N N 314 
GUN   H8     H  N N 315 
GUN   HN1    H  N N 316 
GUN   HN21   H  N N 317 
GUN   HN22   H  N N 318 
K     K      K  N N 319 
NA    NA     NA N N 320 
U     OP3    O  N N 321 
U     P      P  N N 322 
U     OP1    O  N N 323 
U     OP2    O  N N 324 
U     "O5'"  O  N N 325 
U     "C5'"  C  N N 326 
U     "C4'"  C  N R 327 
U     "O4'"  O  N N 328 
U     "C3'"  C  N S 329 
U     "O3'"  O  N N 330 
U     "C2'"  C  N R 331 
U     "O2'"  O  N N 332 
U     "C1'"  C  N R 333 
U     N1     N  N N 334 
U     C2     C  N N 335 
U     O2     O  N N 336 
U     N3     N  N N 337 
U     C4     C  N N 338 
U     O4     O  N N 339 
U     C5     C  N N 340 
U     C6     C  N N 341 
U     HOP3   H  N N 342 
U     HOP2   H  N N 343 
U     "H5'"  H  N N 344 
U     "H5''" H  N N 345 
U     "H4'"  H  N N 346 
U     "H3'"  H  N N 347 
U     "HO3'" H  N N 348 
U     "H2'"  H  N N 349 
U     "HO2'" H  N N 350 
U     "H1'"  H  N N 351 
U     H3     H  N N 352 
U     H5     H  N N 353 
U     H6     H  N N 354 
# 
loop_
_chem_comp_bond.comp_id 
_chem_comp_bond.atom_id_1 
_chem_comp_bond.atom_id_2 
_chem_comp_bond.value_order 
_chem_comp_bond.pdbx_aromatic_flag 
_chem_comp_bond.pdbx_stereo_config 
_chem_comp_bond.pdbx_ordinal 
A     OP3   P      sing N N 1   
A     OP3   HOP3   sing N N 2   
A     P     OP1    doub N N 3   
A     P     OP2    sing N N 4   
A     P     "O5'"  sing N N 5   
A     OP2   HOP2   sing N N 6   
A     "O5'" "C5'"  sing N N 7   
A     "C5'" "C4'"  sing N N 8   
A     "C5'" "H5'"  sing N N 9   
A     "C5'" "H5''" sing N N 10  
A     "C4'" "O4'"  sing N N 11  
A     "C4'" "C3'"  sing N N 12  
A     "C4'" "H4'"  sing N N 13  
A     "O4'" "C1'"  sing N N 14  
A     "C3'" "O3'"  sing N N 15  
A     "C3'" "C2'"  sing N N 16  
A     "C3'" "H3'"  sing N N 17  
A     "O3'" "HO3'" sing N N 18  
A     "C2'" "O2'"  sing N N 19  
A     "C2'" "C1'"  sing N N 20  
A     "C2'" "H2'"  sing N N 21  
A     "O2'" "HO2'" sing N N 22  
A     "C1'" N9     sing N N 23  
A     "C1'" "H1'"  sing N N 24  
A     N9    C8     sing Y N 25  
A     N9    C4     sing Y N 26  
A     C8    N7     doub Y N 27  
A     C8    H8     sing N N 28  
A     N7    C5     sing Y N 29  
A     C5    C6     sing Y N 30  
A     C5    C4     doub Y N 31  
A     C6    N6     sing N N 32  
A     C6    N1     doub Y N 33  
A     N6    H61    sing N N 34  
A     N6    H62    sing N N 35  
A     N1    C2     sing Y N 36  
A     C2    N3     doub Y N 37  
A     C2    H2     sing N N 38  
A     N3    C4     sing Y N 39  
A1EFN C10   C11    doub Y N 40  
A1EFN C10   C9     sing Y N 41  
A1EFN "O3'" "C3'"  sing N N 42  
A1EFN C11   C12    sing Y N 43  
A1EFN C9    C7     doub Y N 44  
A1EFN "C3'" "C2'"  sing N N 45  
A1EFN "C3'" "C4'"  sing N N 46  
A1EFN C12   C3     doub Y N 47  
A1EFN C7    C3     sing Y N 48  
A1EFN "C2'" "C1'"  sing N N 49  
A1EFN N3    C2     doub N N 50  
A1EFN N3    C4     sing N N 51  
A1EFN "C1'" "O4'"  sing N N 52  
A1EFN "C1'" N9     sing N N 53  
A1EFN "O4'" "C4'"  sing N N 54  
A1EFN C2    N1     sing N N 55  
A1EFN "C4'" "C5'"  sing N N 56  
A1EFN C3    C1     sing N N 57  
A1EFN OP1   P      doub N N 58  
A1EFN C4    N9     sing Y N 59  
A1EFN C4    C5     doub Y N 60  
A1EFN N9    C8     sing Y N 61  
A1EFN N1    C1     sing N N 62  
A1EFN N1    C6     sing N N 63  
A1EFN "C5'" "O5'"  sing N N 64  
A1EFN P     "O5'"  sing N N 65  
A1EFN P     OP3    sing N N 66  
A1EFN C5    C6     sing N N 67  
A1EFN C5    N7     sing Y N 68  
A1EFN C8    N7     doub Y N 69  
A1EFN C6    N6     doub N N 70  
A1EFN P     OP2    sing N N 71  
A1EFN C7    H1     sing N N 72  
A1EFN C9    H3     sing N N 73  
A1EFN C2    H2     sing N N 74  
A1EFN C10   H4     sing N N 75  
A1EFN C1    H5     sing N N 76  
A1EFN C1    H6     sing N N 77  
A1EFN "C1'" "H1'"  sing N N 78  
A1EFN C11   H7     sing N N 79  
A1EFN C12   H9     sing N N 80  
A1EFN "C2'" "H2'"  sing N N 81  
A1EFN "C2'" "H2''" sing N N 82  
A1EFN "C3'" "H3'"  sing N N 83  
A1EFN "C4'" "H4'"  sing N N 84  
A1EFN "C5'" "H5'"  sing N N 85  
A1EFN "C5'" "H5''" sing N N 86  
A1EFN C8    H8     sing N N 87  
A1EFN N6    H61    sing N N 88  
A1EFN "O3'" "HO3'" sing N N 89  
A1EFN OP3   HOP3   sing N N 90  
A1EFN OP2   HOP2   sing N N 91  
C     OP3   P      sing N N 92  
C     OP3   HOP3   sing N N 93  
C     P     OP1    doub N N 94  
C     P     OP2    sing N N 95  
C     P     "O5'"  sing N N 96  
C     OP2   HOP2   sing N N 97  
C     "O5'" "C5'"  sing N N 98  
C     "C5'" "C4'"  sing N N 99  
C     "C5'" "H5'"  sing N N 100 
C     "C5'" "H5''" sing N N 101 
C     "C4'" "O4'"  sing N N 102 
C     "C4'" "C3'"  sing N N 103 
C     "C4'" "H4'"  sing N N 104 
C     "O4'" "C1'"  sing N N 105 
C     "C3'" "O3'"  sing N N 106 
C     "C3'" "C2'"  sing N N 107 
C     "C3'" "H3'"  sing N N 108 
C     "O3'" "HO3'" sing N N 109 
C     "C2'" "O2'"  sing N N 110 
C     "C2'" "C1'"  sing N N 111 
C     "C2'" "H2'"  sing N N 112 
C     "O2'" "HO2'" sing N N 113 
C     "C1'" N1     sing N N 114 
C     "C1'" "H1'"  sing N N 115 
C     N1    C2     sing N N 116 
C     N1    C6     sing N N 117 
C     C2    O2     doub N N 118 
C     C2    N3     sing N N 119 
C     N3    C4     doub N N 120 
C     C4    N4     sing N N 121 
C     C4    C5     sing N N 122 
C     N4    H41    sing N N 123 
C     N4    H42    sing N N 124 
C     C5    C6     doub N N 125 
C     C5    H5     sing N N 126 
C     C6    H6     sing N N 127 
DA    OP3   P      sing N N 128 
DA    OP3   HOP3   sing N N 129 
DA    P     OP1    doub N N 130 
DA    P     OP2    sing N N 131 
DA    P     "O5'"  sing N N 132 
DA    OP2   HOP2   sing N N 133 
DA    "O5'" "C5'"  sing N N 134 
DA    "C5'" "C4'"  sing N N 135 
DA    "C5'" "H5'"  sing N N 136 
DA    "C5'" "H5''" sing N N 137 
DA    "C4'" "O4'"  sing N N 138 
DA    "C4'" "C3'"  sing N N 139 
DA    "C4'" "H4'"  sing N N 140 
DA    "O4'" "C1'"  sing N N 141 
DA    "C3'" "O3'"  sing N N 142 
DA    "C3'" "C2'"  sing N N 143 
DA    "C3'" "H3'"  sing N N 144 
DA    "O3'" "HO3'" sing N N 145 
DA    "C2'" "C1'"  sing N N 146 
DA    "C2'" "H2'"  sing N N 147 
DA    "C2'" "H2''" sing N N 148 
DA    "C1'" N9     sing N N 149 
DA    "C1'" "H1'"  sing N N 150 
DA    N9    C8     sing Y N 151 
DA    N9    C4     sing Y N 152 
DA    C8    N7     doub Y N 153 
DA    C8    H8     sing N N 154 
DA    N7    C5     sing Y N 155 
DA    C5    C6     sing Y N 156 
DA    C5    C4     doub Y N 157 
DA    C6    N6     sing N N 158 
DA    C6    N1     doub Y N 159 
DA    N6    H61    sing N N 160 
DA    N6    H62    sing N N 161 
DA    N1    C2     sing Y N 162 
DA    C2    N3     doub Y N 163 
DA    C2    H2     sing N N 164 
DA    N3    C4     sing Y N 165 
DC    OP3   P      sing N N 166 
DC    OP3   HOP3   sing N N 167 
DC    P     OP1    doub N N 168 
DC    P     OP2    sing N N 169 
DC    P     "O5'"  sing N N 170 
DC    OP2   HOP2   sing N N 171 
DC    "O5'" "C5'"  sing N N 172 
DC    "C5'" "C4'"  sing N N 173 
DC    "C5'" "H5'"  sing N N 174 
DC    "C5'" "H5''" sing N N 175 
DC    "C4'" "O4'"  sing N N 176 
DC    "C4'" "C3'"  sing N N 177 
DC    "C4'" "H4'"  sing N N 178 
DC    "O4'" "C1'"  sing N N 179 
DC    "C3'" "O3'"  sing N N 180 
DC    "C3'" "C2'"  sing N N 181 
DC    "C3'" "H3'"  sing N N 182 
DC    "O3'" "HO3'" sing N N 183 
DC    "C2'" "C1'"  sing N N 184 
DC    "C2'" "H2'"  sing N N 185 
DC    "C2'" "H2''" sing N N 186 
DC    "C1'" N1     sing N N 187 
DC    "C1'" "H1'"  sing N N 188 
DC    N1    C2     sing N N 189 
DC    N1    C6     sing N N 190 
DC    C2    O2     doub N N 191 
DC    C2    N3     sing N N 192 
DC    N3    C4     doub N N 193 
DC    C4    N4     sing N N 194 
DC    C4    C5     sing N N 195 
DC    N4    H41    sing N N 196 
DC    N4    H42    sing N N 197 
DC    C5    C6     doub N N 198 
DC    C5    H5     sing N N 199 
DC    C6    H6     sing N N 200 
DG    OP3   P      sing N N 201 
DG    OP3   HOP3   sing N N 202 
DG    P     OP1    doub N N 203 
DG    P     OP2    sing N N 204 
DG    P     "O5'"  sing N N 205 
DG    OP2   HOP2   sing N N 206 
DG    "O5'" "C5'"  sing N N 207 
DG    "C5'" "C4'"  sing N N 208 
DG    "C5'" "H5'"  sing N N 209 
DG    "C5'" "H5''" sing N N 210 
DG    "C4'" "O4'"  sing N N 211 
DG    "C4'" "C3'"  sing N N 212 
DG    "C4'" "H4'"  sing N N 213 
DG    "O4'" "C1'"  sing N N 214 
DG    "C3'" "O3'"  sing N N 215 
DG    "C3'" "C2'"  sing N N 216 
DG    "C3'" "H3'"  sing N N 217 
DG    "O3'" "HO3'" sing N N 218 
DG    "C2'" "C1'"  sing N N 219 
DG    "C2'" "H2'"  sing N N 220 
DG    "C2'" "H2''" sing N N 221 
DG    "C1'" N9     sing N N 222 
DG    "C1'" "H1'"  sing N N 223 
DG    N9    C8     sing Y N 224 
DG    N9    C4     sing Y N 225 
DG    C8    N7     doub Y N 226 
DG    C8    H8     sing N N 227 
DG    N7    C5     sing Y N 228 
DG    C5    C6     sing N N 229 
DG    C5    C4     doub Y N 230 
DG    C6    O6     doub N N 231 
DG    C6    N1     sing N N 232 
DG    N1    C2     sing N N 233 
DG    N1    H1     sing N N 234 
DG    C2    N2     sing N N 235 
DG    C2    N3     doub N N 236 
DG    N2    H21    sing N N 237 
DG    N2    H22    sing N N 238 
DG    N3    C4     sing N N 239 
DT    OP3   P      sing N N 240 
DT    OP3   HOP3   sing N N 241 
DT    P     OP1    doub N N 242 
DT    P     OP2    sing N N 243 
DT    P     "O5'"  sing N N 244 
DT    OP2   HOP2   sing N N 245 
DT    "O5'" "C5'"  sing N N 246 
DT    "C5'" "C4'"  sing N N 247 
DT    "C5'" "H5'"  sing N N 248 
DT    "C5'" "H5''" sing N N 249 
DT    "C4'" "O4'"  sing N N 250 
DT    "C4'" "C3'"  sing N N 251 
DT    "C4'" "H4'"  sing N N 252 
DT    "O4'" "C1'"  sing N N 253 
DT    "C3'" "O3'"  sing N N 254 
DT    "C3'" "C2'"  sing N N 255 
DT    "C3'" "H3'"  sing N N 256 
DT    "O3'" "HO3'" sing N N 257 
DT    "C2'" "C1'"  sing N N 258 
DT    "C2'" "H2'"  sing N N 259 
DT    "C2'" "H2''" sing N N 260 
DT    "C1'" N1     sing N N 261 
DT    "C1'" "H1'"  sing N N 262 
DT    N1    C2     sing N N 263 
DT    N1    C6     sing N N 264 
DT    C2    O2     doub N N 265 
DT    C2    N3     sing N N 266 
DT    N3    C4     sing N N 267 
DT    N3    H3     sing N N 268 
DT    C4    O4     doub N N 269 
DT    C4    C5     sing N N 270 
DT    C5    C7     sing N N 271 
DT    C5    C6     doub N N 272 
DT    C7    H71    sing N N 273 
DT    C7    H72    sing N N 274 
DT    C7    H73    sing N N 275 
DT    C6    H6     sing N N 276 
G     OP3   P      sing N N 277 
G     OP3   HOP3   sing N N 278 
G     P     OP1    doub N N 279 
G     P     OP2    sing N N 280 
G     P     "O5'"  sing N N 281 
G     OP2   HOP2   sing N N 282 
G     "O5'" "C5'"  sing N N 283 
G     "C5'" "C4'"  sing N N 284 
G     "C5'" "H5'"  sing N N 285 
G     "C5'" "H5''" sing N N 286 
G     "C4'" "O4'"  sing N N 287 
G     "C4'" "C3'"  sing N N 288 
G     "C4'" "H4'"  sing N N 289 
G     "O4'" "C1'"  sing N N 290 
G     "C3'" "O3'"  sing N N 291 
G     "C3'" "C2'"  sing N N 292 
G     "C3'" "H3'"  sing N N 293 
G     "O3'" "HO3'" sing N N 294 
G     "C2'" "O2'"  sing N N 295 
G     "C2'" "C1'"  sing N N 296 
G     "C2'" "H2'"  sing N N 297 
G     "O2'" "HO2'" sing N N 298 
G     "C1'" N9     sing N N 299 
G     "C1'" "H1'"  sing N N 300 
G     N9    C8     sing Y N 301 
G     N9    C4     sing Y N 302 
G     C8    N7     doub Y N 303 
G     C8    H8     sing N N 304 
G     N7    C5     sing Y N 305 
G     C5    C6     sing N N 306 
G     C5    C4     doub Y N 307 
G     C6    O6     doub N N 308 
G     C6    N1     sing N N 309 
G     N1    C2     sing N N 310 
G     N1    H1     sing N N 311 
G     C2    N2     sing N N 312 
G     C2    N3     doub N N 313 
G     N2    H21    sing N N 314 
G     N2    H22    sing N N 315 
G     N3    C4     sing N N 316 
GUN   N9    C8     sing Y N 317 
GUN   N9    C4     sing Y N 318 
GUN   N9    HN9    sing N N 319 
GUN   C8    N7     doub Y N 320 
GUN   C8    H8     sing N N 321 
GUN   N7    C5     sing Y N 322 
GUN   C5    C6     sing N N 323 
GUN   C5    C4     doub Y N 324 
GUN   C6    O6     doub N N 325 
GUN   C6    N1     sing N N 326 
GUN   N1    C2     sing N N 327 
GUN   N1    HN1    sing N N 328 
GUN   C2    N2     sing N N 329 
GUN   C2    N3     doub N N 330 
GUN   N2    HN21   sing N N 331 
GUN   N2    HN22   sing N N 332 
GUN   N3    C4     sing N N 333 
U     OP3   P      sing N N 334 
U     OP3   HOP3   sing N N 335 
U     P     OP1    doub N N 336 
U     P     OP2    sing N N 337 
U     P     "O5'"  sing N N 338 
U     OP2   HOP2   sing N N 339 
U     "O5'" "C5'"  sing N N 340 
U     "C5'" "C4'"  sing N N 341 
U     "C5'" "H5'"  sing N N 342 
U     "C5'" "H5''" sing N N 343 
U     "C4'" "O4'"  sing N N 344 
U     "C4'" "C3'"  sing N N 345 
U     "C4'" "H4'"  sing N N 346 
U     "O4'" "C1'"  sing N N 347 
U     "C3'" "O3'"  sing N N 348 
U     "C3'" "C2'"  sing N N 349 
U     "C3'" "H3'"  sing N N 350 
U     "O3'" "HO3'" sing N N 351 
U     "C2'" "O2'"  sing N N 352 
U     "C2'" "C1'"  sing N N 353 
U     "C2'" "H2'"  sing N N 354 
U     "O2'" "HO2'" sing N N 355 
U     "C1'" N1     sing N N 356 
U     "C1'" "H1'"  sing N N 357 
U     N1    C2     sing N N 358 
U     N1    C6     sing N N 359 
U     C2    O2     doub N N 360 
U     C2    N3     sing N N 361 
U     N3    C4     sing N N 362 
U     N3    H3     sing N N 363 
U     C4    O4     doub N N 364 
U     C4    C5     sing N N 365 
U     C5    C6     doub N N 366 
U     C5    H5     sing N N 367 
U     C6    H6     sing N N 368 
# 
loop_
_ndb_struct_conf_na.entry_id 
_ndb_struct_conf_na.feature 
9KFV 'double helix'        
9KFV 'a-form double helix' 
# 
loop_
_ndb_struct_na_base_pair.model_number 
_ndb_struct_na_base_pair.i_label_asym_id 
_ndb_struct_na_base_pair.i_label_comp_id 
_ndb_struct_na_base_pair.i_label_seq_id 
_ndb_struct_na_base_pair.i_symmetry 
_ndb_struct_na_base_pair.j_label_asym_id 
_ndb_struct_na_base_pair.j_label_comp_id 
_ndb_struct_na_base_pair.j_label_seq_id 
_ndb_struct_na_base_pair.j_symmetry 
_ndb_struct_na_base_pair.shear 
_ndb_struct_na_base_pair.stretch 
_ndb_struct_na_base_pair.stagger 
_ndb_struct_na_base_pair.buckle 
_ndb_struct_na_base_pair.propeller 
_ndb_struct_na_base_pair.opening 
_ndb_struct_na_base_pair.pair_number 
_ndb_struct_na_base_pair.pair_name 
_ndb_struct_na_base_pair.i_auth_asym_id 
_ndb_struct_na_base_pair.i_auth_seq_id 
_ndb_struct_na_base_pair.i_PDB_ins_code 
_ndb_struct_na_base_pair.j_auth_asym_id 
_ndb_struct_na_base_pair.j_auth_seq_id 
_ndb_struct_na_base_pair.j_PDB_ins_code 
_ndb_struct_na_base_pair.hbond_type_28 
_ndb_struct_na_base_pair.hbond_type_12 
1 A DC 2  1_555 C G  24 1_555 0.113  -0.042 0.355  4.182   -20.675 8.089   1  A_DC2:G48_C A 2  ? C 48 ? 19 1 
1 A DA 3  1_555 C U  23 1_555 -0.056 -0.320 0.437  2.615   -11.105 3.291   2  A_DA3:U47_C A 3  ? C 47 ? 20 1 
1 A DC 4  1_555 C G  22 1_555 0.121  -0.056 0.420  1.003   -11.903 3.443   3  A_DC4:G46_C A 4  ? C 46 ? 19 1 
1 A DT 5  1_555 C A  21 1_555 0.156  -0.579 0.395  0.943   -13.359 -11.304 4  A_DT5:A45_C A 5  ? C 45 ? 20 1 
1 A DG 6  1_555 C C  20 1_555 -1.609 -0.606 0.419  -0.292  -13.391 -4.348  5  A_DG6:C44_C A 6  ? C 44 ? 19 1 
1 C A  13 1_555 C A  19 1_555 2.491  -3.418 0.529  -21.602 -2.869  -93.117 6  C_A37:A43_C C 37 ? C 43 ? ?  6 
1 B G  2  1_555 A DC 14 1_555 0.512  -0.289 0.014  -16.346 -15.983 4.590   7  B_G2:DC14_A B 2  ? A 14 ? 19 1 
1 B A  3  1_555 A DT 13 1_555 -0.235 -0.285 -0.179 -13.760 -2.578  -4.208  8  B_A3:DT13_A B 3  ? A 13 ? 20 1 
1 B A  4  1_555 A DT 12 1_555 0.192  -0.136 0.103  4.673   -11.156 16.578  9  B_A4:DT12_A B 4  ? A 12 ? 20 1 
1 B G  5  1_555 A DC 11 1_555 -0.074 -0.148 0.361  14.715  2.541   7.701   10 B_G5:DC11_A B 5  ? A 11 ? 19 1 
1 B C  6  1_555 A DG 10 1_555 -0.059 0.213  -0.752 10.523  -11.116 13.899  11 B_C6:DG10_A B 6  ? A 10 ? 19 1 
1 B U  7  1_555 A DA 9  1_555 -0.660 0.044  -0.070 -0.499  -3.475  12.477  12 B_U7:DA9_A  B 7  ? A 9  ? 20 1 
1 B C  8  1_555 A DG 8  1_555 1.198  -0.023 0.157  3.893   -9.943  4.272   13 B_C8:DG8_A  B 8  ? A 8  ? 19 1 
1 B U  9  1_555 C A  10 1_555 3.735  -2.391 -1.061 -12.349 -23.920 -93.595 14 B_U9:A34_C  B 9  ? C 34 ? 24 4 
1 B C  13 1_555 C G  14 1_555 -0.588 -0.457 -0.509 2.601   -12.481 -4.669  15 B_C13:G38_C B 13 ? C 38 ? 19 1 
1 B G  14 1_555 C C  11 1_555 -0.028 0.071  -0.163 -8.033  -7.248  8.479   16 B_G14:C35_C B 14 ? C 35 ? 19 1 
1 B C  17 1_555 C A  7  1_555 -1.766 0.631  0.421  15.938  -12.625 5.642   17 B_C17:A31_C B 17 ? C 31 ? ?  ? 
1 B C  18 1_555 C G  6  1_555 0.754  -0.201 -0.488 21.204  -31.090 7.520   18 B_C18:G30_C B 18 ? C 30 ? 19 1 
1 B C  19 1_555 C G  5  1_555 -0.210 -0.354 -0.071 7.883   -17.509 1.162   19 B_C19:G29_C B 19 ? C 29 ? 19 1 
1 B C  20 1_555 C G  4  1_555 -0.536 -0.450 0.008  7.069   -13.941 -5.911  20 B_C20:G28_C B 20 ? C 28 ? 19 1 
1 B A  21 1_555 C U  3  1_555 0.133  -0.364 -0.644 -2.796  -13.181 -4.989  21 B_A21:U27_C B 21 ? C 27 ? 20 1 
1 B G  22 1_555 C C  2  1_555 -0.492 -0.348 0.046  2.910   -7.278  1.473   22 B_G22:C26_C B 22 ? C 26 ? 19 1 
1 B C  23 1_555 C G  1  1_555 -0.042 -0.137 -0.067 7.530   -8.918  1.451   23 B_C23:G25_C B 23 ? C 25 ? 19 1 
# 
loop_
_ndb_struct_na_base_pair_step.model_number 
_ndb_struct_na_base_pair_step.i_label_asym_id_1 
_ndb_struct_na_base_pair_step.i_label_comp_id_1 
_ndb_struct_na_base_pair_step.i_label_seq_id_1 
_ndb_struct_na_base_pair_step.i_symmetry_1 
_ndb_struct_na_base_pair_step.j_label_asym_id_1 
_ndb_struct_na_base_pair_step.j_label_comp_id_1 
_ndb_struct_na_base_pair_step.j_label_seq_id_1 
_ndb_struct_na_base_pair_step.j_symmetry_1 
_ndb_struct_na_base_pair_step.i_label_asym_id_2 
_ndb_struct_na_base_pair_step.i_label_comp_id_2 
_ndb_struct_na_base_pair_step.i_label_seq_id_2 
_ndb_struct_na_base_pair_step.i_symmetry_2 
_ndb_struct_na_base_pair_step.j_label_asym_id_2 
_ndb_struct_na_base_pair_step.j_label_comp_id_2 
_ndb_struct_na_base_pair_step.j_label_seq_id_2 
_ndb_struct_na_base_pair_step.j_symmetry_2 
_ndb_struct_na_base_pair_step.shift 
_ndb_struct_na_base_pair_step.slide 
_ndb_struct_na_base_pair_step.rise 
_ndb_struct_na_base_pair_step.tilt 
_ndb_struct_na_base_pair_step.roll 
_ndb_struct_na_base_pair_step.twist 
_ndb_struct_na_base_pair_step.x_displacement 
_ndb_struct_na_base_pair_step.y_displacement 
_ndb_struct_na_base_pair_step.helical_rise 
_ndb_struct_na_base_pair_step.inclination 
_ndb_struct_na_base_pair_step.tip 
_ndb_struct_na_base_pair_step.helical_twist 
_ndb_struct_na_base_pair_step.step_number 
_ndb_struct_na_base_pair_step.step_name 
_ndb_struct_na_base_pair_step.i_auth_asym_id_1 
_ndb_struct_na_base_pair_step.i_auth_seq_id_1 
_ndb_struct_na_base_pair_step.i_PDB_ins_code_1 
_ndb_struct_na_base_pair_step.j_auth_asym_id_1 
_ndb_struct_na_base_pair_step.j_auth_seq_id_1 
_ndb_struct_na_base_pair_step.j_PDB_ins_code_1 
_ndb_struct_na_base_pair_step.i_auth_asym_id_2 
_ndb_struct_na_base_pair_step.i_auth_seq_id_2 
_ndb_struct_na_base_pair_step.i_PDB_ins_code_2 
_ndb_struct_na_base_pair_step.j_auth_asym_id_2 
_ndb_struct_na_base_pair_step.j_auth_seq_id_2 
_ndb_struct_na_base_pair_step.j_PDB_ins_code_2 
1 A DC 2  1_555 C G  24 1_555 A DA 3  1_555 C U  23 1_555 -0.160 -1.691 2.869  -5.341   16.404   29.178  -4.911 -0.377 1.707  
29.532 9.615   33.801   1  AA_DC2DA3:U47G48_CC A 2  ? C 48 ? A 3  ? C 47 ? 
1 A DA 3  1_555 C U  23 1_555 A DC 4  1_555 C G  22 1_555 0.233  -1.362 3.186  -0.764   3.751    33.137  -2.965 -0.527 3.012  
6.549  1.334   33.351   2  AA_DA3DC4:G46U47_CC A 3  ? C 47 ? A 4  ? C 46 ? 
1 A DC 4  1_555 C G  22 1_555 A DT 5  1_555 C A  21 1_555 -1.005 -1.782 3.229  -1.268   3.393    31.912  -3.808 1.597  3.065  
6.147  2.296   32.112   3  AA_DC4DT5:A45G46_CC A 4  ? C 46 ? A 5  ? C 45 ? 
1 A DT 5  1_555 C A  21 1_555 A DG 6  1_555 C C  20 1_555 0.629  -1.727 3.038  -0.463   5.126    21.989  -6.035 -1.753 2.560  
13.207 1.194   22.576   4  AA_DT5DG6:C44A45_CC A 5  ? C 45 ? A 6  ? C 44 ? 
1 A DG 6  1_555 C C  20 1_555 C A  13 1_555 C A  19 1_555 1.366  -3.421 -1.174 -111.389 -136.217 -60.591 0.977  1.284  -2.133 
68.883 -56.328 -176.513 5  AC_DG6A37:A43C44_CC A 6  ? C 44 ? C 37 ? C 43 ? 
1 B G  2  1_555 A DC 14 1_555 B A  3  1_555 A DT 13 1_555 0.037  -1.186 3.219  1.981    7.300    26.223  -4.223 0.384  2.788  
15.679 -4.256  27.274   6  BB_G2A3:DT13DC14_AA B 2  ? A 14 ? B 3  ? A 13 ? 
1 B A  3  1_555 A DT 13 1_555 B A  4  1_555 A DT 12 1_555 0.853  -1.111 2.831  -0.903   5.755    33.909  -2.629 -1.561 2.591  
9.777  1.534   34.391   7  BB_A3A4:DT12DT13_AA B 3  ? A 13 ? B 4  ? A 12 ? 
1 B A  4  1_555 A DT 12 1_555 B G  5  1_555 A DC 11 1_555 -0.654 -1.673 2.794  -4.292   8.378    26.724  -4.962 0.548  2.252  
17.451 8.940   28.305   8  BB_A4G5:DC11DT12_AA B 4  ? A 12 ? B 5  ? A 11 ? 
1 B G  5  1_555 A DC 11 1_555 B C  6  1_555 A DG 10 1_555 -0.161 -1.266 3.288  8.994    16.369   29.092  -4.449 1.541  2.158  
29.110 -15.995 34.462   9  BB_G5C6:DG10DC11_AA B 5  ? A 11 ? B 6  ? A 10 ? 
1 B C  6  1_555 A DG 10 1_555 B U  7  1_555 A DA 9  1_555 0.066  -1.360 3.417  -7.418   13.665   25.282  -5.392 -1.612 2.292  
28.086 15.247  29.614   10 BB_C6U7:DA9DG10_AA  B 6  ? A 10 ? B 7  ? A 9  ? 
1 B U  7  1_555 A DA 9  1_555 B C  8  1_555 A DG 8  1_555 0.248  -1.511 3.151  0.964    7.283    43.202  -2.670 -0.247 2.877  
9.806  -1.298  43.793   11 BB_U7C8:DG8DA9_AA   B 7  ? A 9  ? B 8  ? A 8  ? 
1 B C  8  1_555 A DG 8  1_555 B U  9  1_555 C A  10 1_555 -2.825 -1.460 3.513  6.527    0.866    72.021  -1.268 2.620  3.266  
0.735  -5.539  72.281   12 BB_C8U9:A34DG8_CA   B 8  ? A 8  ? B 9  ? C 34 ? 
1 B C  13 1_555 C G  14 1_555 B G  14 1_555 C C  11 1_555 0.353  -1.523 3.580  -0.505   14.336   29.034  -5.255 -0.723 2.558  
26.640 0.939   32.316   13 BB_C13G14:C35G38_CC B 13 ? C 38 ? B 14 ? C 35 ? 
1 B C  17 1_555 C A  7  1_555 B C  18 1_555 C G  6  1_555 -0.351 -0.817 2.811  3.211    2.270    42.145  -1.329 0.765  2.732  
3.149  -4.453  42.320   14 BB_C17C18:G30A31_CC B 17 ? C 31 ? B 18 ? C 30 ? 
1 B C  18 1_555 C G  6  1_555 B C  19 1_555 C G  5  1_555 -0.850 -1.796 3.785  -9.122   11.046   30.995  -5.011 -0.155 3.107  
19.421 16.040  34.072   15 BB_C18C19:G29G30_CC B 18 ? C 30 ? B 19 ? C 29 ? 
1 B C  19 1_555 C G  5  1_555 B C  20 1_555 C G  4  1_555 -0.460 -2.179 3.297  -3.479   3.833    26.345  -5.652 0.120  2.990  
8.308  7.542   26.840   16 BB_C19C20:G28G29_CC B 19 ? C 29 ? B 20 ? C 28 ? 
1 B C  20 1_555 C G  4  1_555 B A  21 1_555 C U  3  1_555 0.256  -1.653 3.449  5.919    12.919   32.306  -4.600 0.432  2.623  
21.942 -10.053 35.217   17 BB_C20A21:U27G28_CC B 20 ? C 28 ? B 21 ? C 27 ? 
1 B A  21 1_555 C U  3  1_555 B G  22 1_555 C C  2  1_555 0.836  -1.725 3.141  -2.803   4.389    25.232  -4.980 -2.584 2.699  
9.913  6.330   25.755   18 BB_A21G22:C26U27_CC B 21 ? C 27 ? B 22 ? C 26 ? 
1 B G  22 1_555 C C  2  1_555 B C  23 1_555 C G  1  1_555 0.372  -1.661 3.156  3.363    -1.606   37.903  -2.346 -0.153 3.241  
-2.465 -5.163  38.079   19 BB_G22C23:G25C26_CC B 22 ? C 26 ? B 23 ? C 25 ? 
# 
loop_
_pdbx_audit_support.funding_organization 
_pdbx_audit_support.country 
_pdbx_audit_support.grant_number 
_pdbx_audit_support.ordinal 
'National Natural Science Foundation of China (NSFC)' China            32171191     1 
'Engineering and Physical Sciences Research Council'  'United Kingdom' EP/X01567X/1 2 
# 
_pdbx_initial_refinement_model.id               1 
_pdbx_initial_refinement_model.entity_id_list   ? 
_pdbx_initial_refinement_model.type             'experimental model' 
_pdbx_initial_refinement_model.source_name      PDB 
_pdbx_initial_refinement_model.accession_code   7Q7Y 
_pdbx_initial_refinement_model.details          ? 
# 
_space_group.name_H-M_alt     'P 41' 
_space_group.name_Hall        'P 4w' 
_space_group.IT_number        76 
_space_group.crystal_system   tetragonal 
_space_group.id               1 
# 
_atom_sites.entry_id                    9KFV 
_atom_sites.Cartn_transf_matrix[1][1]   ? 
_atom_sites.Cartn_transf_matrix[1][2]   ? 
_atom_sites.Cartn_transf_matrix[1][3]   ? 
_atom_sites.Cartn_transf_matrix[2][1]   ? 
_atom_sites.Cartn_transf_matrix[2][2]   ? 
_atom_sites.Cartn_transf_matrix[2][3]   ? 
_atom_sites.Cartn_transf_matrix[3][1]   ? 
_atom_sites.Cartn_transf_matrix[3][2]   ? 
_atom_sites.Cartn_transf_matrix[3][3]   ? 
_atom_sites.Cartn_transf_vector[1]      ? 
_atom_sites.Cartn_transf_vector[2]      ? 
_atom_sites.Cartn_transf_vector[3]      ? 
_atom_sites.Cartn_transform_axes        ? 
_atom_sites.fract_transf_matrix[1][1]   0.00433569 
_atom_sites.fract_transf_matrix[1][2]   0.01312019 
_atom_sites.fract_transf_matrix[1][3]   -0.00543920 
_atom_sites.fract_transf_matrix[2][1]   -0.01394259 
_atom_sites.fract_transf_matrix[2][2]   0.00501567 
_atom_sites.fract_transf_matrix[2][3]   0.00098468 
_atom_sites.fract_transf_matrix[3][1]   0.00279752 
_atom_sites.fract_transf_matrix[3][2]   0.00498032 
_atom_sites.fract_transf_matrix[3][3]   0.01424325 
_atom_sites.fract_transf_vector[1]      0.072347 
_atom_sites.fract_transf_vector[2]      -0.199113 
_atom_sites.fract_transf_vector[3]      -0.040540 
_atom_sites.solution_primary            ? 
_atom_sites.solution_secondary          ? 
_atom_sites.solution_hydrogens          ? 
_atom_sites.special_details             ? 
# 
loop_
_atom_type.symbol 
_atom_type.scat_dispersion_real 
_atom_type.scat_dispersion_imag 
_atom_type.scat_Cromer_Mann_a1 
_atom_type.scat_Cromer_Mann_a2 
_atom_type.scat_Cromer_Mann_a3 
_atom_type.scat_Cromer_Mann_a4 
_atom_type.scat_Cromer_Mann_b1 
_atom_type.scat_Cromer_Mann_b2 
_atom_type.scat_Cromer_Mann_b3 
_atom_type.scat_Cromer_Mann_b4 
_atom_type.scat_Cromer_Mann_c 
_atom_type.scat_source 
_atom_type.scat_dispersion_source 
C  ? ? 3.54356 2.42580 ? ? 25.62398 1.50364  ? ? 0.0 
;2-Gaussian fit: Grosse-Kunstleve RW, Sauter NK, Adams PD: Newsletter of the IUCr Commission on Crystallographic Computing 2004, 3, 22-31.
;
? 
H  ? ? 0.51345 0.48472 ? ? 24.73122 6.32584  ? ? 0.0 
;2-Gaussian fit: Grosse-Kunstleve RW, Sauter NK, Adams PD: Newsletter of the IUCr Commission on Crystallographic Computing 2004, 3, 22-31.
;
? 
K  ? ? ?       ?       ? ? ?        ?        ? ? ?   ? ? 
N  ? ? 4.01032 2.96436 ? ? 19.97189 1.75589  ? ? 0.0 
;2-Gaussian fit: Grosse-Kunstleve RW, Sauter NK, Adams PD: Newsletter of the IUCr Commission on Crystallographic Computing 2004, 3, 22-31.
;
? 
NA ? ? 9.38062 1.54875 ? ? 3.38349  72.32734 ? ? 0.0 
;2-Gaussian fit: Grosse-Kunstleve RW, Sauter NK, Adams PD: Newsletter of the IUCr Commission on Crystallographic Computing 2004, 3, 22-31.
;
? 
O  ? ? 7.96527 ?       ? ? 9.05267  ?        ? ? 0.0 
;1-Gaussian fit: Grosse-Kunstleve RW, Sauter NK, Adams PD: Newsletter of the IUCr Commission on Crystallographic Computing 2004, 3, 22-31.
;
? 
P  ? ? 9.51135 5.44231 ? ? 1.42069  35.72801 ? ? 0.0 
;2-Gaussian fit: Grosse-Kunstleve RW, Sauter NK, Adams PD: Newsletter of the IUCr Commission on Crystallographic Computing 2004, 3, 22-31.
;
? 
# 
loop_
_atom_site.group_PDB 
_atom_site.id 
_atom_site.type_symbol 
_atom_site.label_atom_id 
_atom_site.label_alt_id 
_atom_site.label_comp_id 
_atom_site.label_asym_id 
_atom_site.label_entity_id 
_atom_site.label_seq_id 
_atom_site.pdbx_PDB_ins_code 
_atom_site.Cartn_x 
_atom_site.Cartn_y 
_atom_site.Cartn_z 
_atom_site.occupancy 
_atom_site.B_iso_or_equiv 
_atom_site.pdbx_formal_charge 
_atom_site.auth_seq_id 
_atom_site.auth_comp_id 
_atom_site.auth_asym_id 
_atom_site.auth_atom_id 
_atom_site.pdbx_PDB_model_num 
ATOM   1    O  "O5'" . DC    A 1 1  ? 21.362  -6.437  8.088   1.00 109.43 ?  1   DC    A "O5'" 1 
ATOM   2    C  "C5'" . DC    A 1 1  ? 21.377  -6.729  9.479   1.00 111.03 ?  1   DC    A "C5'" 1 
ATOM   3    C  "C4'" . DC    A 1 1  ? 22.348  -5.821  10.221  1.00 112.80 ?  1   DC    A "C4'" 1 
ATOM   4    O  "O4'" . DC    A 1 1  ? 23.677  -5.923  9.643   1.00 111.78 ?  1   DC    A "O4'" 1 
ATOM   5    C  "C3'" . DC    A 1 1  ? 22.047  -4.339  10.137  1.00 115.26 ?  1   DC    A "C3'" 1 
ATOM   6    O  "O3'" . DC    A 1 1  ? 21.014  -3.977  11.034  1.00 123.43 ?  1   DC    A "O3'" 1 
ATOM   7    C  "C2'" . DC    A 1 1  ? 23.392  -3.765  10.550  1.00 110.85 ?  1   DC    A "C2'" 1 
ATOM   8    C  "C1'" . DC    A 1 1  ? 24.321  -4.652  9.727   1.00 105.88 ?  1   DC    A "C1'" 1 
ATOM   9    N  N1    . DC    A 1 1  ? 24.544  -4.130  8.341   1.00 103.45 ?  1   DC    A N1    1 
ATOM   10   C  C2    . DC    A 1 1  ? 25.311  -2.965  8.152   1.00 104.14 ?  1   DC    A C2    1 
ATOM   11   O  O2    . DC    A 1 1  ? 25.803  -2.391  9.138   1.00 103.43 ?  1   DC    A O2    1 
ATOM   12   N  N3    . DC    A 1 1  ? 25.499  -2.503  6.886   1.00 103.63 ?  1   DC    A N3    1 
ATOM   13   C  C4    . DC    A 1 1  ? 24.956  -3.148  5.849   1.00 101.76 ?  1   DC    A C4    1 
ATOM   14   N  N4    . DC    A 1 1  ? 25.169  -2.652  4.622   1.00 97.67  ?  1   DC    A N4    1 
ATOM   15   C  C5    . DC    A 1 1  ? 24.173  -4.330  6.024   1.00 100.02 ?  1   DC    A C5    1 
ATOM   16   C  C6    . DC    A 1 1  ? 23.994  -4.781  7.272   1.00 99.95  ?  1   DC    A C6    1 
ATOM   17   P  P     . DC    A 1 2  ? 19.888  -2.924  10.568  1.00 130.30 ?  2   DC    A P     1 
ATOM   18   O  OP1   . DC    A 1 2  ? 18.896  -2.883  11.667  1.00 129.18 ?  2   DC    A OP1   1 
ATOM   19   O  OP2   . DC    A 1 2  ? 19.445  -3.297  9.194   1.00 111.83 ?  2   DC    A OP2   1 
ATOM   20   O  "O5'" . DC    A 1 2  ? 20.669  -1.511  10.512  1.00 117.43 ?  2   DC    A "O5'" 1 
ATOM   21   C  "C5'" . DC    A 1 2  ? 21.326  -1.001  11.682  1.00 111.71 ?  2   DC    A "C5'" 1 
ATOM   22   C  "C4'" . DC    A 1 2  ? 22.119  0.263   11.368  1.00 113.83 ?  2   DC    A "C4'" 1 
ATOM   23   O  "O4'" . DC    A 1 2  ? 23.291  -0.068  10.570  1.00 110.31 ?  2   DC    A "O4'" 1 
ATOM   24   C  "C3'" . DC    A 1 2  ? 21.394  1.311   10.534  1.00 116.01 ?  2   DC    A "C3'" 1 
ATOM   25   O  "O3'" . DC    A 1 2  ? 20.536  2.118   11.340  1.00 120.04 ?  2   DC    A "O3'" 1 
ATOM   26   C  "C2'" . DC    A 1 2  ? 22.573  2.110   9.987   1.00 111.54 ?  2   DC    A "C2'" 1 
ATOM   27   C  "C1'" . DC    A 1 2  ? 23.536  0.983   9.630   1.00 107.60 ?  2   DC    A "C1'" 1 
ATOM   28   N  N1    . DC    A 1 2  ? 23.334  0.461   8.234   1.00 100.24 ?  2   DC    A N1    1 
ATOM   29   C  C2    . DC    A 1 2  ? 23.930  1.127   7.153   1.00 99.22  ?  2   DC    A C2    1 
ATOM   30   O  O2    . DC    A 1 2  ? 24.620  2.132   7.367   1.00 95.75  ?  2   DC    A O2    1 
ATOM   31   N  N3    . DC    A 1 2  ? 23.732  0.644   5.894   1.00 101.19 ?  2   DC    A N3    1 
ATOM   32   C  C4    . DC    A 1 2  ? 22.978  -0.449  5.701   1.00 101.93 ?  2   DC    A C4    1 
ATOM   33   N  N4    . DC    A 1 2  ? 22.808  -0.885  4.447   1.00 97.10  ?  2   DC    A N4    1 
ATOM   34   C  C5    . DC    A 1 2  ? 22.357  -1.133  6.789   1.00 103.95 ?  2   DC    A C5    1 
ATOM   35   C  C6    . DC    A 1 2  ? 22.561  -0.650  8.023   1.00 105.14 ?  2   DC    A C6    1 
ATOM   36   P  P     . DA    A 1 3  ? 19.124  2.613   10.746  1.00 116.09 ?  3   DA    A P     1 
ATOM   37   O  OP1   . DA    A 1 3  ? 18.358  3.240   11.850  1.00 117.96 ?  3   DA    A OP1   1 
ATOM   38   O  OP2   . DA    A 1 3  ? 18.594  1.475   9.964   1.00 114.52 ?  3   DA    A OP2   1 
ATOM   39   O  "O5'" . DA    A 1 3  ? 19.500  3.754   9.693   1.00 105.72 ?  3   DA    A "O5'" 1 
ATOM   40   C  "C5'" . DA    A 1 3  ? 20.126  4.942   10.141  1.00 110.02 ?  3   DA    A "C5'" 1 
ATOM   41   C  "C4'" . DA    A 1 3  ? 20.775  5.661   8.979   1.00 109.36 ?  3   DA    A "C4'" 1 
ATOM   42   O  "O4'" . DA    A 1 3  ? 21.625  4.740   8.264   1.00 104.07 ?  3   DA    A "O4'" 1 
ATOM   43   C  "C3'" . DA    A 1 3  ? 19.810  6.157   7.921   1.00 106.76 ?  3   DA    A "C3'" 1 
ATOM   44   O  "O3'" . DA    A 1 3  ? 19.246  7.423   8.316   1.00 108.50 ?  3   DA    A "O3'" 1 
ATOM   45   C  "C2'" . DA    A 1 3  ? 20.720  6.286   6.698   1.00 98.37  ?  3   DA    A "C2'" 1 
ATOM   46   C  "C1'" . DA    A 1 3  ? 21.752  5.173   6.919   1.00 101.10 ?  3   DA    A "C1'" 1 
ATOM   47   N  N9    . DA    A 1 3  ? 21.610  4.011   6.029   1.00 99.34  ?  3   DA    A N9    1 
ATOM   48   C  C8    . DA    A 1 3  ? 21.231  2.744   6.383   1.00 98.28  ?  3   DA    A C8    1 
ATOM   49   N  N7    . DA    A 1 3  ? 21.210  1.896   5.380   1.00 94.01  ?  3   DA    A N7    1 
ATOM   50   C  C5    . DA    A 1 3  ? 21.621  2.649   4.293   1.00 94.17  ?  3   DA    A C5    1 
ATOM   51   C  C6    . DA    A 1 3  ? 21.803  2.330   2.924   1.00 93.86  ?  3   DA    A C6    1 
ATOM   52   N  N6    . DA    A 1 3  ? 21.595  1.107   2.416   1.00 93.28  ?  3   DA    A N6    1 
ATOM   53   N  N1    . DA    A 1 3  ? 22.199  3.322   2.097   1.00 88.41  ?  3   DA    A N1    1 
ATOM   54   C  C2    . DA    A 1 3  ? 22.408  4.541   2.608   1.00 92.06  ?  3   DA    A C2    1 
ATOM   55   N  N3    . DA    A 1 3  ? 22.273  4.961   3.873   1.00 92.02  ?  3   DA    A N3    1 
ATOM   56   C  C4    . DA    A 1 3  ? 21.872  3.957   4.671   1.00 93.57  ?  3   DA    A C4    1 
ATOM   57   P  P     . DC    A 1 4  ? 17.652  7.583   8.497   1.00 109.01 ?  4   DC    A P     1 
ATOM   58   O  OP1   . DC    A 1 4  ? 17.368  8.496   9.638   1.00 95.58  ?  4   DC    A OP1   1 
ATOM   59   O  OP2   . DC    A 1 4  ? 17.066  6.215   8.449   1.00 100.20 ?  4   DC    A OP2   1 
ATOM   60   O  "O5'" . DC    A 1 4  ? 17.208  8.318   7.158   1.00 106.90 ?  4   DC    A "O5'" 1 
ATOM   61   C  "C5'" . DC    A 1 4  ? 17.249  7.618   5.950   1.00 98.81  ?  4   DC    A "C5'" 1 
ATOM   62   C  "C4'" . DC    A 1 4  ? 18.003  8.395   4.894   1.00 96.67  ?  4   DC    A "C4'" 1 
ATOM   63   O  "O4'" . DC    A 1 4  ? 19.248  7.717   4.614   1.00 97.29  ?  4   DC    A "O4'" 1 
ATOM   64   C  "C3'" . DC    A 1 4  ? 17.265  8.484   3.569   1.00 105.77 ?  4   DC    A "C3'" 1 
ATOM   65   O  "O3'" . DC    A 1 4  ? 16.642  9.748   3.463   1.00 111.68 ?  4   DC    A "O3'" 1 
ATOM   66   C  "C2'" . DC    A 1 4  ? 18.355  8.288   2.516   1.00 95.63  ?  4   DC    A "C2'" 1 
ATOM   67   C  "C1'" . DC    A 1 4  ? 19.338  7.383   3.243   1.00 92.87  ?  4   DC    A "C1'" 1 
ATOM   68   N  N1    . DC    A 1 4  ? 19.084  5.901   3.090   1.00 84.41  ?  4   DC    A N1    1 
ATOM   69   C  C2    . DC    A 1 4  ? 19.246  5.281   1.843   1.00 85.58  ?  4   DC    A C2    1 
ATOM   70   O  O2    . DC    A 1 4  ? 19.571  5.963   0.862   1.00 86.33  ?  4   DC    A O2    1 
ATOM   71   N  N3    . DC    A 1 4  ? 19.033  3.943   1.745   1.00 82.86  ?  4   DC    A N3    1 
ATOM   72   C  C4    . DC    A 1 4  ? 18.686  3.240   2.827   1.00 83.50  ?  4   DC    A C4    1 
ATOM   73   N  N4    . DC    A 1 4  ? 18.492  1.926   2.686   1.00 87.68  ?  4   DC    A N4    1 
ATOM   74   C  C5    . DC    A 1 4  ? 18.534  3.850   4.100   1.00 85.49  ?  4   DC    A C5    1 
ATOM   75   C  C6    . DC    A 1 4  ? 18.747  5.163   4.185   1.00 87.86  ?  4   DC    A C6    1 
ATOM   76   P  P     . DT    A 1 5  ? 15.080  9.835   3.097   1.00 117.16 ?  5   DT    A P     1 
ATOM   77   O  OP1   . DT    A 1 5  ? 14.650  11.204  3.480   1.00 111.56 ?  5   DT    A OP1   1 
ATOM   78   O  OP2   . DT    A 1 5  ? 14.389  8.642   3.647   1.00 110.53 ?  5   DT    A OP2   1 
ATOM   79   O  "O5'" . DT    A 1 5  ? 15.062  9.653   1.513   1.00 95.62  ?  5   DT    A "O5'" 1 
ATOM   80   C  "C5'" . DT    A 1 5  ? 16.049  10.280  0.742   1.00 94.08  ?  5   DT    A "C5'" 1 
ATOM   81   C  "C4'" . DT    A 1 5  ? 16.179  9.582   -0.584  1.00 94.59  ?  5   DT    A "C4'" 1 
ATOM   82   O  "O4'" . DT    A 1 5  ? 16.872  8.337   -0.423  1.00 91.43  ?  5   DT    A "O4'" 1 
ATOM   83   C  "C3'" . DT    A 1 5  ? 14.879  9.151   -1.190  1.00 94.36  ?  5   DT    A "C3'" 1 
ATOM   84   O  "O3'" . DT    A 1 5  ? 14.227  10.256  -1.765  1.00 102.12 ?  5   DT    A "O3'" 1 
ATOM   85   C  "C2'" . DT    A 1 5  ? 15.359  8.149   -2.240  1.00 86.21  ?  5   DT    A "C2'" 1 
ATOM   86   C  "C1'" . DT    A 1 5  ? 16.558  7.509   -1.532  1.00 82.83  ?  5   DT    A "C1'" 1 
ATOM   87   N  N1    . DT    A 1 5  ? 16.300  6.151   -1.022  1.00 77.16  ?  5   DT    A N1    1 
ATOM   88   C  C2    . DT    A 1 5  ? 16.355  5.079   -1.892  1.00 79.85  ?  5   DT    A C2    1 
ATOM   89   O  O2    . DT    A 1 5  ? 16.595  5.193   -3.090  1.00 81.16  ?  5   DT    A O2    1 
ATOM   90   N  N3    . DT    A 1 5  ? 16.116  3.859   -1.310  1.00 75.30  ?  5   DT    A N3    1 
ATOM   91   C  C4    . DT    A 1 5  ? 15.834  3.615   0.023   1.00 77.05  ?  5   DT    A C4    1 
ATOM   92   O  O4    . DT    A 1 5  ? 15.640  2.480   0.449   1.00 76.29  ?  5   DT    A O4    1 
ATOM   93   C  C5    . DT    A 1 5  ? 15.796  4.790   0.879   1.00 78.75  ?  5   DT    A C5    1 
ATOM   94   C  C7    . DT    A 1 5  ? 15.505  4.654   2.342   1.00 73.26  ?  5   DT    A C7    1 
ATOM   95   C  C6    . DT    A 1 5  ? 16.031  5.983   0.321   1.00 78.80  ?  5   DT    A C6    1 
ATOM   96   P  P     . DG    A 1 6  ? 12.778  10.057  -2.417  1.00 107.91 ?  6   DG    A P     1 
ATOM   97   O  OP1   . DG    A 1 6  ? 12.064  11.358  -2.297  1.00 102.04 ?  6   DG    A OP1   1 
ATOM   98   O  OP2   . DG    A 1 6  ? 12.191  8.824   -1.829  1.00 92.71  ?  6   DG    A OP2   1 
ATOM   99   O  "O5'" . DG    A 1 6  ? 13.111  9.700   -3.943  1.00 93.46  ?  6   DG    A "O5'" 1 
ATOM   100  C  "C5'" . DG    A 1 6  ? 12.147  9.064   -4.712  1.00 85.74  ?  6   DG    A "C5'" 1 
ATOM   101  C  "C4'" . DG    A 1 6  ? 12.694  7.802   -5.313  1.00 76.89  ?  6   DG    A "C4'" 1 
ATOM   102  O  "O4'" . DG    A 1 6  ? 13.371  7.018   -4.322  1.00 74.97  ?  6   DG    A "O4'" 1 
ATOM   103  C  "C3'" . DG    A 1 6  ? 11.646  6.843   -5.805  1.00 88.18  ?  6   DG    A "C3'" 1 
ATOM   104  O  "O3'" . DG    A 1 6  ? 11.078  7.305   -7.002  1.00 102.30 ?  6   DG    A "O3'" 1 
ATOM   105  C  "C2'" . DG    A 1 6  ? 12.470  5.576   -6.003  1.00 81.20  ?  6   DG    A "C2'" 1 
ATOM   106  C  "C1'" . DG    A 1 6  ? 13.467  5.687   -4.843  1.00 80.09  ?  6   DG    A "C1'" 1 
ATOM   107  N  N9    . DG    A 1 6  ? 13.261  4.706   -3.778  1.00 70.83  ?  6   DG    A N9    1 
ATOM   108  C  C8    . DG    A 1 6  ? 13.137  4.957   -2.442  1.00 74.17  ?  6   DG    A C8    1 
ATOM   109  N  N7    . DG    A 1 6  ? 12.999  3.875   -1.727  1.00 74.06  ?  6   DG    A N7    1 
ATOM   110  C  C5    . DG    A 1 6  ? 13.037  2.847   -2.648  1.00 63.98  ?  6   DG    A C5    1 
ATOM   111  C  C6    . DG    A 1 6  ? 12.940  1.462   -2.444  1.00 67.00  ?  6   DG    A C6    1 
ATOM   112  O  O6    . DG    A 1 6  ? 12.796  0.866   -1.377  1.00 69.25  ?  6   DG    A O6    1 
ATOM   113  N  N1    . DG    A 1 6  ? 13.027  0.749   -3.632  1.00 67.25  ?  6   DG    A N1    1 
ATOM   114  C  C2    . DG    A 1 6  ? 13.192  1.322   -4.872  1.00 76.40  ?  6   DG    A C2    1 
ATOM   115  N  N2    . DG    A 1 6  ? 13.266  0.471   -5.921  1.00 76.32  ?  6   DG    A N2    1 
ATOM   116  N  N3    . DG    A 1 6  ? 13.291  2.641   -5.073  1.00 73.50  ?  6   DG    A N3    1 
ATOM   117  C  C4    . DG    A 1 6  ? 13.203  3.334   -3.913  1.00 63.65  ?  6   DG    A C4    1 
HETATM 118  C  C7    . A1EFN A 1 7  ? 7.496   -3.602  -4.668  1.00 66.44  ?  7   A1EFN A C7    1 
HETATM 119  C  C9    . A1EFN A 1 7  ? 7.315   -4.693  -5.546  1.00 69.03  ?  7   A1EFN A C9    1 
HETATM 120  N  N1    . A1EFN A 1 7  ? 6.571   -0.475  -3.903  1.00 63.36  ?  7   A1EFN A N1    1 
HETATM 121  C  C2    . A1EFN A 1 7  ? 6.594   -0.450  -5.266  1.00 64.90  ?  7   A1EFN A C2    1 
HETATM 122  C  C10   . A1EFN A 1 7  ? 6.004   -5.096  -5.900  1.00 79.13  ?  7   A1EFN A C10   1 
HETATM 123  C  C4    . A1EFN A 1 7  ? 6.573   1.887   -5.178  1.00 73.03  ?  7   A1EFN A C4    1 
HETATM 124  N  N3    . A1EFN A 1 7  ? 6.593   0.751   -5.898  1.00 71.36  ?  7   A1EFN A N3    1 
HETATM 125  C  C6    . A1EFN A 1 7  ? 6.549   0.637   -3.188  1.00 60.61  ?  7   A1EFN A C6    1 
HETATM 126  C  C1    . A1EFN A 1 7  ? 6.564   -1.751  -3.167  1.00 61.01  ?  7   A1EFN A C1    1 
HETATM 127  C  "C1'" . A1EFN A 1 7  ? 6.604   3.491   -6.818  1.00 79.82  ?  7   A1EFN A "C1'" 1 
HETATM 128  C  C11   . A1EFN A 1 7  ? 4.878   -4.419  -5.374  1.00 77.59  ?  7   A1EFN A C11   1 
HETATM 129  C  C12   . A1EFN A 1 7  ? 5.055   -3.339  -4.495  1.00 65.75  ?  7   A1EFN A C12   1 
HETATM 130  C  "C2'" . A1EFN A 1 7  ? 5.465   4.433   -7.134  1.00 87.01  ?  7   A1EFN A "C2'" 1 
HETATM 131  C  C3    . A1EFN A 1 7  ? 6.373   -2.928  -4.147  1.00 67.43  ?  7   A1EFN A C3    1 
HETATM 132  C  "C3'" . A1EFN A 1 7  ? 6.090   5.525   -7.907  1.00 89.78  ?  7   A1EFN A "C3'" 1 
HETATM 133  C  "C4'" . A1EFN A 1 7  ? 7.478   5.574   -7.497  1.00 83.26  ?  7   A1EFN A "C4'" 1 
HETATM 134  C  C5    . A1EFN A 1 7  ? 6.551   1.844   -3.811  1.00 61.51  ?  7   A1EFN A C5    1 
HETATM 135  C  "C5'" . A1EFN A 1 7  ? 7.497   6.437   -6.275  1.00 94.08  ?  7   A1EFN A "C5'" 1 
HETATM 136  C  C8    . A1EFN A 1 7  ? 6.556   3.933   -4.533  1.00 78.45  ?  7   A1EFN A C8    1 
HETATM 137  N  N6    . A1EFN A 1 7  ? 6.531   0.549   -1.723  1.00 65.48  ?  7   A1EFN A N6    1 
HETATM 138  N  N7    . A1EFN A 1 7  ? 6.541   3.218   -3.363  1.00 68.44  ?  7   A1EFN A N7    1 
HETATM 139  N  N9    . A1EFN A 1 7  ? 6.575   3.090   -5.430  1.00 80.19  ?  7   A1EFN A N9    1 
HETATM 140  O  "O3'" . A1EFN A 1 7  ? 6.089   5.194   -9.306  1.00 94.91  ?  7   A1EFN A "O3'" 1 
HETATM 141  O  "O4'" . A1EFN A 1 7  ? 7.885   4.180   -7.185  1.00 84.29  ?  7   A1EFN A "O4'" 1 
HETATM 142  O  "O5'" . A1EFN A 1 7  ? 8.822   6.753   -5.978  1.00 100.24 ?  7   A1EFN A "O5'" 1 
HETATM 143  O  OP1   . A1EFN A 1 7  ? 9.169   7.783   -8.590  1.00 92.46  ?  7   A1EFN A OP1   1 
HETATM 144  P  P     . A1EFN A 1 7  ? 9.564   7.833   -6.985  1.00 101.86 ?  7   A1EFN A P     1 
HETATM 145  O  OP2   . A1EFN A 1 7  ? 9.582   9.207   -6.429  1.00 91.94  -1 7   A1EFN A OP2   1 
ATOM   146  P  P     . DG    A 1 8  ? 5.180   6.026   -10.336 1.00 94.07  ?  8   DG    A P     1 
ATOM   147  O  OP1   . DG    A 1 8  ? 5.986   7.179   -10.805 1.00 96.22  ?  8   DG    A OP1   1 
ATOM   148  O  OP2   . DG    A 1 8  ? 3.891   6.383   -9.706  1.00 100.87 ?  8   DG    A OP2   1 
ATOM   149  O  "O5'" . DG    A 1 8  ? 4.989   4.965   -11.504 1.00 70.81  ?  8   DG    A "O5'" 1 
ATOM   150  C  "C5'" . DG    A 1 8  ? 6.128   4.549   -12.160 1.00 76.97  ?  8   DG    A "C5'" 1 
ATOM   151  C  "C4'" . DG    A 1 8  ? 5.930   3.198   -12.751 1.00 85.64  ?  8   DG    A "C4'" 1 
ATOM   152  O  "O4'" . DG    A 1 8  ? 5.286   2.346   -11.781 1.00 84.17  ?  8   DG    A "O4'" 1 
ATOM   153  C  "C3'" . DG    A 1 8  ? 5.006   3.161   -13.951 1.00 89.68  ?  8   DG    A "C3'" 1 
ATOM   154  O  "O3'" . DG    A 1 8  ? 5.711   3.533   -15.144 1.00 93.74  ?  8   DG    A "O3'" 1 
ATOM   155  C  "C2'" . DG    A 1 8  ? 4.623   1.688   -13.941 1.00 87.72  ?  8   DG    A "C2'" 1 
ATOM   156  C  "C1'" . DG    A 1 8  ? 4.358   1.500   -12.450 1.00 84.54  ?  8   DG    A "C1'" 1 
ATOM   157  N  N9    . DG    A 1 8  ? 3.017   1.916   -12.051 1.00 84.91  ?  8   DG    A N9    1 
ATOM   158  C  C8    . DG    A 1 8  ? 2.700   2.884   -11.127 1.00 84.82  ?  8   DG    A C8    1 
ATOM   159  N  N7    . DG    A 1 8  ? 1.415   3.058   -10.975 1.00 83.06  ?  8   DG    A N7    1 
ATOM   160  C  C5    . DG    A 1 8  ? 0.843   2.158   -11.861 1.00 80.79  ?  8   DG    A C5    1 
ATOM   161  C  C6    . DG    A 1 8  ? -0.510  1.906   -12.131 1.00 83.11  ?  8   DG    A C6    1 
ATOM   162  O  O6    . DG    A 1 8  ? -1.496  2.435   -11.620 1.00 80.91  ?  8   DG    A O6    1 
ATOM   163  N  N1    . DG    A 1 8  ? -0.669  0.923   -13.106 1.00 90.69  ?  8   DG    A N1    1 
ATOM   164  C  C2    . DG    A 1 8  ? 0.364   0.275   -13.739 1.00 87.18  ?  8   DG    A C2    1 
ATOM   165  N  N2    . DG    A 1 8  ? 0.019   -0.641  -14.642 1.00 88.02  ?  8   DG    A N2    1 
ATOM   166  N  N3    . DG    A 1 8  ? 1.645   0.496   -13.488 1.00 84.58  ?  8   DG    A N3    1 
ATOM   167  C  C4    . DG    A 1 8  ? 1.811   1.448   -12.536 1.00 83.97  ?  8   DG    A C4    1 
ATOM   168  P  P     . DA    A 1 9  ? 5.013   4.453   -16.269 1.00 97.79  ?  9   DA    A P     1 
ATOM   169  O  OP1   . DA    A 1 9  ? 6.000   4.545   -17.367 1.00 101.03 ?  9   DA    A OP1   1 
ATOM   170  O  OP2   . DA    A 1 9  ? 4.423   5.671   -15.653 1.00 79.99  ?  9   DA    A OP2   1 
ATOM   171  O  "O5'" . DA    A 1 9  ? 3.882   3.523   -16.879 1.00 90.12  ?  9   DA    A "O5'" 1 
ATOM   172  C  "C5'" . DA    A 1 9  ? 4.261   2.430   -17.660 1.00 86.97  ?  9   DA    A "C5'" 1 
ATOM   173  C  "C4'" . DA    A 1 9  ? 3.102   1.972   -18.502 1.00 92.40  ?  9   DA    A "C4'" 1 
ATOM   174  O  "O4'" . DA    A 1 9  ? 2.229   1.158   -17.687 1.00 87.66  ?  9   DA    A "O4'" 1 
ATOM   175  C  "C3'" . DA    A 1 9  ? 2.214   3.092   -19.056 1.00 98.08  ?  9   DA    A "C3'" 1 
ATOM   176  O  "O3'" . DA    A 1 9  ? 2.710   3.558   -20.334 1.00 108.77 ?  9   DA    A "O3'" 1 
ATOM   177  C  "C2'" . DA    A 1 9  ? 0.882   2.366   -19.190 1.00 96.40  ?  9   DA    A "C2'" 1 
ATOM   178  C  "C1'" . DA    A 1 9  ? 0.887   1.548   -17.904 1.00 94.50  ?  9   DA    A "C1'" 1 
ATOM   179  N  N9    . DA    A 1 9  ? 0.440   2.321   -16.757 1.00 92.33  ?  9   DA    A N9    1 
ATOM   180  C  C8    . DA    A 1 9  ? 1.214   3.046   -15.896 1.00 90.95  ?  9   DA    A C8    1 
ATOM   181  N  N7    . DA    A 1 9  ? 0.532   3.667   -14.974 1.00 90.68  ?  9   DA    A N7    1 
ATOM   182  C  C5    . DA    A 1 9  ? -0.778  3.329   -15.253 1.00 90.56  ?  9   DA    A C5    1 
ATOM   183  C  C6    . DA    A 1 9  ? -1.985  3.667   -14.634 1.00 93.26  ?  9   DA    A C6    1 
ATOM   184  N  N6    . DA    A 1 9  ? -2.058  4.454   -13.558 1.00 101.11 ?  9   DA    A N6    1 
ATOM   185  N  N1    . DA    A 1 9  ? -3.118  3.165   -15.157 1.00 90.82  ?  9   DA    A N1    1 
ATOM   186  C  C2    . DA    A 1 9  ? -3.030  2.383   -16.233 1.00 96.37  ?  9   DA    A C2    1 
ATOM   187  N  N3    . DA    A 1 9  ? -1.949  1.996   -16.900 1.00 94.62  ?  9   DA    A N3    1 
ATOM   188  C  C4    . DA    A 1 9  ? -0.848  2.507   -16.348 1.00 90.13  ?  9   DA    A C4    1 
ATOM   189  P  P     . DG    A 1 10 ? 2.427   5.061   -20.859 1.00 110.77 ?  10  DG    A P     1 
ATOM   190  O  OP1   . DG    A 1 10 ? 3.288   5.199   -22.057 1.00 110.19 ?  10  DG    A OP1   1 
ATOM   191  O  OP2   . DG    A 1 10 ? 2.554   6.064   -19.767 1.00 94.95  ?  10  DG    A OP2   1 
ATOM   192  O  "O5'" . DG    A 1 10 ? 0.898   5.023   -21.329 1.00 102.87 ?  10  DG    A "O5'" 1 
ATOM   193  C  "C5'" . DG    A 1 10 ? 0.480   4.093   -22.321 1.00 98.88  ?  10  DG    A "C5'" 1 
ATOM   194  C  "C4'" . DG    A 1 10 ? -1.029  4.010   -22.364 1.00 102.92 ?  10  DG    A "C4'" 1 
ATOM   195  O  "O4'" . DG    A 1 10 ? -1.523  3.329   -21.177 1.00 103.76 ?  10  DG    A "O4'" 1 
ATOM   196  C  "C3'" . DG    A 1 10 ? -1.746  5.351   -22.342 1.00 104.75 ?  10  DG    A "C3'" 1 
ATOM   197  O  "O3'" . DG    A 1 10 ? -1.772  5.935   -23.641 1.00 105.04 ?  10  DG    A "O3'" 1 
ATOM   198  C  "C2'" . DG    A 1 10 ? -3.133  4.927   -21.870 1.00 100.20 ?  10  DG    A "C2'" 1 
ATOM   199  C  "C1'" . DG    A 1 10 ? -2.760  3.922   -20.776 1.00 100.29 ?  10  DG    A "C1'" 1 
ATOM   200  N  N9    . DG    A 1 10 ? -2.560  4.564   -19.489 1.00 98.36  ?  10  DG    A N9    1 
ATOM   201  C  C8    . DG    A 1 10 ? -1.364  4.949   -18.947 1.00 101.97 ?  10  DG    A C8    1 
ATOM   202  N  N7    . DG    A 1 10 ? -1.484  5.531   -17.787 1.00 106.20 ?  10  DG    A N7    1 
ATOM   203  C  C5    . DG    A 1 10 ? -2.848  5.534   -17.546 1.00 101.80 ?  10  DG    A C5    1 
ATOM   204  C  C6    . DG    A 1 10 ? -3.573  6.039   -16.446 1.00 99.94  ?  10  DG    A C6    1 
ATOM   205  O  O6    . DG    A 1 10 ? -3.135  6.594   -15.426 1.00 102.25 ?  10  DG    A O6    1 
ATOM   206  N  N1    . DG    A 1 10 ? -4.937  5.852   -16.603 1.00 94.70  ?  10  DG    A N1    1 
ATOM   207  C  C2    . DG    A 1 10 ? -5.525  5.251   -17.680 1.00 94.00  ?  10  DG    A C2    1 
ATOM   208  N  N2    . DG    A 1 10 ? -6.854  5.156   -17.644 1.00 95.02  ?  10  DG    A N2    1 
ATOM   209  N  N3    . DG    A 1 10 ? -4.860  4.780   -18.724 1.00 99.69  ?  10  DG    A N3    1 
ATOM   210  C  C4    . DG    A 1 10 ? -3.529  4.956   -18.590 1.00 100.10 ?  10  DG    A C4    1 
ATOM   211  P  P     . DC    A 1 11 ? -1.441  7.499   -23.833 1.00 110.51 ?  11  DC    A P     1 
ATOM   212  O  OP1   . DC    A 1 11 ? -1.133  7.681   -25.268 1.00 119.61 ?  11  DC    A OP1   1 
ATOM   213  O  OP2   . DC    A 1 11 ? -0.423  7.927   -22.846 1.00 108.35 ?  11  DC    A OP2   1 
ATOM   214  O  "O5'" . DC    A 1 11 ? -2.824  8.220   -23.480 1.00 98.56  ?  11  DC    A "O5'" 1 
ATOM   215  C  "C5'" . DC    A 1 11 ? -3.950  7.958   -24.271 1.00 99.79  ?  11  DC    A "C5'" 1 
ATOM   216  C  "C4'" . DC    A 1 11 ? -5.225  8.264   -23.523 1.00 103.40 ?  11  DC    A "C4'" 1 
ATOM   217  O  "O4'" . DC    A 1 11 ? -5.265  7.510   -22.290 1.00 105.00 ?  11  DC    A "O4'" 1 
ATOM   218  C  "C3'" . DC    A 1 11 ? -5.391  9.701   -23.068 1.00 105.78 ?  11  DC    A "C3'" 1 
ATOM   219  O  "O3'" . DC    A 1 11 ? -5.810  10.523  -24.150 1.00 109.89 ?  11  DC    A "O3'" 1 
ATOM   220  C  "C2'" . DC    A 1 11 ? -6.493  9.533   -22.033 1.00 105.67 ?  11  DC    A "C2'" 1 
ATOM   221  C  "C1'" . DC    A 1 11 ? -6.062  8.223   -21.345 1.00 106.92 ?  11  DC    A "C1'" 1 
ATOM   222  N  N1    . DC    A 1 11 ? -5.252  8.446   -20.106 1.00 100.80 ?  11  DC    A N1    1 
ATOM   223  C  C2    . DC    A 1 11 ? -5.820  9.110   -19.014 1.00 104.38 ?  11  DC    A C2    1 
ATOM   224  O  O2    . DC    A 1 11 ? -6.994  9.480   -19.075 1.00 113.16 ?  11  DC    A O2    1 
ATOM   225  N  N3    . DC    A 1 11 ? -5.071  9.321   -17.913 1.00 102.13 ?  11  DC    A N3    1 
ATOM   226  C  C4    . DC    A 1 11 ? -3.813  8.901   -17.879 1.00 103.94 ?  11  DC    A C4    1 
ATOM   227  N  N4    . DC    A 1 11 ? -3.118  9.129   -16.769 1.00 113.60 ?  11  DC    A N4    1 
ATOM   228  C  C5    . DC    A 1 11 ? -3.211  8.233   -18.976 1.00 101.36 ?  11  DC    A C5    1 
ATOM   229  C  C6    . DC    A 1 11 ? -3.962  8.023   -20.058 1.00 106.34 ?  11  DC    A C6    1 
ATOM   230  P  P     . DT    A 1 12 ? -5.338  12.060  -24.235 1.00 110.27 ?  12  DT    A P     1 
ATOM   231  O  OP1   . DT    A 1 12 ? -5.882  12.643  -25.479 1.00 106.41 ?  12  DT    A OP1   1 
ATOM   232  O  OP2   . DT    A 1 12 ? -3.880  12.099  -23.979 1.00 108.87 ?  12  DT    A OP2   1 
ATOM   233  O  "O5'" . DT    A 1 12 ? -6.131  12.771  -23.055 1.00 98.42  ?  12  DT    A "O5'" 1 
ATOM   234  C  "C5'" . DT    A 1 12 ? -7.506  12.945  -23.172 1.00 98.68  ?  12  DT    A "C5'" 1 
ATOM   235  C  "C4'" . DT    A 1 12 ? -8.113  13.267  -21.831 1.00 108.74 ?  12  DT    A "C4'" 1 
ATOM   236  O  "O4'" . DT    A 1 12 ? -7.615  12.349  -20.836 1.00 109.76 ?  12  DT    A "O4'" 1 
ATOM   237  C  "C3'" . DT    A 1 12 ? -7.751  14.630  -21.287 1.00 111.38 ?  12  DT    A "C3'" 1 
ATOM   238  O  "O3'" . DT    A 1 12 ? -8.600  15.611  -21.866 1.00 115.21 ?  12  DT    A "O3'" 1 
ATOM   239  C  "C2'" . DT    A 1 12 ? -8.021  14.456  -19.790 1.00 107.38 ?  12  DT    A "C2'" 1 
ATOM   240  C  "C1'" . DT    A 1 12 ? -7.679  12.977  -19.558 1.00 106.40 ?  12  DT    A "C1'" 1 
ATOM   241  N  N1    . DT    A 1 12 ? -6.384  12.772  -18.848 1.00 103.16 ?  12  DT    A N1    1 
ATOM   242  C  C2    . DT    A 1 12 ? -6.304  13.054  -17.503 1.00 106.50 ?  12  DT    A C2    1 
ATOM   243  O  O2    . DT    A 1 12 ? -7.246  13.469  -16.853 1.00 107.13 ?  12  DT    A O2    1 
ATOM   244  N  N3    . DT    A 1 12 ? -5.072  12.835  -16.941 1.00 108.40 ?  12  DT    A N3    1 
ATOM   245  C  C4    . DT    A 1 12 ? -3.933  12.371  -17.579 1.00 110.46 ?  12  DT    A C4    1 
ATOM   246  O  O4    . DT    A 1 12 ? -2.863  12.209  -16.986 1.00 106.52 ?  12  DT    A O4    1 
ATOM   247  C  C5    . DT    A 1 12 ? -4.091  12.094  -18.991 1.00 106.14 ?  12  DT    A C5    1 
ATOM   248  C  C7    . DT    A 1 12 ? -2.932  11.592  -19.792 1.00 107.57 ?  12  DT    A C7    1 
ATOM   249  C  C6    . DT    A 1 12 ? -5.293  12.308  -19.549 1.00 103.94 ?  12  DT    A C6    1 
ATOM   250  P  P     . DT    A 1 13 ? -8.136  17.148  -21.938 1.00 116.47 ?  13  DT    A P     1 
ATOM   251  O  OP1   . DT    A 1 13 ? -7.967  17.487  -23.378 1.00 103.48 ?  13  DT    A OP1   1 
ATOM   252  O  OP2   . DT    A 1 13 ? -6.975  17.292  -21.031 1.00 118.45 ?  13  DT    A OP2   1 
ATOM   253  O  "O5'" . DT    A 1 13 ? -9.364  17.949  -21.260 1.00 111.69 ?  13  DT    A "O5'" 1 
ATOM   254  C  "C5'" . DT    A 1 13 ? -10.027 17.409  -20.090 1.00 116.75 ?  13  DT    A "C5'" 1 
ATOM   255  C  "C4'" . DT    A 1 13 ? -9.539  18.062  -18.784 1.00 121.52 ?  13  DT    A "C4'" 1 
ATOM   256  O  "O4'" . DT    A 1 13 ? -8.566  17.217  -18.112 1.00 114.77 ?  13  DT    A "O4'" 1 
ATOM   257  C  "C3'" . DT    A 1 13 ? -8.879  19.441  -18.925 1.00 120.54 ?  13  DT    A "C3'" 1 
ATOM   258  O  "O3'" . DT    A 1 13 ? -9.641  20.426  -18.236 1.00 127.02 ?  13  DT    A "O3'" 1 
ATOM   259  C  "C2'" . DT    A 1 13 ? -7.492  19.272  -18.294 1.00 111.73 ?  13  DT    A "C2'" 1 
ATOM   260  C  "C1'" . DT    A 1 13 ? -7.670  18.045  -17.414 1.00 111.48 ?  13  DT    A "C1'" 1 
ATOM   261  N  N1    . DT    A 1 13 ? -6.387  17.307  -17.190 1.00 112.28 ?  13  DT    A N1    1 
ATOM   262  C  C2    . DT    A 1 13 ? -5.906  17.143  -15.905 1.00 108.69 ?  13  DT    A C2    1 
ATOM   263  O  O2    . DT    A 1 13 ? -6.484  17.552  -14.915 1.00 106.81 ?  13  DT    A O2    1 
ATOM   264  N  N3    . DT    A 1 13 ? -4.716  16.467  -15.820 1.00 107.75 ?  13  DT    A N3    1 
ATOM   265  C  C4    . DT    A 1 13 ? -3.966  15.958  -16.868 1.00 107.47 ?  13  DT    A C4    1 
ATOM   266  O  O4    . DT    A 1 13 ? -2.905  15.362  -16.693 1.00 104.23 ?  13  DT    A O4    1 
ATOM   267  C  C5    . DT    A 1 13 ? -4.520  16.175  -18.185 1.00 109.39 ?  13  DT    A C5    1 
ATOM   268  C  C7    . DT    A 1 13 ? -3.798  15.666  -19.397 1.00 109.43 ?  13  DT    A C7    1 
ATOM   269  C  C6    . DT    A 1 13 ? -5.686  16.835  -18.280 1.00 111.11 ?  13  DT    A C6    1 
ATOM   270  P  P     . DC    A 1 14 ? -9.413  21.987  -18.562 1.00 138.77 ?  14  DC    A P     1 
ATOM   271  O  OP1   . DC    A 1 14 ? -10.749 22.607  -18.743 1.00 131.09 ?  14  DC    A OP1   1 
ATOM   272  O  OP2   . DC    A 1 14 ? -8.415  22.076  -19.658 1.00 122.16 ?  14  DC    A OP2   1 
ATOM   273  O  "O5'" . DC    A 1 14 ? -8.722  22.565  -17.229 1.00 126.86 ?  14  DC    A "O5'" 1 
ATOM   274  C  "C5'" . DC    A 1 14 ? -9.353  22.402  -15.958 1.00 119.21 ?  14  DC    A "C5'" 1 
ATOM   275  C  "C4'" . DC    A 1 14 ? -8.334  22.520  -14.835 1.00 122.08 ?  14  DC    A "C4'" 1 
ATOM   276  O  "O4'" . DC    A 1 14 ? -7.369  21.451  -14.936 1.00 120.66 ?  14  DC    A "O4'" 1 
ATOM   277  C  "C3'" . DC    A 1 14 ? -7.514  23.815  -14.835 1.00 122.76 ?  14  DC    A "C3'" 1 
ATOM   278  O  "O3'" . DC    A 1 14 ? -7.930  24.659  -13.752 1.00 124.29 ?  14  DC    A "O3'" 1 
ATOM   279  C  "C2'" . DC    A 1 14 ? -6.050  23.355  -14.674 1.00 114.47 ?  14  DC    A "C2'" 1 
ATOM   280  C  "C1'" . DC    A 1 14 ? -6.176  21.874  -14.335 1.00 111.96 ?  14  DC    A "C1'" 1 
ATOM   281  N  N1    . DC    A 1 14 ? -5.044  21.047  -14.862 1.00 107.12 ?  14  DC    A N1    1 
ATOM   282  C  C2    . DC    A 1 14 ? -4.102  20.526  -13.974 1.00 106.59 ?  14  DC    A C2    1 
ATOM   283  O  O2    . DC    A 1 14 ? -4.225  20.755  -12.765 1.00 113.83 ?  14  DC    A O2    1 
ATOM   284  N  N3    . DC    A 1 14 ? -3.073  19.786  -14.459 1.00 100.60 ?  14  DC    A N3    1 
ATOM   285  C  C4    . DC    A 1 14 ? -2.972  19.564  -15.766 1.00 105.22 ?  14  DC    A C4    1 
ATOM   286  N  N4    . DC    A 1 14 ? -1.944  18.830  -16.195 1.00 106.07 ?  14  DC    A N4    1 
ATOM   287  C  C5    . DC    A 1 14 ? -3.925  20.085  -16.694 1.00 108.53 ?  14  DC    A C5    1 
ATOM   288  C  C6    . DC    A 1 14 ? -4.934  20.817  -16.203 1.00 110.89 ?  14  DC    A C6    1 
ATOM   289  O  "O5'" . G     B 2 1  ? 7.807   14.878  -14.323 1.00 111.62 ?  1   G     B "O5'" 1 
ATOM   290  C  "C5'" . G     B 2 1  ? 8.771   15.029  -13.288 1.00 118.13 ?  1   G     B "C5'" 1 
ATOM   291  C  "C4'" . G     B 2 1  ? 8.541   16.281  -12.470 1.00 122.83 ?  1   G     B "C4'" 1 
ATOM   292  O  "O4'" . G     B 2 1  ? 8.544   17.454  -13.341 1.00 121.64 ?  1   G     B "O4'" 1 
ATOM   293  C  "C3'" . G     B 2 1  ? 7.201   16.374  -11.749 1.00 123.52 ?  1   G     B "C3'" 1 
ATOM   294  O  "O3'" . G     B 2 1  ? 7.102   15.607  -10.561 1.00 119.77 ?  1   G     B "O3'" 1 
ATOM   295  C  "C2'" . G     B 2 1  ? 7.036   17.877  -11.559 1.00 121.56 ?  1   G     B "C2'" 1 
ATOM   296  O  "O2'" . G     B 2 1  ? 7.878   18.364  -10.520 1.00 114.67 ?  1   G     B "O2'" 1 
ATOM   297  C  "C1'" . G     B 2 1  ? 7.558   18.378  -12.907 1.00 116.65 ?  1   G     B "C1'" 1 
ATOM   298  N  N9    . G     B 2 1  ? 6.465   18.354  -13.896 1.00 108.06 ?  1   G     B N9    1 
ATOM   299  C  C8    . G     B 2 1  ? 6.377   17.548  -15.008 1.00 106.91 ?  1   G     B C8    1 
ATOM   300  N  N7    . G     B 2 1  ? 5.268   17.713  -15.681 1.00 107.27 ?  1   G     B N7    1 
ATOM   301  C  C5    . G     B 2 1  ? 4.578   18.674  -14.954 1.00 104.28 ?  1   G     B C5    1 
ATOM   302  C  C6    . G     B 2 1  ? 3.314   19.256  -15.205 1.00 100.43 ?  1   G     B C6    1 
ATOM   303  O  O6    . G     B 2 1  ? 2.547   19.023  -16.147 1.00 101.67 ?  1   G     B O6    1 
ATOM   304  N  N1    . G     B 2 1  ? 2.990   20.188  -14.223 1.00 101.73 ?  1   G     B N1    1 
ATOM   305  C  C2    . G     B 2 1  ? 3.783   20.514  -13.142 1.00 104.67 ?  1   G     B C2    1 
ATOM   306  N  N2    . G     B 2 1  ? 3.295   21.435  -12.298 1.00 103.18 ?  1   G     B N2    1 
ATOM   307  N  N3    . G     B 2 1  ? 4.967   19.980  -12.896 1.00 102.01 ?  1   G     B N3    1 
ATOM   308  C  C4    . G     B 2 1  ? 5.297   19.075  -13.842 1.00 105.06 ?  1   G     B C4    1 
ATOM   309  P  P     . G     B 2 2  ? 5.652   15.076  -10.103 1.00 123.11 ?  2   G     B P     1 
ATOM   310  O  OP1   . G     B 2 2  ? 5.808   14.330  -8.830  1.00 128.42 ?  2   G     B OP1   1 
ATOM   311  O  OP2   . G     B 2 2  ? 4.974   14.440  -11.272 1.00 113.36 ?  2   G     B OP2   1 
ATOM   312  O  "O5'" . G     B 2 2  ? 4.859   16.404  -9.749  1.00 108.74 ?  2   G     B "O5'" 1 
ATOM   313  C  "C5'" . G     B 2 2  ? 5.096   17.092  -8.537  1.00 111.59 ?  2   G     B "C5'" 1 
ATOM   314  C  "C4'" . G     B 2 2  ? 3.927   17.976  -8.214  1.00 115.78 ?  2   G     B "C4'" 1 
ATOM   315  O  "O4'" . G     B 2 2  ? 3.794   18.974  -9.263  1.00 116.22 ?  2   G     B "O4'" 1 
ATOM   316  C  "C3'" . G     B 2 2  ? 2.574   17.277  -8.204  1.00 119.59 ?  2   G     B "C3'" 1 
ATOM   317  O  "O3'" . G     B 2 2  ? 2.285   16.572  -7.011  1.00 128.93 ?  2   G     B "O3'" 1 
ATOM   318  C  "C2'" . G     B 2 2  ? 1.616   18.415  -8.520  1.00 115.94 ?  2   G     B "C2'" 1 
ATOM   319  O  "O2'" . G     B 2 2  ? 1.410   19.251  -7.391  1.00 115.83 ?  2   G     B "O2'" 1 
ATOM   320  C  "C1'" . G     B 2 2  ? 2.426   19.170  -9.568  1.00 113.83 ?  2   G     B "C1'" 1 
ATOM   321  N  N9    . G     B 2 2  ? 2.169   18.570  -10.883 1.00 111.88 ?  2   G     B N9    1 
ATOM   322  C  C8    . G     B 2 2  ? 2.943   17.689  -11.603 1.00 113.17 ?  2   G     B C8    1 
ATOM   323  N  N7    . G     B 2 2  ? 2.385   17.317  -12.725 1.00 110.29 ?  2   G     B N7    1 
ATOM   324  C  C5    . G     B 2 2  ? 1.170   17.983  -12.723 1.00 104.90 ?  2   G     B C5    1 
ATOM   325  C  C6    . G     B 2 2  ? 0.135   17.975  -13.674 1.00 103.89 ?  2   G     B C6    1 
ATOM   326  O  O6    . G     B 2 2  ? 0.117   17.345  -14.735 1.00 105.69 ?  2   G     B O6    1 
ATOM   327  N  N1    . G     B 2 2  ? -0.923  18.796  -13.275 1.00 103.12 ?  2   G     B N1    1 
ATOM   328  C  C2    . G     B 2 2  ? -0.958  19.523  -12.097 1.00 105.56 ?  2   G     B C2    1 
ATOM   329  N  N2    . G     B 2 2  ? -2.044  20.267  -11.842 1.00 102.42 ?  2   G     B N2    1 
ATOM   330  N  N3    . G     B 2 2  ? 0.008   19.533  -11.202 1.00 103.11 ?  2   G     B N3    1 
ATOM   331  C  C4    . G     B 2 2  ? 1.021   18.745  -11.589 1.00 105.25 ?  2   G     B C4    1 
ATOM   332  P  P     . A     B 2 3  ? 1.844   15.025  -7.094  1.00 130.75 ?  3   A     B P     1 
ATOM   333  O  OP1   . A     B 2 3  ? 2.533   14.294  -5.994  1.00 123.35 ?  3   A     B OP1   1 
ATOM   334  O  OP2   . A     B 2 3  ? 2.060   14.580  -8.496  1.00 121.19 ?  3   A     B OP2   1 
ATOM   335  O  "O5'" . A     B 2 3  ? 0.273   15.057  -6.819  1.00 113.65 ?  3   A     B "O5'" 1 
ATOM   336  C  "C5'" . A     B 2 3  ? -0.268  15.922  -5.833  1.00 113.80 ?  3   A     B "C5'" 1 
ATOM   337  C  "C4'" . A     B 2 3  ? -1.467  16.661  -6.361  1.00 118.96 ?  3   A     B "C4'" 1 
ATOM   338  O  "O4'" . A     B 2 3  ? -1.103  17.355  -7.578  1.00 116.76 ?  3   A     B "O4'" 1 
ATOM   339  C  "C3'" . A     B 2 3  ? -2.649  15.797  -6.778  1.00 118.91 ?  3   A     B "C3'" 1 
ATOM   340  O  "O3'" . A     B 2 3  ? -3.464  15.395  -5.701  1.00 118.85 ?  3   A     B "O3'" 1 
ATOM   341  C  "C2'" . A     B 2 3  ? -3.379  16.677  -7.782  1.00 116.37 ?  3   A     B "C2'" 1 
ATOM   342  O  "O2'" . A     B 2 3  ? -4.191  17.640  -7.120  1.00 115.07 ?  3   A     B "O2'" 1 
ATOM   343  C  "C1'" . A     B 2 3  ? -2.211  17.393  -8.460  1.00 116.38 ?  3   A     B "C1'" 1 
ATOM   344  N  N9    . A     B 2 3  ? -1.843  16.768  -9.747  1.00 111.42 ?  3   A     B N9    1 
ATOM   345  C  C8    . A     B 2 3  ? -0.687  16.115  -10.115 1.00 110.57 ?  3   A     B C8    1 
ATOM   346  N  N7    . A     B 2 3  ? -0.693  15.698  -11.363 1.00 107.07 ?  3   A     B N7    1 
ATOM   347  C  C5    . A     B 2 3  ? -1.935  16.110  -11.841 1.00 106.51 ?  3   A     B C5    1 
ATOM   348  C  C6    . A     B 2 3  ? -2.564  15.982  -13.093 1.00 105.27 ?  3   A     B C6    1 
ATOM   349  N  N6    . A     B 2 3  ? -2.007  15.370  -14.139 1.00 103.96 ?  3   A     B N6    1 
ATOM   350  N  N1    . A     B 2 3  ? -3.806  16.503  -13.231 1.00 104.45 ?  3   A     B N1    1 
ATOM   351  C  C2    . A     B 2 3  ? -4.367  17.116  -12.177 1.00 105.55 ?  3   A     B C2    1 
ATOM   352  N  N3    . A     B 2 3  ? -3.884  17.305  -10.951 1.00 99.76  ?  3   A     B N3    1 
ATOM   353  C  C4    . A     B 2 3  ? -2.651  16.769  -10.854 1.00 105.75 ?  3   A     B C4    1 
ATOM   354  P  P     . A     B 2 4  ? -4.158  13.954  -5.755  1.00 125.68 ?  4   A     B P     1 
ATOM   355  O  OP1   . A     B 2 4  ? -4.737  13.705  -4.402  1.00 125.58 ?  4   A     B OP1   1 
ATOM   356  O  OP2   . A     B 2 4  ? -3.170  13.017  -6.366  1.00 115.22 ?  4   A     B OP2   1 
ATOM   357  O  "O5'" . A     B 2 4  ? -5.331  14.122  -6.817  1.00 107.11 ?  4   A     B "O5'" 1 
ATOM   358  C  "C5'" . A     B 2 4  ? -6.446  14.953  -6.546  1.00 108.43 ?  4   A     B "C5'" 1 
ATOM   359  C  "C4'" . A     B 2 4  ? -7.363  15.019  -7.736  1.00 108.28 ?  4   A     B "C4'" 1 
ATOM   360  O  "O4'" . A     B 2 4  ? -6.681  15.675  -8.839  1.00 111.88 ?  4   A     B "O4'" 1 
ATOM   361  C  "C3'" . A     B 2 4  ? -7.772  13.681  -8.325  1.00 113.18 ?  4   A     B "C3'" 1 
ATOM   362  O  "O3'" . A     B 2 4  ? -8.781  13.006  -7.595  1.00 115.64 ?  4   A     B "O3'" 1 
ATOM   363  C  "C2'" . A     B 2 4  ? -8.157  14.063  -9.747  1.00 109.17 ?  4   A     B "C2'" 1 
ATOM   364  O  "O2'" . A     B 2 4  ? -9.398  14.753  -9.766  1.00 106.16 ?  4   A     B "O2'" 1 
ATOM   365  C  "C1'" . A     B 2 4  ? -7.060  15.071  -10.064 1.00 109.06 ?  4   A     B "C1'" 1 
ATOM   366  N  N9    . A     B 2 4  ? -5.880  14.400  -10.636 1.00 104.67 ?  4   A     B N9    1 
ATOM   367  C  C8    . A     B 2 4  ? -4.767  13.923  -9.989  1.00 108.20 ?  4   A     B C8    1 
ATOM   368  N  N7    . A     B 2 4  ? -3.890  13.366  -10.789 1.00 105.70 ?  4   A     B N7    1 
ATOM   369  C  C5    . A     B 2 4  ? -4.466  13.477  -12.048 1.00 106.69 ?  4   A     B C5    1 
ATOM   370  C  C6    . A     B 2 4  ? -4.040  13.078  -13.337 1.00 107.04 ?  4   A     B C6    1 
ATOM   371  N  N6    . A     B 2 4  ? -2.881  12.454  -13.594 1.00 101.73 ?  4   A     B N6    1 
ATOM   372  N  N1    . A     B 2 4  ? -4.867  13.352  -14.374 1.00 107.93 ?  4   A     B N1    1 
ATOM   373  C  C2    . A     B 2 4  ? -6.030  13.976  -14.119 1.00 109.16 ?  4   A     B C2    1 
ATOM   374  N  N3    . A     B 2 4  ? -6.538  14.398  -12.959 1.00 107.18 ?  4   A     B N3    1 
ATOM   375  C  C4    . A     B 2 4  ? -5.697  14.110  -11.956 1.00 104.00 ?  4   A     B C4    1 
ATOM   376  P  P     . G     B 2 5  ? -8.667  11.416  -7.382  1.00 118.80 ?  5   G     B P     1 
ATOM   377  O  OP1   . G     B 2 5  ? -9.146  11.122  -6.005  1.00 119.12 ?  5   G     B OP1   1 
ATOM   378  O  OP2   . G     B 2 5  ? -7.288  10.989  -7.753  1.00 113.22 ?  5   G     B OP2   1 
ATOM   379  O  "O5'" . G     B 2 5  ? -9.658  10.810  -8.477  1.00 103.85 ?  5   G     B "O5'" 1 
ATOM   380  C  "C5'" . G     B 2 5  ? -10.841 11.500  -8.847  1.00 99.73  ?  5   G     B "C5'" 1 
ATOM   381  C  "C4'" . G     B 2 5  ? -11.204 11.264  -10.296 1.00 104.11 ?  5   G     B "C4'" 1 
ATOM   382  O  "O4'" . G     B 2 5  ? -10.347 12.039  -11.173 1.00 103.31 ?  5   G     B "O4'" 1 
ATOM   383  C  "C3'" . G     B 2 5  ? -11.057 9.844   -10.817 1.00 107.15 ?  5   G     B "C3'" 1 
ATOM   384  O  "O3'" . G     B 2 5  ? -12.107 8.986   -10.413 1.00 104.08 ?  5   G     B "O3'" 1 
ATOM   385  C  "C2'" . G     B 2 5  ? -10.972 10.053  -12.325 1.00 104.92 ?  5   G     B "C2'" 1 
ATOM   386  O  "O2'" . G     B 2 5  ? -12.259 10.261  -12.889 1.00 102.85 ?  5   G     B "O2'" 1 
ATOM   387  C  "C1'" . G     B 2 5  ? -10.172 11.356  -12.402 1.00 103.78 ?  5   G     B "C1'" 1 
ATOM   388  N  N9    . G     B 2 5  ? -8.730  11.095  -12.586 1.00 104.38 ?  5   G     B N9    1 
ATOM   389  C  C8    . G     B 2 5  ? -7.775  11.108  -11.597 1.00 106.90 ?  5   G     B C8    1 
ATOM   390  N  N7    . G     B 2 5  ? -6.578  10.825  -12.038 1.00 106.94 ?  5   G     B N7    1 
ATOM   391  C  C5    . G     B 2 5  ? -6.752  10.609  -13.399 1.00 100.47 ?  5   G     B C5    1 
ATOM   392  C  C6    . G     B 2 5  ? -5.798  10.274  -14.393 1.00 101.16 ?  5   G     B C6    1 
ATOM   393  O  O6    . G     B 2 5  ? -4.582  10.091  -14.258 1.00 102.66 ?  5   G     B O6    1 
ATOM   394  N  N1    . G     B 2 5  ? -6.382  10.145  -15.644 1.00 97.77  ?  5   G     B N1    1 
ATOM   395  C  C2    . G     B 2 5  ? -7.718  10.327  -15.884 1.00 101.00 ?  5   G     B C2    1 
ATOM   396  N  N2    . G     B 2 5  ? -8.087  10.162  -17.155 1.00 103.50 ?  5   G     B N2    1 
ATOM   397  N  N3    . G     B 2 5  ? -8.628  10.642  -14.974 1.00 98.82  ?  5   G     B N3    1 
ATOM   398  C  C4    . G     B 2 5  ? -8.076  10.769  -13.754 1.00 100.01 ?  5   G     B C4    1 
ATOM   399  P  P     . C     B 2 6  ? -11.779 7.469   -9.999  1.00 111.68 ?  6   C     B P     1 
ATOM   400  O  OP1   . C     B 2 6  ? -12.863 6.987   -9.101  1.00 119.79 ?  6   C     B OP1   1 
ATOM   401  O  OP2   . C     B 2 6  ? -10.359 7.351   -9.578  1.00 105.92 ?  6   C     B OP2   1 
ATOM   402  O  "O5'" . C     B 2 6  ? -11.944 6.700   -11.369 1.00 100.18 ?  6   C     B "O5'" 1 
ATOM   403  C  "C5'" . C     B 2 6  ? -13.075 6.952   -12.177 1.00 99.91  ?  6   C     B "C5'" 1 
ATOM   404  C  "C4'" . C     B 2 6  ? -12.845 6.402   -13.546 1.00 98.76  ?  6   C     B "C4'" 1 
ATOM   405  O  "O4'" . C     B 2 6  ? -11.981 7.312   -14.278 1.00 101.87 ?  6   C     B "O4'" 1 
ATOM   406  C  "C3'" . C     B 2 6  ? -12.095 5.082   -13.571 1.00 97.52  ?  6   C     B "C3'" 1 
ATOM   407  O  "O3'" . C     B 2 6  ? -12.914 3.958   -13.294 1.00 99.14  ?  6   C     B "O3'" 1 
ATOM   408  C  "C2'" . C     B 2 6  ? -11.466 5.099   -14.954 1.00 96.63  ?  6   C     B "C2'" 1 
ATOM   409  O  "O2'" . C     B 2 6  ? -12.443 4.805   -15.939 1.00 87.82  ?  6   C     B "O2'" 1 
ATOM   410  C  "C1'" . C     B 2 6  ? -11.075 6.577   -15.073 1.00 101.51 ?  6   C     B "C1'" 1 
ATOM   411  N  N1    . C     B 2 6  ? -9.702  6.835   -14.561 1.00 99.79  ?  6   C     B N1    1 
ATOM   412  C  C2    . C     B 2 6  ? -8.623  6.755   -15.444 1.00 97.73  ?  6   C     B C2    1 
ATOM   413  O  O2    . C     B 2 6  ? -8.849  6.488   -16.633 1.00 99.69  ?  6   C     B O2    1 
ATOM   414  N  N3    . C     B 2 6  ? -7.369  6.977   -14.988 1.00 97.55  ?  6   C     B N3    1 
ATOM   415  C  C4    . C     B 2 6  ? -7.169  7.266   -13.703 1.00 99.15  ?  6   C     B C4    1 
ATOM   416  N  N4    . C     B 2 6  ? -5.919  7.475   -13.288 1.00 101.68 ?  6   C     B N4    1 
ATOM   417  C  C5    . C     B 2 6  ? -8.240  7.347   -12.773 1.00 97.72  ?  6   C     B C5    1 
ATOM   418  C  C6    . C     B 2 6  ? -9.470  7.130   -13.243 1.00 96.79  ?  6   C     B C6    1 
ATOM   419  P  P     . U     B 2 7  ? -12.370 2.748   -12.376 1.00 94.54  ?  7   U     B P     1 
ATOM   420  O  OP1   . U     B 2 7  ? -13.546 2.081   -11.777 1.00 99.21  ?  7   U     B OP1   1 
ATOM   421  O  OP2   . U     B 2 7  ? -11.322 3.234   -11.443 1.00 92.02  ?  7   U     B OP2   1 
ATOM   422  O  "O5'" . U     B 2 7  ? -11.734 1.755   -13.449 1.00 98.94  ?  7   U     B "O5'" 1 
ATOM   423  C  "C5'" . U     B 2 7  ? -12.290 1.677   -14.753 1.00 88.96  ?  7   U     B "C5'" 1 
ATOM   424  C  "C4'" . U     B 2 7  ? -11.271 1.245   -15.778 1.00 100.34 ?  7   U     B "C4'" 1 
ATOM   425  O  "O4'" . U     B 2 7  ? -10.473 2.376   -16.224 1.00 103.60 ?  7   U     B "O4'" 1 
ATOM   426  C  "C3'" . U     B 2 7  ? -10.234 0.232   -15.319 1.00 99.53  ?  7   U     B "C3'" 1 
ATOM   427  O  "O3'" . U     B 2 7  ? -10.729 -1.089  -15.250 1.00 96.52  ?  7   U     B "O3'" 1 
ATOM   428  C  "C2'" . U     B 2 7  ? -9.121  0.422   -16.342 1.00 102.44 ?  7   U     B "C2'" 1 
ATOM   429  O  "O2'" . U     B 2 7  ? -9.448  -0.206  -17.574 1.00 95.62  ?  7   U     B "O2'" 1 
ATOM   430  C  "C1'" . U     B 2 7  ? -9.160  1.940   -16.538 1.00 102.19 ?  7   U     B "C1'" 1 
ATOM   431  N  N1    . U     B 2 7  ? -8.203  2.619   -15.631 1.00 101.37 ?  7   U     B N1    1 
ATOM   432  C  C2    . U     B 2 7  ? -6.860  2.509   -15.932 1.00 97.34  ?  7   U     B C2    1 
ATOM   433  O  O2    . U     B 2 7  ? -6.454  1.895   -16.903 1.00 93.02  ?  7   U     B O2    1 
ATOM   434  N  N3    . U     B 2 7  ? -6.023  3.150   -15.043 1.00 98.88  ?  7   U     B N3    1 
ATOM   435  C  C4    . U     B 2 7  ? -6.395  3.863   -13.922 1.00 90.34  ?  7   U     B C4    1 
ATOM   436  O  O4    . U     B 2 7  ? -5.534  4.387   -13.236 1.00 84.39  ?  7   U     B O4    1 
ATOM   437  C  C5    . U     B 2 7  ? -7.795  3.931   -13.673 1.00 89.28  ?  7   U     B C5    1 
ATOM   438  C  C6    . U     B 2 7  ? -8.625  3.314   -14.515 1.00 96.75  ?  7   U     B C6    1 
ATOM   439  P  P     . C     B 2 8  ? -10.294 -2.025  -14.025 1.00 104.95 ?  8   C     B P     1 
ATOM   440  O  OP1   . C     B 2 8  ? -11.182 -3.230  -13.973 1.00 99.60  ?  8   C     B OP1   1 
ATOM   441  O  OP2   . C     B 2 8  ? -10.191 -1.123  -12.844 1.00 103.81 ?  8   C     B OP2   1 
ATOM   442  O  "O5'" . C     B 2 8  ? -8.847  -2.514  -14.464 1.00 98.16  ?  8   C     B "O5'" 1 
ATOM   443  C  "C5'" . C     B 2 8  ? -8.651  -3.052  -15.762 1.00 97.79  ?  8   C     B "C5'" 1 
ATOM   444  C  "C4'" . C     B 2 8  ? -7.191  -3.156  -16.103 1.00 102.19 ?  8   C     B "C4'" 1 
ATOM   445  O  "O4'" . C     B 2 8  ? -6.616  -1.829  -16.202 1.00 102.68 ?  8   C     B "O4'" 1 
ATOM   446  C  "C3'" . C     B 2 8  ? -6.321  -3.860  -15.073 1.00 99.08  ?  8   C     B "C3'" 1 
ATOM   447  O  "O3'" . C     B 2 8  ? -6.379  -5.274  -15.174 1.00 100.50 ?  8   C     B "O3'" 1 
ATOM   448  C  "C2'" . C     B 2 8  ? -4.943  -3.287  -15.362 1.00 98.52  ?  8   C     B "C2'" 1 
ATOM   449  O  "O2'" . C     B 2 8  ? -4.383  -3.917  -16.506 1.00 99.07  ?  8   C     B "O2'" 1 
ATOM   450  C  "C1'" . C     B 2 8  ? -5.287  -1.843  -15.723 1.00 96.08  ?  8   C     B "C1'" 1 
ATOM   451  N  N1    . C     B 2 8  ? -5.202  -0.922  -14.564 1.00 98.63  ?  8   C     B N1    1 
ATOM   452  C  C2    . C     B 2 8  ? -3.966  -0.389  -14.188 1.00 97.14  ?  8   C     B C2    1 
ATOM   453  O  O2    . C     B 2 8  ? -2.949  -0.706  -14.814 1.00 104.36 ?  8   C     B O2    1 
ATOM   454  N  N3    . C     B 2 8  ? -3.895  0.464   -13.150 1.00 89.85  ?  8   C     B N3    1 
ATOM   455  C  C4    . C     B 2 8  ? -5.001  0.800   -12.493 1.00 93.74  ?  8   C     B C4    1 
ATOM   456  N  N4    . C     B 2 8  ? -4.884  1.645   -11.464 1.00 105.59 ?  8   C     B N4    1 
ATOM   457  C  C5    . C     B 2 8  ? -6.276  0.289   -12.846 1.00 93.99  ?  8   C     B C5    1 
ATOM   458  C  C6    . C     B 2 8  ? -6.327  -0.557  -13.879 1.00 101.50 ?  8   C     B C6    1 
ATOM   459  P  P     . U     B 2 9  ? -6.211  -6.183  -13.862 1.00 99.45  ?  9   U     B P     1 
ATOM   460  O  OP1   . U     B 2 9  ? -6.744  -7.548  -14.092 1.00 100.18 ?  9   U     B OP1   1 
ATOM   461  O  OP2   . U     B 2 9  ? -6.767  -5.382  -12.738 1.00 112.86 ?  9   U     B OP2   1 
ATOM   462  O  "O5'" . U     B 2 9  ? -4.631  -6.307  -13.688 1.00 100.78 ?  9   U     B "O5'" 1 
ATOM   463  C  "C5'" . U     B 2 9  ? -3.793  -6.577  -14.804 1.00 103.73 ?  9   U     B "C5'" 1 
ATOM   464  C  "C4'" . U     B 2 9  ? -2.372  -6.132  -14.556 1.00 104.47 ?  9   U     B "C4'" 1 
ATOM   465  O  "O4'" . U     B 2 9  ? -2.290  -4.681  -14.547 1.00 101.49 ?  9   U     B "O4'" 1 
ATOM   466  C  "C3'" . U     B 2 9  ? -1.765  -6.536  -13.220 1.00 101.99 ?  9   U     B "C3'" 1 
ATOM   467  O  "O3'" . U     B 2 9  ? -1.325  -7.878  -13.182 1.00 104.67 ?  9   U     B "O3'" 1 
ATOM   468  C  "C2'" . U     B 2 9  ? -0.642  -5.527  -13.057 1.00 105.61 ?  9   U     B "C2'" 1 
ATOM   469  O  "O2'" . U     B 2 9  ? 0.466   -5.883  -13.871 1.00 107.94 ?  9   U     B "O2'" 1 
ATOM   470  C  "C1'" . U     B 2 9  ? -1.293  -4.264  -13.635 1.00 103.41 ?  9   U     B "C1'" 1 
ATOM   471  N  N1    . U     B 2 9  ? -1.898  -3.421  -12.568 1.00 99.75  ?  9   U     B N1    1 
ATOM   472  C  C2    . U     B 2 9  ? -1.062  -2.467  -12.008 1.00 96.70  ?  9   U     B C2    1 
ATOM   473  O  O2    . U     B 2 9  ? 0.087   -2.310  -12.383 1.00 98.40  ?  9   U     B O2    1 
ATOM   474  N  N3    . U     B 2 9  ? -1.592  -1.695  -11.010 1.00 90.17  ?  9   U     B N3    1 
ATOM   475  C  C4    . U     B 2 9  ? -2.866  -1.787  -10.516 1.00 93.00  ?  9   U     B C4    1 
ATOM   476  O  O4    . U     B 2 9  ? -3.200  -1.014  -9.614  1.00 85.12  ?  9   U     B O4    1 
ATOM   477  C  C5    . U     B 2 9  ? -3.677  -2.801  -11.132 1.00 96.39  ?  9   U     B C5    1 
ATOM   478  C  C6    . U     B 2 9  ? -3.187  -3.572  -12.105 1.00 94.98  ?  9   U     B C6    1 
ATOM   479  P  P     . G     B 2 10 ? -1.670  -8.791  -11.905 1.00 120.10 ?  10  G     B P     1 
ATOM   480  O  OP1   . G     B 2 10 ? -0.693  -9.911  -11.835 1.00 118.25 ?  10  G     B OP1   1 
ATOM   481  O  OP2   . G     B 2 10 ? -3.131  -9.079  -11.942 1.00 113.29 ?  10  G     B OP2   1 
ATOM   482  O  "O5'" . G     B 2 10 ? -1.351  -7.844  -10.665 1.00 115.30 ?  10  G     B "O5'" 1 
ATOM   483  C  "C5'" . G     B 2 10 ? -0.480  -8.282  -9.633  1.00 105.46 ?  10  G     B "C5'" 1 
ATOM   484  C  "C4'" . G     B 2 10 ? 0.800   -7.482  -9.600  1.00 99.05  ?  10  G     B "C4'" 1 
ATOM   485  O  "O4'" . G     B 2 10 ? 0.580   -6.153  -10.144 1.00 98.13  ?  10  G     B "O4'" 1 
ATOM   486  C  "C3'" . G     B 2 10 ? 1.345   -7.239  -8.205  1.00 96.96  ?  10  G     B "C3'" 1 
ATOM   487  O  "O3'" . G     B 2 10 ? 2.119   -8.327  -7.735  1.00 103.84 ?  10  G     B "O3'" 1 
ATOM   488  C  "C2'" . G     B 2 10 ? 2.113   -5.932  -8.354  1.00 96.68  ?  10  G     B "C2'" 1 
ATOM   489  O  "O2'" . G     B 2 10 ? 3.386   -6.145  -8.939  1.00 103.16 ?  10  G     B "O2'" 1 
ATOM   490  C  "C1'" . G     B 2 10 ? 1.239   -5.187  -9.355  1.00 95.60  ?  10  G     B "C1'" 1 
ATOM   491  N  N9    . G     B 2 10 ? 0.206   -4.389  -8.667  1.00 97.80  ?  10  G     B N9    1 
ATOM   492  C  C8    . G     B 2 10 ? -1.158  -4.575  -8.748  1.00 94.74  ?  10  G     B C8    1 
ATOM   493  N  N7    . G     B 2 10 ? -1.828  -3.715  -8.027  1.00 94.29  ?  10  G     B N7    1 
ATOM   494  C  C5    . G     B 2 10 ? -0.858  -2.904  -7.423  1.00 96.97  ?  10  G     B C5    1 
ATOM   495  C  C6    . G     B 2 10 ? -0.992  -1.785  -6.516  1.00 95.97  ?  10  G     B C6    1 
ATOM   496  O  O6    . G     B 2 10 ? -2.036  -1.260  -6.039  1.00 86.31  ?  10  G     B O6    1 
ATOM   497  N  N1    . G     B 2 10 ? 0.274   -1.276  -6.168  1.00 86.99  ?  10  G     B N1    1 
ATOM   498  C  C2    . G     B 2 10 ? 1.483   -1.766  -6.629  1.00 88.23  ?  10  G     B C2    1 
ATOM   499  N  N2    . G     B 2 10 ? 2.576   -1.138  -6.175  1.00 87.38  ?  10  G     B N2    1 
ATOM   500  N  N3    . G     B 2 10 ? 1.623   -2.799  -7.458  1.00 87.09  ?  10  G     B N3    1 
ATOM   501  C  C4    . G     B 2 10 ? 0.415   -3.318  -7.813  1.00 94.35  ?  10  G     B C4    1 
ATOM   502  P  P     . A     B 2 11 ? 1.769   -9.023  -6.325  1.00 106.99 ?  11  A     B P     1 
ATOM   503  O  OP1   . A     B 2 11 ? 0.332   -8.783  -6.002  1.00 97.67  ?  11  A     B OP1   1 
ATOM   504  O  OP2   . A     B 2 11 ? 2.798   -8.524  -5.365  1.00 89.63  ?  11  A     B OP2   1 
ATOM   505  O  "O5'" . A     B 2 11 ? 1.941   -10.600 -6.596  1.00 103.10 ?  11  A     B "O5'" 1 
ATOM   506  C  "C5'" . A     B 2 11 ? 2.906   -11.121 -7.512  1.00 88.59  ?  11  A     B "C5'" 1 
ATOM   507  C  "C4'" . A     B 2 11 ? 3.940   -12.011 -6.837  1.00 83.79  ?  11  A     B "C4'" 1 
ATOM   508  O  "O4'" . A     B 2 11 ? 5.261   -11.467 -7.069  1.00 78.78  ?  11  A     B "O4'" 1 
ATOM   509  C  "C3'" . A     B 2 11 ? 3.868   -12.164 -5.317  1.00 84.23  ?  11  A     B "C3'" 1 
ATOM   510  O  "O3'" . A     B 2 11 ? 2.921   -13.127 -4.892  1.00 85.55  ?  11  A     B "O3'" 1 
ATOM   511  C  "C2'" . A     B 2 11 ? 5.301   -12.531 -4.931  1.00 77.57  ?  11  A     B "C2'" 1 
ATOM   512  O  "O2'" . A     B 2 11 ? 5.533   -13.928 -5.062  1.00 70.70  ?  11  A     B "O2'" 1 
ATOM   513  C  "C1'" . A     B 2 11 ? 6.117   -11.789 -5.990  1.00 74.55  ?  11  A     B "C1'" 1 
ATOM   514  N  N9    . A     B 2 11 ? 6.691   -10.548 -5.466  1.00 67.01  ?  11  A     B N9    1 
ATOM   515  C  C8    . A     B 2 11 ? 6.472   -9.258  -5.865  1.00 70.36  ?  11  A     B C8    1 
ATOM   516  N  N7    . A     B 2 11 ? 7.158   -8.368  -5.182  1.00 64.45  ?  11  A     B N7    1 
ATOM   517  C  C5    . A     B 2 11 ? 7.864   -9.142  -4.285  1.00 63.89  ?  11  A     B C5    1 
ATOM   518  C  C6    . A     B 2 11 ? 8.767   -8.785  -3.274  1.00 71.04  ?  11  A     B C6    1 
ATOM   519  N  N6    . A     B 2 11 ? 9.111   -7.514  -3.019  1.00 68.62  ?  11  A     B N6    1 
ATOM   520  N  N1    . A     B 2 11 ? 9.293   -9.803  -2.545  1.00 69.85  ?  11  A     B N1    1 
ATOM   521  C  C2    . A     B 2 11 ? 8.910   -11.064 -2.848  1.00 72.06  ?  11  A     B C2    1 
ATOM   522  N  N3    . A     B 2 11 ? 8.065   -11.534 -3.778  1.00 61.57  ?  11  A     B N3    1 
ATOM   523  C  C4    . A     B 2 11 ? 7.580   -10.489 -4.452  1.00 62.43  ?  11  A     B C4    1 
ATOM   524  P  P     . C     B 2 12 ? 2.082   -12.872 -3.546  1.00 84.11  ?  12  C     B P     1 
ATOM   525  O  OP1   . C     B 2 12 ? 1.532   -14.153 -3.030  1.00 83.08  ?  12  C     B OP1   1 
ATOM   526  O  OP2   . C     B 2 12 ? 1.142   -11.764 -3.844  1.00 85.79  ?  12  C     B OP2   1 
ATOM   527  O  "O5'" . C     B 2 12 ? 3.189   -12.492 -2.469  1.00 67.04  ?  12  C     B "O5'" 1 
ATOM   528  C  "C5'" . C     B 2 12 ? 3.575   -13.465 -1.514  1.00 66.33  ?  12  C     B "C5'" 1 
ATOM   529  C  "C4'" . C     B 2 12 ? 4.589   -12.927 -0.542  1.00 71.47  ?  12  C     B "C4'" 1 
ATOM   530  O  "O4'" . C     B 2 12 ? 5.597   -12.165 -1.248  1.00 73.81  ?  12  C     B "O4'" 1 
ATOM   531  C  "C3'" . C     B 2 12 ? 4.061   -11.958 0.490   1.00 71.12  ?  12  C     B "C3'" 1 
ATOM   532  O  "O3'" . C     B 2 12 ? 3.381   -12.612 1.548   1.00 66.69  ?  12  C     B "O3'" 1 
ATOM   533  C  "C2'" . C     B 2 12 ? 5.311   -11.168 0.891   1.00 68.64  ?  12  C     B "C2'" 1 
ATOM   534  O  "O2'" . C     B 2 12 ? 6.117   -11.869 1.820   1.00 81.15  ?  12  C     B "O2'" 1 
ATOM   535  C  "C1'" . C     B 2 12 ? 6.080   -11.123 -0.425  1.00 63.91  ?  12  C     B "C1'" 1 
ATOM   536  N  N1    . C     B 2 12 ? 5.883   -9.853  -1.132  1.00 62.29  ?  12  C     B N1    1 
ATOM   537  C  C2    . C     B 2 12 ? 6.559   -8.745  -0.641  1.00 68.64  ?  12  C     B C2    1 
ATOM   538  O  O2    . C     B 2 12 ? 7.283   -8.886  0.374   1.00 70.70  ?  12  C     B O2    1 
ATOM   539  N  N3    . C     B 2 12 ? 6.387   -7.567  -1.292  1.00 64.71  ?  12  C     B N3    1 
ATOM   540  C  C4    . C     B 2 12 ? 5.592   -7.511  -2.362  1.00 63.94  ?  12  C     B C4    1 
ATOM   541  N  N4    . C     B 2 12 ? 5.449   -6.340  -2.964  1.00 65.36  ?  12  C     B N4    1 
ATOM   542  C  C5    . C     B 2 12 ? 4.902   -8.643  -2.872  1.00 67.29  ?  12  C     B C5    1 
ATOM   543  C  C6    . C     B 2 12 ? 5.080   -9.794  -2.229  1.00 67.09  ?  12  C     B C6    1 
ATOM   544  P  P     . C     B 2 13 ? 1.981   -12.015 2.061   1.00 77.14  ?  13  C     B P     1 
ATOM   545  O  OP1   . C     B 2 13 ? 1.341   -12.956 3.017   1.00 70.29  ?  13  C     B OP1   1 
ATOM   546  O  OP2   . C     B 2 13 ? 1.155   -11.552 0.913   1.00 71.61  ?  13  C     B OP2   1 
ATOM   547  O  "O5'" . C     B 2 13 ? 2.468   -10.752 2.878   1.00 63.14  ?  13  C     B "O5'" 1 
ATOM   548  C  "C5'" . C     B 2 13 ? 3.366   -10.943 3.943   1.00 55.08  ?  13  C     B "C5'" 1 
ATOM   549  C  "C4'" . C     B 2 13 ? 3.735   -9.640  4.584   1.00 55.92  ?  13  C     B "C4'" 1 
ATOM   550  O  "O4'" . C     B 2 13 ? 4.514   -8.859  3.665   1.00 60.69  ?  13  C     B "O4'" 1 
ATOM   551  C  "C3'" . C     B 2 13 ? 2.601   -8.715  4.946   1.00 53.02  ?  13  C     B "C3'" 1 
ATOM   552  O  "O3'" . C     B 2 13 ? 1.945   -9.085  6.131   1.00 56.07  ?  13  C     B "O3'" 1 
ATOM   553  C  "C2'" . C     B 2 13 ? 3.306   -7.381  5.063   1.00 53.92  ?  13  C     B "C2'" 1 
ATOM   554  O  "O2'" . C     B 2 13 ? 4.008   -7.317  6.295   1.00 50.57  ?  13  C     B "O2'" 1 
ATOM   555  C  "C1'" . C     B 2 13 ? 4.324   -7.492  3.937   1.00 54.10  ?  13  C     B "C1'" 1 
ATOM   556  N  N1    . C     B 2 13 ? 3.896   -6.837  2.690   1.00 49.01  ?  13  C     B N1    1 
ATOM   557  C  C2    . C     B 2 13 ? 4.107   -5.479  2.611   1.00 51.68  ?  13  C     B C2    1 
ATOM   558  O  O2    . C     B 2 13 ? 4.608   -4.935  3.611   1.00 54.91  ?  13  C     B O2    1 
ATOM   559  N  N3    . C     B 2 13 ? 3.777   -4.825  1.479   1.00 50.72  ?  13  C     B N3    1 
ATOM   560  C  C4    . C     B 2 13 ? 3.252   -5.518  0.463   1.00 59.05  ?  13  C     B C4    1 
ATOM   561  N  N4    . C     B 2 13 ? 2.914   -4.857  -0.660  1.00 63.72  ?  13  C     B N4    1 
ATOM   562  C  C5    . C     B 2 13 ? 3.022   -6.925  0.538   1.00 57.91  ?  13  C     B C5    1 
ATOM   563  C  C6    . C     B 2 13 ? 3.368   -7.546  1.663   1.00 54.93  ?  13  C     B C6    1 
ATOM   564  P  P     . G     B 2 14 ? 0.374   -8.816  6.227   1.00 54.34  ?  14  G     B P     1 
ATOM   565  O  OP1   . G     B 2 14 ? -0.089  -9.508  7.448   1.00 54.91  ?  14  G     B OP1   1 
ATOM   566  O  OP2   . G     B 2 14 ? -0.282  -9.148  4.940   1.00 43.69  ?  14  G     B OP2   1 
ATOM   567  O  "O5'" . G     B 2 14 ? 0.311   -7.235  6.396   1.00 49.81  ?  14  G     B "O5'" 1 
ATOM   568  C  "C5'" . G     B 2 14 ? 0.989   -6.602  7.459   1.00 42.80  ?  14  G     B "C5'" 1 
ATOM   569  C  "C4'" . G     B 2 14 ? 0.862   -5.108  7.369   1.00 42.13  ?  14  G     B "C4'" 1 
ATOM   570  O  "O4'" . G     B 2 14 ? 1.512   -4.663  6.170   1.00 53.52  ?  14  G     B "O4'" 1 
ATOM   571  C  "C3'" . G     B 2 14 ? -0.543  -4.599  7.227   1.00 37.34  ?  14  G     B "C3'" 1 
ATOM   572  O  "O3'" . G     B 2 14 ? -1.193  -4.500  8.464   1.00 35.84  ?  14  G     B "O3'" 1 
ATOM   573  C  "C2'" . G     B 2 14 ? -0.364  -3.261  6.528   1.00 46.56  ?  14  G     B "C2'" 1 
ATOM   574  O  "O2'" . G     B 2 14 ? -0.060  -2.230  7.452   1.00 42.78  ?  14  G     B "O2'" 1 
ATOM   575  C  "C1'" . G     B 2 14 ? 0.868   -3.518  5.671   1.00 50.90  ?  14  G     B "C1'" 1 
ATOM   576  N  N9    . G     B 2 14 ? 0.589   -3.720  4.234   1.00 42.39  ?  14  G     B N9    1 
ATOM   577  C  C8    . G     B 2 14 ? 0.530   -4.919  3.611   1.00 46.76  ?  14  G     B C8    1 
ATOM   578  N  N7    . G     B 2 14 ? 0.340   -4.802  2.314   1.00 51.28  ?  14  G     B N7    1 
ATOM   579  C  C5    . G     B 2 14 ? 0.294   -3.446  2.073   1.00 44.26  ?  14  G     B C5    1 
ATOM   580  C  C6    . G     B 2 14 ? 0.091   -2.754  0.857   1.00 49.29  ?  14  G     B C6    1 
ATOM   581  O  O6    . G     B 2 14 ? -0.091  -3.211  -0.289  1.00 58.10  ?  14  G     B O6    1 
ATOM   582  N  N1    . G     B 2 14 ? 0.112   -1.395  1.055   1.00 46.18  ?  14  G     B N1    1 
ATOM   583  C  C2    . G     B 2 14 ? 0.293   -0.818  2.272   1.00 48.65  ?  14  G     B C2    1 
ATOM   584  N  N2    . G     B 2 14 ? 0.283   0.517   2.253   1.00 56.85  ?  14  G     B N2    1 
ATOM   585  N  N3    . G     B 2 14 ? 0.476   -1.450  3.418   1.00 42.23  ?  14  G     B N3    1 
ATOM   586  C  C4    . G     B 2 14 ? 0.462   -2.766  3.245   1.00 41.67  ?  14  G     B C4    1 
ATOM   587  P  P     . A     B 2 15 ? -2.766  -4.804  8.518   1.00 38.24  ?  15  A     B P     1 
ATOM   588  O  OP1   . A     B 2 15 ? -3.009  -6.249  8.239   1.00 40.32  ?  15  A     B OP1   1 
ATOM   589  O  OP2   . A     B 2 15 ? -3.432  -3.785  7.669   1.00 41.14  ?  15  A     B OP2   1 
ATOM   590  O  "O5'" . A     B 2 15 ? -3.143  -4.544  10.044  1.00 50.56  ?  15  A     B "O5'" 1 
ATOM   591  C  "C5'" . A     B 2 15 ? -2.487  -5.255  11.076  1.00 47.93  ?  15  A     B "C5'" 1 
ATOM   592  C  "C4'" . A     B 2 15 ? -2.501  -4.501  12.384  1.00 48.96  ?  15  A     B "C4'" 1 
ATOM   593  O  "O4'" . A     B 2 15 ? -1.370  -3.597  12.473  1.00 53.02  ?  15  A     B "O4'" 1 
ATOM   594  C  "C3'" . A     B 2 15 ? -3.699  -3.609  12.653  1.00 42.61  ?  15  A     B "C3'" 1 
ATOM   595  O  "O3'" . A     B 2 15 ? -4.814  -4.346  13.099  1.00 47.33  ?  15  A     B "O3'" 1 
ATOM   596  C  "C2'" . A     B 2 15 ? -3.158  -2.679  13.714  1.00 46.54  ?  15  A     B "C2'" 1 
ATOM   597  O  "O2'" . A     B 2 15 ? -3.066  -3.378  14.936  1.00 50.98  ?  15  A     B "O2'" 1 
ATOM   598  C  "C1'" . A     B 2 15 ? -1.737  -2.454  13.220  1.00 48.42  ?  15  A     B "C1'" 1 
ATOM   599  N  N9    . A     B 2 15 ? -1.656  -1.280  12.329  1.00 47.16  ?  15  A     B N9    1 
ATOM   600  C  C8    . A     B 2 15 ? -1.788  -1.303  10.982  1.00 43.10  ?  15  A     B C8    1 
ATOM   601  N  N7    . A     B 2 15 ? -1.659  -0.109  10.459  1.00 49.40  ?  15  A     B N7    1 
ATOM   602  C  C5    . A     B 2 15 ? -1.445  0.757   11.503  1.00 40.69  ?  15  A     B C5    1 
ATOM   603  C  C6    . A     B 2 15 ? -1.237  2.149   11.549  1.00 44.42  ?  15  A     B C6    1 
ATOM   604  N  N6    . A     B 2 15 ? -1.226  3.008   10.513  1.00 41.08  ?  15  A     B N6    1 
ATOM   605  N  N1    . A     B 2 15 ? -1.074  2.661   12.771  1.00 47.66  ?  15  A     B N1    1 
ATOM   606  C  C2    . A     B 2 15 ? -1.105  1.825   13.814  1.00 47.29  ?  15  A     B C2    1 
ATOM   607  N  N3    . A     B 2 15 ? -1.280  0.508   13.880  1.00 44.56  ?  15  A     B N3    1 
ATOM   608  C  C4    . A     B 2 15 ? -1.443  0.031   12.664  1.00 41.08  ?  15  A     B C4    1 
ATOM   609  P  P     . C     B 2 16 ? -6.290  -3.740  12.979  1.00 56.03  ?  16  C     B P     1 
ATOM   610  O  OP1   . C     B 2 16 ? -7.286  -4.714  13.533  1.00 51.49  ?  16  C     B OP1   1 
ATOM   611  O  OP2   . C     B 2 16 ? -6.461  -3.278  11.561  1.00 57.67  ?  16  C     B OP2   1 
ATOM   612  O  "O5'" . C     B 2 16 ? -6.249  -2.482  13.957  1.00 48.71  ?  16  C     B "O5'" 1 
ATOM   613  C  "C5'" . C     B 2 16 ? -6.326  -2.648  15.367  1.00 51.15  ?  16  C     B "C5'" 1 
ATOM   614  C  "C4'" . C     B 2 16 ? -6.235  -1.315  16.065  1.00 46.93  ?  16  C     B "C4'" 1 
ATOM   615  O  "O4'" . C     B 2 16 ? -5.072  -0.586  15.585  1.00 41.77  ?  16  C     B "O4'" 1 
ATOM   616  C  "C3'" . C     B 2 16 ? -7.424  -0.415  15.814  1.00 39.86  ?  16  C     B "C3'" 1 
ATOM   617  O  "O3'" . C     B 2 16 ? -8.365  -0.586  16.849  1.00 38.35  ?  16  C     B "O3'" 1 
ATOM   618  C  "C2'" . C     B 2 16 ? -6.846  1.000   15.763  1.00 43.60  ?  16  C     B "C2'" 1 
ATOM   619  O  "O2'" . C     B 2 16 ? -6.934  1.631   17.025  1.00 55.24  ?  16  C     B "O2'" 1 
ATOM   620  C  "C1'" . C     B 2 16 ? -5.367  0.771   15.425  1.00 38.38  ?  16  C     B "C1'" 1 
ATOM   621  N  N1    . C     B 2 16 ? -5.032  1.147   14.048  1.00 39.70  ?  16  C     B N1    1 
ATOM   622  C  C2    . C     B 2 16 ? -4.415  2.373   13.795  1.00 43.02  ?  16  C     B C2    1 
ATOM   623  O  O2    . C     B 2 16 ? -4.164  3.149   14.708  1.00 48.47  ?  16  C     B O2    1 
ATOM   624  N  N3    . C     B 2 16 ? -4.103  2.727   12.544  1.00 44.59  ?  16  C     B N3    1 
ATOM   625  C  C4    . C     B 2 16 ? -4.420  1.889   11.579  1.00 39.38  ?  16  C     B C4    1 
ATOM   626  N  N4    . C     B 2 16 ? -4.092  2.272   10.356  1.00 46.55  ?  16  C     B N4    1 
ATOM   627  C  C5    . C     B 2 16 ? -5.062  0.638   11.795  1.00 42.03  ?  16  C     B C5    1 
ATOM   628  C  C6    . C     B 2 16 ? -5.345  0.288   13.041  1.00 43.12  ?  16  C     B C6    1 
ATOM   629  P  P     . C     B 2 17 ? -9.910  -0.828  16.513  1.00 48.87  ?  17  C     B P     1 
ATOM   630  O  OP1   . C     B 2 17 ? -10.858 -0.634  17.628  1.00 38.41  ?  17  C     B OP1   1 
ATOM   631  O  OP2   . C     B 2 17 ? -9.895  -2.128  15.780  1.00 48.72  ?  17  C     B OP2   1 
ATOM   632  O  "O5'" . C     B 2 17 ? -10.297 0.453   15.662  1.00 42.88  ?  17  C     B "O5'" 1 
ATOM   633  C  "C5'" . C     B 2 17 ? -10.548 1.689   16.293  1.00 34.47  ?  17  C     B "C5'" 1 
ATOM   634  C  "C4'" . C     B 2 17 ? -11.043 2.687   15.274  1.00 47.80  ?  17  C     B "C4'" 1 
ATOM   635  O  "O4'" . C     B 2 17 ? -9.996  2.954   14.306  1.00 44.85  ?  17  C     B "O4'" 1 
ATOM   636  C  "C3'" . C     B 2 17 ? -12.214 2.207   14.440  1.00 45.51  ?  17  C     B "C3'" 1 
ATOM   637  O  "O3'" . C     B 2 17 ? -13.453 2.439   15.078  1.00 44.59  ?  17  C     B "O3'" 1 
ATOM   638  C  "C2'" . C     B 2 17 ? -12.049 2.964   13.136  1.00 42.18  ?  17  C     B "C2'" 1 
ATOM   639  O  "O2'" . C     B 2 17 ? -12.560 4.270   13.276  1.00 47.16  ?  17  C     B "O2'" 1 
ATOM   640  C  "C1'" . C     B 2 17 ? -10.533 3.050   13.008  1.00 39.54  ?  17  C     B "C1'" 1 
ATOM   641  N  N1    . C     B 2 17 ? -9.961  1.942   12.205  1.00 45.67  ?  17  C     B N1    1 
ATOM   642  C  C2    . C     B 2 17 ? -10.170 1.752   10.831  1.00 51.83  ?  17  C     B C2    1 
ATOM   643  O  O2    . C     B 2 17 ? -10.875 2.542   10.179  1.00 58.11  ?  17  C     B O2    1 
ATOM   644  N  N3    . C     B 2 17 ? -9.603  0.680   10.216  1.00 55.77  ?  17  C     B N3    1 
ATOM   645  C  C4    . C     B 2 17 ? -8.850  -0.186  10.881  1.00 51.28  ?  17  C     B C4    1 
ATOM   646  N  N4    . C     B 2 17 ? -8.313  -1.207  10.226  1.00 53.79  ?  17  C     B N4    1 
ATOM   647  C  C5    . C     B 2 17 ? -8.621  -0.031  12.262  1.00 51.63  ?  17  C     B C5    1 
ATOM   648  C  C6    . C     B 2 17 ? -9.195  1.023   12.861  1.00 52.35  ?  17  C     B C6    1 
ATOM   649  P  P     . C     B 2 18 ? -14.626 1.359   14.895  1.00 48.03  ?  18  C     B P     1 
ATOM   650  O  OP1   . C     B 2 18 ? -15.800 1.795   15.697  1.00 53.95  ?  18  C     B OP1   1 
ATOM   651  O  OP2   . C     B 2 18 ? -14.054 -0.008  15.095  1.00 50.58  ?  18  C     B OP2   1 
ATOM   652  O  "O5'" . C     B 2 18 ? -14.969 1.461   13.348  1.00 44.06  ?  18  C     B "O5'" 1 
ATOM   653  C  "C5'" . C     B 2 18 ? -15.439 2.669   12.786  1.00 45.41  ?  18  C     B "C5'" 1 
ATOM   654  C  "C4'" . C     B 2 18 ? -15.621 2.525   11.295  1.00 49.31  ?  18  C     B "C4'" 1 
ATOM   655  O  "O4'" . C     B 2 18 ? -14.331 2.466   10.631  1.00 38.06  ?  18  C     B "O4'" 1 
ATOM   656  C  "C3'" . C     B 2 18 ? -16.331 1.264   10.854  1.00 43.00  ?  18  C     B "C3'" 1 
ATOM   657  O  "O3'" . C     B 2 18 ? -17.737 1.408   10.933  1.00 36.28  ?  18  C     B "O3'" 1 
ATOM   658  C  "C2'" . C     B 2 18 ? -15.835 1.090   9.439   1.00 41.87  ?  18  C     B "C2'" 1 
ATOM   659  O  "O2'" . C     B 2 18 ? -16.541 2.002   8.611   1.00 52.47  ?  18  C     B "O2'" 1 
ATOM   660  C  "C1'" . C     B 2 18 ? -14.385 1.575   9.558   1.00 42.26  ?  18  C     B "C1'" 1 
ATOM   661  N  N1    . C     B 2 18 ? -13.434 0.470   9.831   1.00 48.64  ?  18  C     B N1    1 
ATOM   662  C  C2    . C     B 2 18 ? -12.811 -0.237  8.795   1.00 53.73  ?  18  C     B C2    1 
ATOM   663  O  O2    . C     B 2 18 ? -13.020 0.070   7.606   1.00 51.32  ?  18  C     B O2    1 
ATOM   664  N  N3    . C     B 2 18 ? -11.971 -1.255  9.101   1.00 57.05  ?  18  C     B N3    1 
ATOM   665  C  C4    . C     B 2 18 ? -11.722 -1.580  10.359  1.00 48.32  ?  18  C     B C4    1 
ATOM   666  N  N4    . C     B 2 18 ? -10.869 -2.572  10.611  1.00 51.28  ?  18  C     B N4    1 
ATOM   667  C  C5    . C     B 2 18 ? -12.317 -0.871  11.412  1.00 46.17  ?  18  C     B C5    1 
ATOM   668  C  C6    . C     B 2 18 ? -13.151 0.118   11.110  1.00 48.10  ?  18  C     B C6    1 
ATOM   669  P  P     . C     B 2 19 ? -18.638 0.128   11.288  1.00 49.63  ?  19  C     B P     1 
ATOM   670  O  OP1   . C     B 2 19 ? -20.054 0.603   11.514  1.00 38.99  ?  19  C     B OP1   1 
ATOM   671  O  OP2   . C     B 2 19 ? -17.872 -0.745  12.227  1.00 35.57  ?  19  C     B OP2   1 
ATOM   672  O  "O5'" . C     B 2 19 ? -18.654 -0.712  9.929   1.00 51.42  ?  19  C     B "O5'" 1 
ATOM   673  C  "C5'" . C     B 2 19 ? -19.218 -0.151  8.767   1.00 42.59  ?  19  C     B "C5'" 1 
ATOM   674  C  "C4'" . C     B 2 19 ? -19.162 -1.097  7.609   1.00 46.42  ?  19  C     B "C4'" 1 
ATOM   675  O  "O4'" . C     B 2 19 ? -17.802 -1.196  7.111   1.00 47.77  ?  19  C     B "O4'" 1 
ATOM   676  C  "C3'" . C     B 2 19 ? -19.544 -2.535  7.896   1.00 55.86  ?  19  C     B "C3'" 1 
ATOM   677  O  "O3'" . C     B 2 19 ? -20.936 -2.740  7.932   1.00 59.72  ?  19  C     B "O3'" 1 
ATOM   678  C  "C2'" . C     B 2 19 ? -18.898 -3.254  6.739   1.00 54.77  ?  19  C     B "C2'" 1 
ATOM   679  O  "O2'" . C     B 2 19 ? -19.658 -2.968  5.573   1.00 52.75  ?  19  C     B "O2'" 1 
ATOM   680  C  "C1'" . C     B 2 19 ? -17.572 -2.506  6.652   1.00 52.55  ?  19  C     B "C1'" 1 
ATOM   681  N  N1    . C     B 2 19 ? -16.558 -3.110  7.533   1.00 49.95  ?  19  C     B N1    1 
ATOM   682  C  C2    . C     B 2 19 ? -15.818 -4.194  7.061   1.00 61.53  ?  19  C     B C2    1 
ATOM   683  O  O2    . C     B 2 19 ? -16.038 -4.643  5.903   1.00 60.72  ?  19  C     B O2    1 
ATOM   684  N  N3    . C     B 2 19 ? -14.871 -4.727  7.877   1.00 59.36  ?  19  C     B N3    1 
ATOM   685  C  C4    . C     B 2 19 ? -14.669 -4.218  9.078   1.00 56.20  ?  19  C     B C4    1 
ATOM   686  N  N4    . C     B 2 19 ? -13.719 -4.762  9.829   1.00 66.66  ?  19  C     B N4    1 
ATOM   687  C  C5    . C     B 2 19 ? -15.402 -3.113  9.566   1.00 57.49  ?  19  C     B C5    1 
ATOM   688  C  C6    . C     B 2 19 ? -16.325 -2.594  8.758   1.00 51.44  ?  19  C     B C6    1 
ATOM   689  P  P     . C     B 2 20 ? -21.531 -3.973  8.765   1.00 55.83  ?  20  C     B P     1 
ATOM   690  O  OP1   . C     B 2 20 ? -23.007 -3.814  8.687   1.00 62.48  ?  20  C     B OP1   1 
ATOM   691  O  OP2   . C     B 2 20 ? -20.816 -4.175  10.049  1.00 54.87  ?  20  C     B OP2   1 
ATOM   692  O  "O5'" . C     B 2 20 ? -21.034 -5.228  7.951   1.00 54.56  ?  20  C     B "O5'" 1 
ATOM   693  C  "C5'" . C     B 2 20 ? -21.447 -5.437  6.621   1.00 55.03  ?  20  C     B "C5'" 1 
ATOM   694  C  "C4'" . C     B 2 20 ? -20.716 -6.613  6.045   1.00 48.98  ?  20  C     B "C4'" 1 
ATOM   695  O  "O4'" . C     B 2 20 ? -19.289 -6.445  6.209   1.00 49.85  ?  20  C     B "O4'" 1 
ATOM   696  C  "C3'" . C     B 2 20 ? -20.965 -7.920  6.738   1.00 46.93  ?  20  C     B "C3'" 1 
ATOM   697  O  "O3'" . C     B 2 20 ? -22.226 -8.451  6.435   1.00 52.71  ?  20  C     B "O3'" 1 
ATOM   698  C  "C2'" . C     B 2 20 ? -19.788 -8.749  6.261   1.00 44.44  ?  20  C     B "C2'" 1 
ATOM   699  O  "O2'" . C     B 2 20 ? -19.953 -9.071  4.887   1.00 47.18  ?  20  C     B "O2'" 1 
ATOM   700  C  "C1'" . C     B 2 20 ? -18.691 -7.713  6.300   1.00 42.80  ?  20  C     B "C1'" 1 
ATOM   701  N  N1    . C     B 2 20 ? -17.863 -7.767  7.490   1.00 43.35  ?  20  C     B N1    1 
ATOM   702  C  C2    . C     B 2 20 ? -16.903 -8.773  7.517   1.00 51.76  ?  20  C     B C2    1 
ATOM   703  O  O2    . C     B 2 20 ? -16.862 -9.592  6.601   1.00 52.21  ?  20  C     B O2    1 
ATOM   704  N  N3    . C     B 2 20 ? -16.035 -8.852  8.537   1.00 53.32  ?  20  C     B N3    1 
ATOM   705  C  C4    . C     B 2 20 ? -16.148 -7.942  9.490   1.00 49.92  ?  20  C     B C4    1 
ATOM   706  N  N4    . C     B 2 20 ? -15.301 -8.071  10.493  1.00 59.64  ?  20  C     B N4    1 
ATOM   707  C  C5    . C     B 2 20 ? -17.111 -6.887  9.473   1.00 48.61  ?  20  C     B C5    1 
ATOM   708  C  C6    . C     B 2 20 ? -17.957 -6.806  8.442   1.00 50.48  ?  20  C     B C6    1 
ATOM   709  P  P     . A     B 2 21 ? -22.989 -9.317  7.544   1.00 63.18  ?  21  A     B P     1 
ATOM   710  O  OP1   . A     B 2 21 ? -24.203 -9.875  6.866   1.00 63.05  ?  21  A     B OP1   1 
ATOM   711  O  OP2   . A     B 2 21 ? -23.193 -8.452  8.747   1.00 54.42  ?  21  A     B OP2   1 
ATOM   712  O  "O5'" . A     B 2 21 ? -21.966 -10.507 7.849   1.00 37.68  ?  21  A     B "O5'" 1 
ATOM   713  C  "C5'" . A     B 2 21 ? -22.285 -11.815 7.446   1.00 38.59  ?  21  A     B "C5'" 1 
ATOM   714  C  "C4'" . A     B 2 21 ? -21.123 -12.741 7.626   1.00 46.63  ?  21  A     B "C4'" 1 
ATOM   715  O  "O4'" . A     B 2 21 ? -19.904 -11.974 7.677   1.00 47.54  ?  21  A     B "O4'" 1 
ATOM   716  C  "C3'" . A     B 2 21 ? -21.087 -13.509 8.925   1.00 55.98  ?  21  A     B "C3'" 1 
ATOM   717  O  "O3'" . A     B 2 21 ? -22.004 -14.571 8.984   1.00 56.32  ?  21  A     B "O3'" 1 
ATOM   718  C  "C2'" . A     B 2 21 ? -19.624 -13.908 9.025   1.00 56.37  ?  21  A     B "C2'" 1 
ATOM   719  O  "O2'" . A     B 2 21 ? -19.314 -14.965 8.137   1.00 52.07  ?  21  A     B "O2'" 1 
ATOM   720  C  "C1'" . A     B 2 21 ? -18.956 -12.657 8.476   1.00 54.90  ?  21  A     B "C1'" 1 
ATOM   721  N  N9    . A     B 2 21 ? -18.431 -11.773 9.537   1.00 51.77  ?  21  A     B N9    1 
ATOM   722  C  C8    . A     B 2 21 ? -18.841 -10.554 9.997   1.00 47.42  ?  21  A     B C8    1 
ATOM   723  N  N7    . A     B 2 21 ? -18.042 -10.075 10.930  1.00 51.05  ?  21  A     B N7    1 
ATOM   724  C  C5    . A     B 2 21 ? -17.059 -11.044 11.080  1.00 51.57  ?  21  A     B C5    1 
ATOM   725  C  C6    . A     B 2 21 ? -15.931 -11.176 11.908  1.00 60.18  ?  21  A     B C6    1 
ATOM   726  N  N6    . A     B 2 21 ? -15.540 -10.281 12.806  1.00 69.99  ?  21  A     B N6    1 
ATOM   727  N  N1    . A     B 2 21 ? -15.168 -12.276 11.806  1.00 62.43  ?  21  A     B N1    1 
ATOM   728  C  C2    . A     B 2 21 ? -15.534 -13.200 10.923  1.00 62.66  ?  21  A     B C2    1 
ATOM   729  N  N3    . A     B 2 21 ? -16.562 -13.200 10.087  1.00 58.80  ?  21  A     B N3    1 
ATOM   730  C  C4    . A     B 2 21 ? -17.291 -12.083 10.226  1.00 53.35  ?  21  A     B C4    1 
ATOM   731  P  P     . G     B 2 22 ? -23.049 -14.596 10.196  1.00 72.18  ?  22  G     B P     1 
ATOM   732  O  OP1   . G     B 2 22 ? -24.301 -15.189 9.631   1.00 60.98  ?  22  G     B OP1   1 
ATOM   733  O  OP2   . G     B 2 22 ? -23.135 -13.233 10.786  1.00 72.21  ?  22  G     B OP2   1 
ATOM   734  O  "O5'" . G     B 2 22 ? -22.286 -15.451 11.316  1.00 67.31  ?  22  G     B "O5'" 1 
ATOM   735  C  "C5'" . G     B 2 22 ? -21.696 -16.698 10.989  1.00 67.44  ?  22  G     B "C5'" 1 
ATOM   736  C  "C4'" . G     B 2 22 ? -20.358 -16.933 11.657  1.00 77.10  ?  22  G     B "C4'" 1 
ATOM   737  O  "O4'" . G     B 2 22 ? -19.473 -15.790 11.515  1.00 79.83  ?  22  G     B "O4'" 1 
ATOM   738  C  "C3'" . G     B 2 22 ? -20.343 -17.179 13.155  1.00 91.17  ?  22  G     B "C3'" 1 
ATOM   739  O  "O3'" . G     B 2 22 ? -20.868 -18.440 13.541  1.00 99.94  ?  22  G     B "O3'" 1 
ATOM   740  C  "C2'" . G     B 2 22 ? -18.864 -16.986 13.493  1.00 84.39  ?  22  G     B "C2'" 1 
ATOM   741  O  "O2'" . G     B 2 22 ? -18.113 -18.132 13.122  1.00 84.10  ?  22  G     B "O2'" 1 
ATOM   742  C  "C1'" . G     B 2 22 ? -18.486 -15.844 12.542  1.00 78.05  ?  22  G     B "C1'" 1 
ATOM   743  N  N9    . G     B 2 22 ? -18.355 -14.542 13.231  1.00 72.32  ?  22  G     B N9    1 
ATOM   744  C  C8    . G     B 2 22 ? -19.143 -13.420 13.149  1.00 74.16  ?  22  G     B C8    1 
ATOM   745  N  N7    . G     B 2 22 ? -18.704 -12.427 13.899  1.00 72.54  ?  22  G     B N7    1 
ATOM   746  C  C5    . G     B 2 22 ? -17.568 -12.923 14.506  1.00 66.67  ?  22  G     B C5    1 
ATOM   747  C  C6    . G     B 2 22 ? -16.682 -12.312 15.417  1.00 70.79  ?  22  G     B C6    1 
ATOM   748  O  O6    . G     B 2 22 ? -16.716 -11.171 15.889  1.00 70.73  ?  22  G     B O6    1 
ATOM   749  N  N1    . G     B 2 22 ? -15.665 -13.176 15.780  1.00 72.92  ?  22  G     B N1    1 
ATOM   750  C  C2    . G     B 2 22 ? -15.531 -14.457 15.316  1.00 74.96  ?  22  G     B C2    1 
ATOM   751  N  N2    . G     B 2 22 ? -14.483 -15.151 15.778  1.00 75.26  ?  22  G     B N2    1 
ATOM   752  N  N3    . G     B 2 22 ? -16.350 -15.034 14.459  1.00 77.00  ?  22  G     B N3    1 
ATOM   753  C  C4    . G     B 2 22 ? -17.344 -14.216 14.101  1.00 71.22  ?  22  G     B C4    1 
ATOM   754  P  P     . C     B 2 23 ? -21.600 -18.602 14.972  1.00 106.41 ?  23  C     B P     1 
ATOM   755  O  OP1   . C     B 2 23 ? -22.258 -19.937 14.937  1.00 101.21 ?  23  C     B OP1   1 
ATOM   756  O  OP2   . C     B 2 23 ? -22.444 -17.411 15.262  1.00 96.29  ?  23  C     B OP2   1 
ATOM   757  O  "O5'" . C     B 2 23 ? -20.389 -18.605 16.015  1.00 90.32  ?  23  C     B "O5'" 1 
ATOM   758  C  "C5'" . C     B 2 23 ? -19.313 -19.516 15.837  1.00 97.73  ?  23  C     B "C5'" 1 
ATOM   759  C  "C4'" . C     B 2 23 ? -18.207 -19.297 16.835  1.00 100.57 ?  23  C     B "C4'" 1 
ATOM   760  O  "O4'" . C     B 2 23 ? -17.431 -18.122 16.479  1.00 97.75  ?  23  C     B "O4'" 1 
ATOM   761  C  "C3'" . C     B 2 23 ? -18.645 -19.017 18.264  1.00 111.99 ?  23  C     B "C3'" 1 
ATOM   762  O  "O3'" . C     B 2 23 ? -19.057 -20.167 18.977  1.00 121.13 ?  23  C     B "O3'" 1 
ATOM   763  C  "C2'" . C     B 2 23 ? -17.420 -18.328 18.850  1.00 105.46 ?  23  C     B "C2'" 1 
ATOM   764  O  "O2'" . C     B 2 23 ? -16.421 -19.279 19.196  1.00 105.40 ?  23  C     B "O2'" 1 
ATOM   765  C  "C1'" . C     B 2 23 ? -16.955 -17.489 17.656  1.00 98.14  ?  23  C     B "C1'" 1 
ATOM   766  N  N1    . C     B 2 23 ? -17.520 -16.117 17.745  1.00 91.77  ?  23  C     B N1    1 
ATOM   767  C  C2    . C     B 2 23 ? -16.776 -15.168 18.467  1.00 86.70  ?  23  C     B C2    1 
ATOM   768  O  O2    . C     B 2 23 ? -15.681 -15.486 18.955  1.00 83.29  ?  23  C     B O2    1 
ATOM   769  N  N3    . C     B 2 23 ? -17.259 -13.918 18.606  1.00 84.89  ?  23  C     B N3    1 
ATOM   770  C  C4    . C     B 2 23 ? -18.440 -13.614 18.059  1.00 90.15  ?  23  C     B C4    1 
ATOM   771  N  N4    . C     B 2 23 ? -18.868 -12.359 18.217  1.00 90.86  ?  23  C     B N4    1 
ATOM   772  C  C5    . C     B 2 23 ? -19.238 -14.558 17.333  1.00 85.79  ?  23  C     B C5    1 
ATOM   773  C  C6    . C     B 2 23 ? -18.747 -15.795 17.207  1.00 86.92  ?  23  C     B C6    1 
ATOM   774  P  P     . C     B 2 24 ? -20.145 -20.020 20.149  1.00 117.58 ?  24  C     B P     1 
ATOM   775  O  OP1   . C     B 2 24 ? -20.313 -21.390 20.700  1.00 122.44 ?  24  C     B OP1   1 
ATOM   776  O  OP2   . C     B 2 24 ? -21.351 -19.291 19.642  1.00 105.15 ?  24  C     B OP2   1 
ATOM   777  O  "O5'" . C     B 2 24 ? -19.369 -19.163 21.241  1.00 103.99 ?  24  C     B "O5'" 1 
ATOM   778  C  "C5'" . C     B 2 24 ? -18.197 -19.700 21.829  1.00 108.52 ?  24  C     B "C5'" 1 
ATOM   779  C  "C4'" . C     B 2 24 ? -17.463 -18.688 22.668  1.00 113.35 ?  24  C     B "C4'" 1 
ATOM   780  O  "O4'" . C     B 2 24 ? -17.098 -17.526 21.880  1.00 109.70 ?  24  C     B "O4'" 1 
ATOM   781  C  "C3'" . C     B 2 24 ? -18.223 -18.094 23.841  1.00 111.31 ?  24  C     B "C3'" 1 
ATOM   782  O  "O3'" . C     B 2 24 ? -18.333 -18.978 24.941  1.00 111.62 ?  24  C     B "O3'" 1 
ATOM   783  C  "C2'" . C     B 2 24 ? -17.412 -16.839 24.140  1.00 113.46 ?  24  C     B "C2'" 1 
ATOM   784  O  "O2'" . C     B 2 24 ? -16.228 -17.154 24.865  1.00 114.23 ?  24  C     B "O2'" 1 
ATOM   785  C  "C1'" . C     B 2 24 ? -17.026 -16.388 22.723  1.00 107.90 ?  24  C     B "C1'" 1 
ATOM   786  N  N1    . C     B 2 24 ? -17.952 -15.342 22.227  1.00 106.75 ?  24  C     B N1    1 
ATOM   787  C  C2    . C     B 2 24 ? -17.766 -14.035 22.715  1.00 104.35 ?  24  C     B C2    1 
ATOM   788  O  O2    . C     B 2 24 ? -16.833 -13.790 23.507  1.00 103.69 ?  24  C     B O2    1 
ATOM   789  N  N3    . C     B 2 24 ? -18.607 -13.052 22.307  1.00 106.85 ?  24  C     B N3    1 
ATOM   790  C  C4    . C     B 2 24 ? -19.595 -13.328 21.445  1.00 107.23 ?  24  C     B C4    1 
ATOM   791  N  N4    . C     B 2 24 ? -20.387 -12.307 21.089  1.00 108.77 ?  24  C     B N4    1 
ATOM   792  C  C5    . C     B 2 24 ? -19.815 -14.652 20.936  1.00 99.94  ?  24  C     B C5    1 
ATOM   793  C  C6    . C     B 2 24 ? -18.982 -15.622 21.353  1.00 102.17 ?  24  C     B C6    1 
ATOM   794  O  "O5'" . G     C 3 1  ? -12.331 -6.253  22.425  1.00 97.73  ?  25  G     C "O5'" 1 
ATOM   795  C  "C5'" . G     C 3 1  ? -11.496 -6.492  23.554  1.00 101.62 ?  25  G     C "C5'" 1 
ATOM   796  C  "C4'" . G     C 3 1  ? -11.406 -7.964  23.854  1.00 97.61  ?  25  G     C "C4'" 1 
ATOM   797  O  "O4'" . G     C 3 1  ? -12.715 -8.459  24.231  1.00 97.88  ?  25  G     C "O4'" 1 
ATOM   798  C  "C3'" . G     C 3 1  ? -11.000 -8.820  22.670  1.00 91.52  ?  25  G     C "C3'" 1 
ATOM   799  O  "O3'" . G     C 3 1  ? -9.600  -8.902  22.549  1.00 95.18  ?  25  G     C "O3'" 1 
ATOM   800  C  "C2'" . G     C 3 1  ? -11.662 -10.158 22.957  1.00 91.59  ?  25  G     C "C2'" 1 
ATOM   801  O  "O2'" . G     C 3 1  ? -10.888 -10.913 23.884  1.00 97.15  ?  25  G     C "O2'" 1 
ATOM   802  C  "C1'" . G     C 3 1  ? -12.949 -9.717  23.645  1.00 90.23  ?  25  G     C "C1'" 1 
ATOM   803  N  N9    . G     C 3 1  ? -14.075 -9.575  22.711  1.00 82.54  ?  25  G     C N9    1 
ATOM   804  C  C8    . G     C 3 1  ? -14.820 -8.439  22.515  1.00 84.82  ?  25  G     C C8    1 
ATOM   805  N  N7    . G     C 3 1  ? -15.779 -8.601  21.642  1.00 86.68  ?  25  G     C N7    1 
ATOM   806  C  C5    . G     C 3 1  ? -15.656 -9.926  21.245  1.00 86.03  ?  25  G     C C5    1 
ATOM   807  C  C6    . G     C 3 1  ? -16.417 -10.675 20.315  1.00 83.98  ?  25  G     C C6    1 
ATOM   808  O  O6    . G     C 3 1  ? -17.381 -10.293 19.646  1.00 87.43  ?  25  G     C O6    1 
ATOM   809  N  N1    . G     C 3 1  ? -15.962 -11.991 20.208  1.00 85.38  ?  25  G     C N1    1 
ATOM   810  C  C2    . G     C 3 1  ? -14.905 -12.517 20.917  1.00 84.55  ?  25  G     C C2    1 
ATOM   811  N  N2    . G     C 3 1  ? -14.612 -13.805 20.694  1.00 82.70  ?  25  G     C N2    1 
ATOM   812  N  N3    . G     C 3 1  ? -14.188 -11.828 21.791  1.00 86.37  ?  25  G     C N3    1 
ATOM   813  C  C4    . G     C 3 1  ? -14.613 -10.548 21.904  1.00 88.03  ?  25  G     C C4    1 
ATOM   814  P  P     . C     C 3 2  ? -8.951  -8.836  21.095  1.00 101.28 ?  26  C     C P     1 
ATOM   815  O  OP1   . C     C 3 2  ? -7.477  -8.624  21.228  1.00 91.04  ?  26  C     C OP1   1 
ATOM   816  O  OP2   . C     C 3 2  ? -9.811  -7.899  20.323  1.00 104.14 ?  26  C     C OP2   1 
ATOM   817  O  "O5'" . C     C 3 2  ? -9.225  -10.289 20.517  1.00 89.06  ?  26  C     C "O5'" 1 
ATOM   818  C  "C5'" . C     C 3 2  ? -8.787  -11.428 21.234  1.00 89.73  ?  26  C     C "C5'" 1 
ATOM   819  C  "C4'" . C     C 3 2  ? -9.259  -12.697 20.580  1.00 81.32  ?  26  C     C "C4'" 1 
ATOM   820  O  "O4'" . C     C 3 2  ? -10.691 -12.816 20.724  1.00 74.08  ?  26  C     C "O4'" 1 
ATOM   821  C  "C3'" . C     C 3 2  ? -9.023  -12.787 19.089  1.00 75.72  ?  26  C     C "C3'" 1 
ATOM   822  O  "O3'" . C     C 3 2  ? -7.713  -13.228 18.799  1.00 79.96  ?  26  C     C "O3'" 1 
ATOM   823  C  "C2'" . C     C 3 2  ? -10.094 -13.758 18.637  1.00 73.50  ?  26  C     C "C2'" 1 
ATOM   824  O  "O2'" . C     C 3 2  ? -9.677  -15.086 18.905  1.00 72.42  ?  26  C     C "O2'" 1 
ATOM   825  C  "C1'" . C     C 3 2  ? -11.241 -13.410 19.583  1.00 70.81  ?  26  C     C "C1'" 1 
ATOM   826  N  N1    . C     C 3 2  ? -12.188 -12.439 19.022  1.00 73.16  ?  26  C     C N1    1 
ATOM   827  C  C2    . C     C 3 2  ? -13.139 -12.859 18.101  1.00 75.00  ?  26  C     C C2    1 
ATOM   828  O  O2    . C     C 3 2  ? -13.134 -14.045 17.758  1.00 78.61  ?  26  C     C O2    1 
ATOM   829  N  N3    . C     C 3 2  ? -14.025 -11.973 17.603  1.00 72.32  ?  26  C     C N3    1 
ATOM   830  C  C4    . C     C 3 2  ? -13.970 -10.718 18.032  1.00 74.20  ?  26  C     C C4    1 
ATOM   831  N  N4    . C     C 3 2  ? -14.854 -9.862  17.532  1.00 82.34  ?  26  C     C N4    1 
ATOM   832  C  C5    . C     C 3 2  ? -13.014 -10.268 18.985  1.00 80.04  ?  26  C     C C5    1 
ATOM   833  C  C6    . C     C 3 2  ? -12.144 -11.155 19.460  1.00 78.83  ?  26  C     C C6    1 
ATOM   834  P  P     . U     C 3 3  ? -7.015  -12.777 17.430  1.00 92.08  ?  27  U     C P     1 
ATOM   835  O  OP1   . U     C 3 3  ? -5.653  -13.370 17.407  1.00 87.64  ?  27  U     C OP1   1 
ATOM   836  O  OP2   . U     C 3 3  ? -7.085  -11.286 17.297  1.00 76.64  ?  27  U     C OP2   1 
ATOM   837  O  "O5'" . U     C 3 3  ? -7.880  -13.568 16.352  1.00 75.56  ?  27  U     C "O5'" 1 
ATOM   838  C  "C5'" . U     C 3 3  ? -7.810  -14.983 16.337  1.00 72.82  ?  27  U     C "C5'" 1 
ATOM   839  C  "C4'" . U     C 3 3  ? -8.715  -15.606 15.308  1.00 75.84  ?  27  U     C "C4'" 1 
ATOM   840  O  "O4'" . U     C 3 3  ? -10.100 -15.404 15.671  1.00 75.00  ?  27  U     C "O4'" 1 
ATOM   841  C  "C3'" . U     C 3 3  ? -8.623  -15.054 13.902  1.00 69.88  ?  27  U     C "C3'" 1 
ATOM   842  O  "O3'" . U     C 3 3  ? -7.523  -15.560 13.194  1.00 62.76  ?  27  U     C "O3'" 1 
ATOM   843  C  "C2'" . U     C 3 3  ? -9.952  -15.463 13.297  1.00 72.95  ?  27  U     C "C2'" 1 
ATOM   844  O  "O2'" . U     C 3 3  ? -9.900  -16.808 12.837  1.00 63.48  ?  27  U     C "O2'" 1 
ATOM   845  C  "C1'" . U     C 3 3  ? -10.890 -15.342 14.510  1.00 71.20  ?  27  U     C "C1'" 1 
ATOM   846  N  N1    . U     C 3 3  ? -11.586 -14.043 14.512  1.00 67.71  ?  27  U     C N1    1 
ATOM   847  C  C2    . U     C 3 3  ? -12.751 -14.002 13.763  1.00 70.02  ?  27  U     C C2    1 
ATOM   848  O  O2    . U     C 3 3  ? -13.189 -14.986 13.177  1.00 67.75  ?  27  U     C O2    1 
ATOM   849  N  N3    . U     C 3 3  ? -13.383 -12.782 13.753  1.00 66.09  ?  27  U     C N3    1 
ATOM   850  C  C4    . U     C 3 3  ? -12.939 -11.642 14.385  1.00 67.08  ?  27  U     C C4    1 
ATOM   851  O  O4    . U     C 3 3  ? -13.621 -10.628 14.273  1.00 66.95  ?  27  U     C O4    1 
ATOM   852  C  C5    . U     C 3 3  ? -11.706 -11.768 15.121  1.00 69.33  ?  27  U     C C5    1 
ATOM   853  C  C6    . U     C 3 3  ? -11.071 -12.942 15.164  1.00 64.86  ?  27  U     C C6    1 
ATOM   854  P  P     . G     C 3 4  ? -6.831  -14.616 12.111  1.00 77.45  ?  28  G     C P     1 
ATOM   855  O  OP1   . G     C 3 4  ? -5.564  -15.273 11.692  1.00 75.20  ?  28  G     C OP1   1 
ATOM   856  O  OP2   . G     C 3 4  ? -6.744  -13.251 12.687  1.00 74.02  ?  28  G     C OP2   1 
ATOM   857  O  "O5'" . G     C 3 4  ? -7.893  -14.610 10.911  1.00 73.20  ?  28  G     C "O5'" 1 
ATOM   858  C  "C5'" . G     C 3 4  ? -8.092  -15.786 10.150  1.00 63.30  ?  28  G     C "C5'" 1 
ATOM   859  C  "C4'" . G     C 3 4  ? -9.383  -15.784 9.377   1.00 62.32  ?  28  G     C "C4'" 1 
ATOM   860  O  "O4'" . G     C 3 4  ? -10.516 -15.499 10.234  1.00 68.09  ?  28  G     C "O4'" 1 
ATOM   861  C  "C3'" . G     C 3 4  ? -9.524  -14.763 8.275   1.00 62.01  ?  28  G     C "C3'" 1 
ATOM   862  O  "O3'" . G     C 3 4  ? -8.749  -15.047 7.128   1.00 60.89  ?  28  G     C "O3'" 1 
ATOM   863  C  "C2'" . G     C 3 4  ? -11.024 -14.770 8.037   1.00 58.87  ?  28  G     C "C2'" 1 
ATOM   864  O  "O2'" . G     C 3 4  ? -11.400 -15.947 7.362   1.00 57.12  ?  28  G     C "O2'" 1 
ATOM   865  C  "C1'" . G     C 3 4  ? -11.535 -14.868 9.473   1.00 66.13  ?  28  G     C "C1'" 1 
ATOM   866  N  N9    . G     C 3 4  ? -11.766 -13.526 10.036  1.00 60.08  ?  28  G     C N9    1 
ATOM   867  C  C8    . G     C 3 4  ? -11.046 -12.961 11.041  1.00 58.81  ?  28  G     C C8    1 
ATOM   868  N  N7    . G     C 3 4  ? -11.453 -11.757 11.321  1.00 63.67  ?  28  G     C N7    1 
ATOM   869  C  C5    . G     C 3 4  ? -12.490 -11.506 10.429  1.00 59.25  ?  28  G     C C5    1 
ATOM   870  C  C6    . G     C 3 4  ? -13.293 -10.347 10.262  1.00 58.96  ?  28  G     C C6    1 
ATOM   871  O  O6    . G     C 3 4  ? -13.240 -9.291  10.916  1.00 61.94  ?  28  G     C O6    1 
ATOM   872  N  N1    . G     C 3 4  ? -14.225 -10.496 9.241   1.00 53.29  ?  28  G     C N1    1 
ATOM   873  C  C2    . G     C 3 4  ? -14.354 -11.630 8.484   1.00 57.40  ?  28  G     C C2    1 
ATOM   874  N  N2    . G     C 3 4  ? -15.317 -11.620 7.539   1.00 53.26  ?  28  G     C N2    1 
ATOM   875  N  N3    . G     C 3 4  ? -13.598 -12.714 8.641   1.00 57.44  ?  28  G     C N3    1 
ATOM   876  C  C4    . G     C 3 4  ? -12.692 -12.588 9.624   1.00 55.46  ?  28  G     C C4    1 
ATOM   877  P  P     . G     C 3 5  ? -7.811  -13.873 6.566   1.00 61.58  ?  29  G     C P     1 
ATOM   878  O  OP1   . G     C 3 5  ? -6.653  -14.387 5.780   1.00 67.25  ?  29  G     C OP1   1 
ATOM   879  O  OP2   . G     C 3 5  ? -7.392  -13.152 7.801   1.00 60.48  ?  29  G     C OP2   1 
ATOM   880  O  "O5'" . G     C 3 5  ? -8.825  -13.008 5.660   1.00 52.94  ?  29  G     C "O5'" 1 
ATOM   881  C  "C5'" . G     C 3 5  ? -9.731  -13.652 4.765   1.00 55.03  ?  29  G     C "C5'" 1 
ATOM   882  C  "C4'" . G     C 3 5  ? -10.887 -12.770 4.322   1.00 57.19  ?  29  G     C "C4'" 1 
ATOM   883  O  "O4'" . G     C 3 5  ? -11.845 -12.559 5.406   1.00 63.16  ?  29  G     C "O4'" 1 
ATOM   884  C  "C3'" . G     C 3 5  ? -10.543 -11.363 3.863   1.00 46.91  ?  29  G     C "C3'" 1 
ATOM   885  O  "O3'" . G     C 3 5  ? -10.049 -11.331 2.563   1.00 46.59  ?  29  G     C "O3'" 1 
ATOM   886  C  "C2'" . G     C 3 5  ? -11.873 -10.635 4.005   1.00 51.19  ?  29  G     C "C2'" 1 
ATOM   887  O  "O2'" . G     C 3 5  ? -12.740 -10.862 2.907   1.00 42.22  ?  29  G     C "O2'" 1 
ATOM   888  C  "C1'" . G     C 3 5  ? -12.437 -11.278 5.278   1.00 55.94  ?  29  G     C "C1'" 1 
ATOM   889  N  N9    . G     C 3 5  ? -12.025 -10.423 6.403   1.00 54.82  ?  29  G     C N9    1 
ATOM   890  C  C8    . G     C 3 5  ? -10.948 -10.500 7.251   1.00 50.21  ?  29  G     C C8    1 
ATOM   891  N  N7    . G     C 3 5  ? -10.898 -9.459  8.044   1.00 54.47  ?  29  G     C N7    1 
ATOM   892  C  C5    . G     C 3 5  ? -11.971 -8.639  7.650   1.00 58.69  ?  29  G     C C5    1 
ATOM   893  C  C6    . G     C 3 5  ? -12.464 -7.370  8.098   1.00 61.04  ?  29  G     C C6    1 
ATOM   894  O  O6    . G     C 3 5  ? -12.053 -6.626  9.003   1.00 59.74  ?  29  G     C O6    1 
ATOM   895  N  N1    . G     C 3 5  ? -13.585 -6.963  7.379   1.00 59.97  ?  29  G     C N1    1 
ATOM   896  C  C2    . G     C 3 5  ? -14.187 -7.644  6.359   1.00 51.21  ?  29  G     C C2    1 
ATOM   897  N  N2    . G     C 3 5  ? -15.273 -7.088  5.783   1.00 40.38  ?  29  G     C N2    1 
ATOM   898  N  N3    . G     C 3 5  ? -13.734 -8.795  5.942   1.00 49.88  ?  29  G     C N3    1 
ATOM   899  C  C4    . G     C 3 5  ? -12.648 -9.220  6.616   1.00 54.30  ?  29  G     C C4    1 
ATOM   900  P  P     . G     C 3 6  ? -9.122  -10.118 2.070   1.00 59.40  ?  30  G     C P     1 
ATOM   901  O  OP1   . G     C 3 6  ? -8.843  -10.421 0.641   1.00 66.49  ?  30  G     C OP1   1 
ATOM   902  O  OP2   . G     C 3 6  ? -8.013  -9.914  3.055   1.00 62.51  ?  30  G     C OP2   1 
ATOM   903  O  "O5'" . G     C 3 6  ? -10.084 -8.856  2.003   1.00 45.85  ?  30  G     C "O5'" 1 
ATOM   904  C  "C5'" . G     C 3 6  ? -11.165 -8.861  1.112   1.00 45.28  ?  30  G     C "C5'" 1 
ATOM   905  C  "C4'" . G     C 3 6  ? -12.022 -7.643  1.260   1.00 48.39  ?  30  G     C "C4'" 1 
ATOM   906  O  "O4'" . G     C 3 6  ? -12.629 -7.561  2.579   1.00 46.67  ?  30  G     C "O4'" 1 
ATOM   907  C  "C3'" . G     C 3 6  ? -11.305 -6.323  1.099   1.00 46.44  ?  30  G     C "C3'" 1 
ATOM   908  O  "O3'" . G     C 3 6  ? -11.094 -6.014  -0.258  1.00 44.46  ?  30  G     C "O3'" 1 
ATOM   909  C  "C2'" . G     C 3 6  ? -12.262 -5.361  1.772   1.00 45.86  ?  30  G     C "C2'" 1 
ATOM   910  O  "O2'" . G     C 3 6  ? -13.344 -5.086  0.910   1.00 46.20  ?  30  G     C "O2'" 1 
ATOM   911  C  "C1'" . G     C 3 6  ? -12.745 -6.197  2.957   1.00 52.51  ?  30  G     C "C1'" 1 
ATOM   912  N  N9    . G     C 3 6  ? -11.890 -5.902  4.141   1.00 56.99  ?  30  G     C N9    1 
ATOM   913  C  C8    . G     C 3 6  ? -10.724 -6.498  4.560   1.00 54.51  ?  30  G     C C8    1 
ATOM   914  N  N7    . G     C 3 6  ? -10.197 -5.946  5.620   1.00 54.17  ?  30  G     C N7    1 
ATOM   915  C  C5    . G     C 3 6  ? -11.033 -4.903  5.893   1.00 50.93  ?  30  G     C C5    1 
ATOM   916  C  C6    . G     C 3 6  ? -10.965 -3.964  6.914   1.00 56.61  ?  30  G     C C6    1 
ATOM   917  O  O6    . G     C 3 6  ? -10.100 -3.896  7.780   1.00 58.43  ?  30  G     C O6    1 
ATOM   918  N  N1    . G     C 3 6  ? -12.011 -3.060  6.863   1.00 54.24  ?  30  G     C N1    1 
ATOM   919  C  C2    . G     C 3 6  ? -12.988 -3.075  5.921   1.00 50.34  ?  30  G     C C2    1 
ATOM   920  N  N2    . G     C 3 6  ? -13.922 -2.135  5.992   1.00 50.69  ?  30  G     C N2    1 
ATOM   921  N  N3    . G     C 3 6  ? -13.075 -3.964  4.966   1.00 55.54  ?  30  G     C N3    1 
ATOM   922  C  C4    . G     C 3 6  ? -12.062 -4.846  5.007   1.00 53.13  ?  30  G     C C4    1 
ATOM   923  P  P     . A     C 3 7  ? -9.994  -4.928  -0.670  1.00 45.17  ?  31  A     C P     1 
ATOM   924  O  OP1   . A     C 3 7  ? -10.039 -4.809  -2.170  1.00 43.35  ?  31  A     C OP1   1 
ATOM   925  O  OP2   . A     C 3 7  ? -8.755  -5.196  0.097   1.00 43.96  ?  31  A     C OP2   1 
ATOM   926  O  "O5'" . A     C 3 7  ? -10.502 -3.557  -0.030  1.00 52.38  ?  31  A     C "O5'" 1 
ATOM   927  C  "C5'" . A     C 3 7  ? -11.689 -2.927  -0.494  1.00 46.99  ?  31  A     C "C5'" 1 
ATOM   928  C  "C4'" . A     C 3 7  ? -12.068 -1.795  0.408   1.00 44.08  ?  31  A     C "C4'" 1 
ATOM   929  O  "O4'" . A     C 3 7  ? -12.276 -2.320  1.749   1.00 52.29  ?  31  A     C "O4'" 1 
ATOM   930  C  "C3'" . A     C 3 7  ? -11.009 -0.719  0.600   1.00 44.42  ?  31  A     C "C3'" 1 
ATOM   931  O  "O3'" . A     C 3 7  ? -10.983 0.227   -0.463  1.00 40.81  ?  31  A     C "O3'" 1 
ATOM   932  C  "C2'" . A     C 3 7  ? -11.389 -0.132  1.958   1.00 50.92  ?  31  A     C "C2'" 1 
ATOM   933  O  "O2'" . A     C 3 7  ? -12.541 0.686   1.837   1.00 63.42  ?  31  A     C "O2'" 1 
ATOM   934  C  "C1'" . A     C 3 7  ? -11.830 -1.385  2.715   1.00 46.30  ?  31  A     C "C1'" 1 
ATOM   935  N  N9    . A     C 3 7  ? -10.707 -1.973  3.451   1.00 48.56  ?  31  A     C N9    1 
ATOM   936  C  C8    . A     C 3 7  ? -9.893  -3.000  3.067   1.00 52.94  ?  31  A     C C8    1 
ATOM   937  N  N7    . A     C 3 7  ? -8.944  -3.282  3.922   1.00 52.69  ?  31  A     C N7    1 
ATOM   938  C  C5    . A     C 3 7  ? -9.145  -2.361  4.919   1.00 50.45  ?  31  A     C C5    1 
ATOM   939  C  C6    . A     C 3 7  ? -8.463  -2.128  6.107   1.00 52.00  ?  31  A     C C6    1 
ATOM   940  N  N6    . A     C 3 7  ? -7.408  -2.835  6.500   1.00 52.42  ?  31  A     C N6    1 
ATOM   941  N  N1    . A     C 3 7  ? -8.902  -1.133  6.898   1.00 56.49  ?  31  A     C N1    1 
ATOM   942  C  C2    . A     C 3 7  ? -9.957  -0.423  6.482   1.00 57.48  ?  31  A     C C2    1 
ATOM   943  N  N3    . A     C 3 7  ? -10.670 -0.543  5.370   1.00 58.65  ?  31  A     C N3    1 
ATOM   944  C  C4    . A     C 3 7  ? -10.207 -1.547  4.635   1.00 51.21  ?  31  A     C C4    1 
ATOM   945  P  P     . C     C 3 8  ? -9.565  0.772   -1.026  1.00 45.51  ?  32  C     C P     1 
ATOM   946  O  OP1   . C     C 3 8  ? -9.728  1.815   -2.071  1.00 34.31  ?  32  C     C OP1   1 
ATOM   947  O  OP2   . C     C 3 8  ? -8.783  -0.436  -1.369  1.00 48.11  ?  32  C     C OP2   1 
ATOM   948  O  "O5'" . C     C 3 8  ? -8.886  1.422   0.259   1.00 42.02  ?  32  C     C "O5'" 1 
ATOM   949  C  "C5'" . C     C 3 8  ? -9.275  2.700   0.709   1.00 38.27  ?  32  C     C "C5'" 1 
ATOM   950  C  "C4'" . C     C 3 8  ? -8.551  3.063   1.969   1.00 44.40  ?  32  C     C "C4'" 1 
ATOM   951  O  "O4'" . C     C 3 8  ? -8.638  1.949   2.884   1.00 53.28  ?  32  C     C "O4'" 1 
ATOM   952  C  "C3'" . C     C 3 8  ? -7.059  3.306   1.822   1.00 42.26  ?  32  C     C "C3'" 1 
ATOM   953  O  "O3'" . C     C 3 8  ? -6.768  4.620   1.417   1.00 33.95  ?  32  C     C "O3'" 1 
ATOM   954  C  "C2'" . C     C 3 8  ? -6.512  2.953   3.201   1.00 40.06  ?  32  C     C "C2'" 1 
ATOM   955  O  "O2'" . C     C 3 8  ? -6.699  4.017   4.111   1.00 40.38  ?  32  C     C "O2'" 1 
ATOM   956  C  "C1'" . C     C 3 8  ? -7.442  1.837   3.631   1.00 42.38  ?  32  C     C "C1'" 1 
ATOM   957  N  N1    . C     C 3 8  ? -6.898  0.490   3.409   1.00 47.90  ?  32  C     C N1    1 
ATOM   958  C  C2    . C     C 3 8  ? -6.049  -0.121  4.326   1.00 53.38  ?  32  C     C C2    1 
ATOM   959  O  O2    . C     C 3 8  ? -5.665  0.487   5.315   1.00 58.58  ?  32  C     C O2    1 
ATOM   960  N  N3    . C     C 3 8  ? -5.626  -1.373  4.095   1.00 55.24  ?  32  C     C N3    1 
ATOM   961  C  C4    . C     C 3 8  ? -6.059  -1.997  3.019   1.00 40.28  ?  32  C     C C4    1 
ATOM   962  N  N4    . C     C 3 8  ? -5.654  -3.229  2.837   1.00 49.45  ?  32  C     C N4    1 
ATOM   963  C  C5    . C     C 3 8  ? -6.924  -1.414  2.097   1.00 45.14  ?  32  C     C C5    1 
ATOM   964  C  C6    . C     C 3 8  ? -7.324  -0.181  2.322   1.00 48.38  ?  32  C     C C6    1 
ATOM   965  P  P     . A     C 3 9  ? -5.309  4.985   0.842   1.00 56.60  ?  33  A     C P     1 
ATOM   966  O  OP1   . A     C 3 9  ? -4.190  4.508   1.721   1.00 41.86  ?  33  A     C OP1   1 
ATOM   967  O  OP2   . A     C 3 9  ? -5.384  6.404   0.404   1.00 49.96  ?  33  A     C OP2   1 
ATOM   968  O  "O5'" . A     C 3 9  ? -5.214  4.175   -0.515  1.00 50.29  ?  33  A     C "O5'" 1 
ATOM   969  C  "C5'" . A     C 3 9  ? -4.044  4.289   -1.314  1.00 51.45  ?  33  A     C "C5'" 1 
ATOM   970  C  "C4'" . A     C 3 9  ? -3.853  3.080   -2.194  1.00 50.79  ?  33  A     C "C4'" 1 
ATOM   971  O  "O4'" . A     C 3 9  ? -3.051  2.085   -1.498  1.00 49.99  ?  33  A     C "O4'" 1 
ATOM   972  C  "C3'" . A     C 3 9  ? -5.136  2.376   -2.588  1.00 46.23  ?  33  A     C "C3'" 1 
ATOM   973  O  "O3'" . A     C 3 9  ? -4.903  1.732   -3.820  1.00 57.74  ?  33  A     C "O3'" 1 
ATOM   974  C  "C2'" . A     C 3 9  ? -5.255  1.309   -1.514  1.00 50.17  ?  33  A     C "C2'" 1 
ATOM   975  O  "O2'" . A     C 3 9  ? -6.099  0.224   -1.836  1.00 44.65  ?  33  A     C "O2'" 1 
ATOM   976  C  "C1'" . A     C 3 9  ? -3.794  0.893   -1.349  1.00 46.23  ?  33  A     C "C1'" 1 
ATOM   977  N  N9    . A     C 3 9  ? -3.527  0.339   -0.025  1.00 47.12  ?  33  A     C N9    1 
ATOM   978  C  C8    . A     C 3 9  ? -3.453  1.023   1.140   1.00 48.10  ?  33  A     C C8    1 
ATOM   979  N  N7    . A     C 3 9  ? -3.224  0.251   2.176   1.00 52.18  ?  33  A     C N7    1 
ATOM   980  C  C5    . A     C 3 9  ? -3.169  -1.015  1.667   1.00 44.04  ?  33  A     C C5    1 
ATOM   981  C  C6    . A     C 3 9  ? -2.972  -2.258  2.259   1.00 43.59  ?  33  A     C C6    1 
ATOM   982  N  N6    . A     C 3 9  ? -2.803  -2.478  3.554   1.00 44.22  ?  33  A     C N6    1 
ATOM   983  N  N1    . A     C 3 9  ? -2.979  -3.330  1.465   1.00 43.33  ?  33  A     C N1    1 
ATOM   984  C  C2    . A     C 3 9  ? -3.164  -3.140  0.166   1.00 49.22  ?  33  A     C C2    1 
ATOM   985  N  N3    . A     C 3 9  ? -3.342  -2.017  -0.515  1.00 51.88  ?  33  A     C N3    1 
ATOM   986  C  C4    . A     C 3 9  ? -3.343  -0.974  0.313   1.00 47.21  ?  33  A     C C4    1 
ATOM   987  P  P     . A     C 3 10 ? -5.186  2.514   -5.177  1.00 62.95  ?  34  A     C P     1 
ATOM   988  O  OP1   . A     C 3 10 ? -6.138  3.612   -4.849  1.00 59.24  ?  34  A     C OP1   1 
ATOM   989  O  OP2   . A     C 3 10 ? -5.486  1.455   -6.174  1.00 55.07  ?  34  A     C OP2   1 
ATOM   990  O  "O5'" . A     C 3 10 ? -3.802  3.226   -5.519  1.00 59.72  ?  34  A     C "O5'" 1 
ATOM   991  C  "C5'" . A     C 3 10 ? -2.834  2.586   -6.338  1.00 61.70  ?  34  A     C "C5'" 1 
ATOM   992  C  "C4'" . A     C 3 10 ? -1.481  3.249   -6.217  1.00 67.48  ?  34  A     C "C4'" 1 
ATOM   993  O  "O4'" . A     C 3 10 ? -0.468  2.249   -6.498  1.00 66.52  ?  34  A     C "O4'" 1 
ATOM   994  C  "C3'" . A     C 3 10 ? -1.220  4.402   -7.183  1.00 64.97  ?  34  A     C "C3'" 1 
ATOM   995  O  "O3'" . A     C 3 10 ? -0.299  5.326   -6.608  1.00 63.26  ?  34  A     C "O3'" 1 
ATOM   996  C  "C2'" . A     C 3 10 ? -0.533  3.704   -8.338  1.00 73.15  ?  34  A     C "C2'" 1 
ATOM   997  O  "O2'" . A     C 3 10 ? 0.288   4.546   -9.114  1.00 78.50  ?  34  A     C "O2'" 1 
ATOM   998  C  "C1'" . A     C 3 10 ? 0.279   2.625   -7.622  1.00 65.11  ?  34  A     C "C1'" 1 
ATOM   999  N  N9    . A     C 3 10 ? 0.432   1.449   -8.450  1.00 72.22  ?  34  A     C N9    1 
ATOM   1000 C  C8    . A     C 3 10 ? -0.552  0.799   -9.150  1.00 83.91  ?  34  A     C C8    1 
ATOM   1001 N  N7    . A     C 3 10 ? -0.117  -0.208  -9.869  1.00 85.92  ?  34  A     C N7    1 
ATOM   1002 C  C5    . A     C 3 10 ? 1.245   -0.191  -9.610  1.00 83.68  ?  34  A     C C5    1 
ATOM   1003 C  C6    . A     C 3 10 ? 2.286   -0.997  -10.059 1.00 85.30  ?  34  A     C C6    1 
ATOM   1004 N  N6    . A     C 3 10 ? 2.106   -2.026  -10.891 1.00 92.75  ?  34  A     C N6    1 
ATOM   1005 N  N1    . A     C 3 10 ? 3.525   -0.713  -9.609  1.00 83.99  ?  34  A     C N1    1 
ATOM   1006 C  C2    . A     C 3 10 ? 3.695   0.314   -8.772  1.00 75.91  ?  34  A     C C2    1 
ATOM   1007 N  N3    . A     C 3 10 ? 2.796   1.149   -8.280  1.00 72.25  ?  34  A     C N3    1 
ATOM   1008 C  C4    . A     C 3 10 ? 1.591   0.822   -8.739  1.00 77.71  ?  34  A     C C4    1 
ATOM   1009 P  P     . C     C 3 11 ? -0.826  6.589   -5.762  1.00 73.63  ?  35  C     C P     1 
ATOM   1010 O  OP1   . C     C 3 11 ? -2.296  6.737   -5.911  1.00 82.10  ?  35  C     C OP1   1 
ATOM   1011 O  OP2   . C     C 3 11 ? 0.022   7.781   -5.974  1.00 80.41  ?  35  C     C OP2   1 
ATOM   1012 O  "O5'" . C     C 3 11 ? -0.627  6.158   -4.258  1.00 58.98  ?  35  C     C "O5'" 1 
ATOM   1013 C  "C5'" . C     C 3 11 ? -1.394  6.830   -3.282  1.00 63.53  ?  35  C     C "C5'" 1 
ATOM   1014 C  "C4'" . C     C 3 11 ? -0.998  6.418   -1.907  1.00 57.82  ?  35  C     C "C4'" 1 
ATOM   1015 O  "O4'" . C     C 3 11 ? -1.230  4.996   -1.759  1.00 57.04  ?  35  C     C "O4'" 1 
ATOM   1016 C  "C3'" . C     C 3 11 ? 0.466   6.642   -1.570  1.00 55.31  ?  35  C     C "C3'" 1 
ATOM   1017 O  "O3'" . C     C 3 11 ? 0.540   6.981   -0.202  1.00 60.75  ?  35  C     C "O3'" 1 
ATOM   1018 C  "C2'" . C     C 3 11 ? 1.065   5.257   -1.751  1.00 56.44  ?  35  C     C "C2'" 1 
ATOM   1019 O  "O2'" . C     C 3 11 ? 2.247   5.048   -1.018  1.00 64.14  ?  35  C     C "O2'" 1 
ATOM   1020 C  "C1'" . C     C 3 11 ? -0.072  4.395   -1.244  1.00 52.63  ?  35  C     C "C1'" 1 
ATOM   1021 N  N1    . C     C 3 11 ? -0.051  2.994   -1.662  1.00 48.88  ?  35  C     C N1    1 
ATOM   1022 C  C2    . C     C 3 11 ? -0.118  1.993   -0.678  1.00 46.04  ?  35  C     C C2    1 
ATOM   1023 O  O2    . C     C 3 11 ? -0.185  2.338   0.504   1.00 43.84  ?  35  C     C O2    1 
ATOM   1024 N  N3    . C     C 3 11 ? -0.110  0.687   -1.016  1.00 45.26  ?  35  C     C N3    1 
ATOM   1025 C  C4    . C     C 3 11 ? -0.066  0.376   -2.317  1.00 57.65  ?  35  C     C C4    1 
ATOM   1026 N  N4    . C     C 3 11 ? -0.067  -0.912  -2.712  1.00 60.78  ?  35  C     C N4    1 
ATOM   1027 C  C5    . C     C 3 11 ? -0.013  1.390   -3.323  1.00 63.82  ?  35  C     C C5    1 
ATOM   1028 C  C6    . C     C 3 11 ? -0.011  2.685   -2.969  1.00 53.28  ?  35  C     C C6    1 
ATOM   1029 P  P     . U     C 3 12 ? 0.412   8.513   0.251   1.00 79.37  ?  36  U     C P     1 
ATOM   1030 O  OP1   . U     C 3 12 ? -0.221  8.513   1.599   1.00 71.85  ?  36  U     C OP1   1 
ATOM   1031 O  OP2   . U     C 3 12 ? -0.197  9.297   -0.851  1.00 71.77  ?  36  U     C OP2   1 
ATOM   1032 O  "O5'" . U     C 3 12 ? 1.931   8.942   0.452   1.00 75.70  ?  36  U     C "O5'" 1 
ATOM   1033 C  "C5'" . U     C 3 12 ? 2.814   8.024   1.073   1.00 68.50  ?  36  U     C "C5'" 1 
ATOM   1034 C  "C4'" . U     C 3 12 ? 4.098   8.657   1.518   1.00 70.62  ?  36  U     C "C4'" 1 
ATOM   1035 O  "O4'" . U     C 3 12 ? 3.894   9.286   2.812   1.00 78.15  ?  36  U     C "O4'" 1 
ATOM   1036 C  "C3'" . U     C 3 12 ? 5.221   7.651   1.698   1.00 82.11  ?  36  U     C "C3'" 1 
ATOM   1037 O  "O3'" . U     C 3 12 ? 6.438   8.162   1.179   1.00 75.39  ?  36  U     C "O3'" 1 
ATOM   1038 C  "C2'" . U     C 3 12 ? 5.285   7.426   3.212   1.00 78.50  ?  36  U     C "C2'" 1 
ATOM   1039 O  "O2'" . U     C 3 12 ? 6.565   7.084   3.714   1.00 81.73  ?  36  U     C "O2'" 1 
ATOM   1040 C  "C1'" . U     C 3 12 ? 4.800   8.760   3.766   1.00 80.12  ?  36  U     C "C1'" 1 
ATOM   1041 N  N1    . U     C 3 12 ? 4.081   8.604   5.040   1.00 84.80  ?  36  U     C N1    1 
ATOM   1042 C  C2    . U     C 3 12 ? 4.764   8.827   6.236   1.00 90.90  ?  36  U     C C2    1 
ATOM   1043 O  O2    . U     C 3 12 ? 5.945   9.164   6.302   1.00 92.14  ?  36  U     C O2    1 
ATOM   1044 N  N3    . U     C 3 12 ? 3.996   8.640   7.372   1.00 90.63  ?  36  U     C N3    1 
ATOM   1045 C  C4    . U     C 3 12 ? 2.659   8.269   7.433   1.00 83.30  ?  36  U     C C4    1 
ATOM   1046 O  O4    . U     C 3 12 ? 2.115   8.145   8.536   1.00 78.69  ?  36  U     C O4    1 
ATOM   1047 C  C5    . U     C 3 12 ? 2.034   8.052   6.156   1.00 78.76  ?  36  U     C C5    1 
ATOM   1048 C  C6    . U     C 3 12 ? 2.754   8.217   5.039   1.00 82.01  ?  36  U     C C6    1 
ATOM   1049 P  P     . A     C 3 13 ? 7.011   7.466   -0.142  1.00 82.41  ?  37  A     C P     1 
ATOM   1050 O  OP1   . A     C 3 13 ? 8.384   7.995   -0.343  1.00 87.32  ?  37  A     C OP1   1 
ATOM   1051 O  OP2   . A     C 3 13 ? 5.957   7.554   -1.191  1.00 77.22  ?  37  A     C OP2   1 
ATOM   1052 O  "O5'" . A     C 3 13 ? 7.102   5.910   0.229   1.00 78.82  ?  37  A     C "O5'" 1 
ATOM   1053 C  "C5'" . A     C 3 13 ? 8.117   5.404   1.098   1.00 75.71  ?  37  A     C "C5'" 1 
ATOM   1054 C  "C4'" . A     C 3 13 ? 8.052   3.894   1.225   1.00 72.76  ?  37  A     C "C4'" 1 
ATOM   1055 O  "O4'" . A     C 3 13 ? 7.969   3.286   -0.096  1.00 68.91  ?  37  A     C "O4'" 1 
ATOM   1056 C  "C3'" . A     C 3 13 ? 9.259   3.244   1.884   1.00 67.49  ?  37  A     C "C3'" 1 
ATOM   1057 O  "O3'" . A     C 3 13 ? 8.830   1.982   2.417   1.00 67.23  ?  37  A     C "O3'" 1 
ATOM   1058 C  "C2'" . A     C 3 13 ? 10.149  2.984   0.673   1.00 67.03  ?  37  A     C "C2'" 1 
ATOM   1059 O  "O2'" . A     C 3 13 ? 11.186  2.050   0.876   1.00 78.45  ?  37  A     C "O2'" 1 
ATOM   1060 C  "C1'" . A     C 3 13 ? 9.111   2.471   -0.308  1.00 62.78  ?  37  A     C "C1'" 1 
ATOM   1061 N  N9    . A     C 3 13 ? 9.437   2.552   -1.726  1.00 65.03  ?  37  A     C N9    1 
ATOM   1062 C  C8    . A     C 3 13 ? 9.511   3.661   -2.535  1.00 67.83  ?  37  A     C C8    1 
ATOM   1063 N  N7    . A     C 3 13 ? 9.732   3.370   -3.799  1.00 69.34  ?  37  A     C N7    1 
ATOM   1064 C  C5    . A     C 3 13 ? 9.767   1.983   -3.819  1.00 64.86  ?  37  A     C C5    1 
ATOM   1065 C  C6    . A     C 3 13 ? 9.962   1.055   -4.852  1.00 65.94  ?  37  A     C C6    1 
ATOM   1066 N  N6    . A     C 3 13 ? 10.169  1.403   -6.123  1.00 75.02  ?  37  A     C N6    1 
ATOM   1067 N  N1    . A     C 3 13 ? 9.938   -0.262  -4.544  1.00 66.29  ?  37  A     C N1    1 
ATOM   1068 C  C2    . A     C 3 13 ? 9.731   -0.595  -3.264  1.00 67.49  ?  37  A     C C2    1 
ATOM   1069 N  N3    . A     C 3 13 ? 9.534   0.177   -2.193  1.00 62.58  ?  37  A     C N3    1 
ATOM   1070 C  C4    . A     C 3 13 ? 9.568   1.469   -2.549  1.00 65.35  ?  37  A     C C4    1 
ATOM   1071 P  P     . G     C 3 14 ? 8.338   1.832   3.945   1.00 68.74  ?  38  G     C P     1 
ATOM   1072 O  OP1   . G     C 3 14 ? 9.416   2.381   4.815   1.00 87.06  ?  38  G     C OP1   1 
ATOM   1073 O  OP2   . G     C 3 14 ? 7.874   0.438   4.176   1.00 61.48  ?  38  G     C OP2   1 
ATOM   1074 O  "O5'" . G     C 3 14 ? 7.106   2.841   4.070   1.00 65.76  ?  38  G     C "O5'" 1 
ATOM   1075 C  "C5'" . G     C 3 14 ? 5.776   2.371   4.256   1.00 63.10  ?  38  G     C "C5'" 1 
ATOM   1076 C  "C4'" . G     C 3 14 ? 4.812   3.072   3.329   1.00 62.62  ?  38  G     C "C4'" 1 
ATOM   1077 O  "O4'" . G     C 3 14 ? 4.989   2.609   1.976   1.00 64.13  ?  38  G     C "O4'" 1 
ATOM   1078 C  "C3'" . G     C 3 14 ? 3.344   2.845   3.592   1.00 53.29  ?  38  G     C "C3'" 1 
ATOM   1079 O  "O3'" . G     C 3 14 ? 2.891   3.709   4.614   1.00 53.14  ?  38  G     C "O3'" 1 
ATOM   1080 C  "C2'" . G     C 3 14 ? 2.704   3.153   2.239   1.00 52.12  ?  38  G     C "C2'" 1 
ATOM   1081 O  "O2'" . G     C 3 14 ? 2.524   4.549   2.119   1.00 65.77  ?  38  G     C "O2'" 1 
ATOM   1082 C  "C1'" . G     C 3 14 ? 3.804   2.789   1.257   1.00 45.92  ?  38  G     C "C1'" 1 
ATOM   1083 N  N9    . G     C 3 14 ? 3.545   1.613   0.429   1.00 47.51  ?  38  G     C N9    1 
ATOM   1084 C  C8    . G     C 3 14 ? 3.319   1.669   -0.928  1.00 54.26  ?  38  G     C C8    1 
ATOM   1085 N  N7    . G     C 3 14 ? 3.128   0.507   -1.499  1.00 52.17  ?  38  G     C N7    1 
ATOM   1086 C  C5    . G     C 3 14 ? 3.252   -0.375  -0.431  1.00 52.01  ?  38  G     C C5    1 
ATOM   1087 C  C6    . G     C 3 14 ? 3.136   -1.784  -0.421  1.00 51.67  ?  38  G     C C6    1 
ATOM   1088 O  O6    . G     C 3 14 ? 2.910   -2.562  -1.349  1.00 57.86  ?  38  G     C O6    1 
ATOM   1089 N  N1    . G     C 3 14 ? 3.312   -2.296  0.842   1.00 53.76  ?  38  G     C N1    1 
ATOM   1090 C  C2    . G     C 3 14 ? 3.563   -1.538  1.946   1.00 51.83  ?  38  G     C C2    1 
ATOM   1091 N  N2    . G     C 3 14 ? 3.704   -2.261  3.059   1.00 51.42  ?  38  G     C N2    1 
ATOM   1092 N  N3    . G     C 3 14 ? 3.675   -0.216  1.968   1.00 48.33  ?  38  G     C N3    1 
ATOM   1093 C  C4    . G     C 3 14 ? 3.514   0.293   0.753   1.00 48.90  ?  38  G     C C4    1 
ATOM   1094 P  P     . A     C 3 15 ? 2.143   3.116   5.902   1.00 60.20  ?  39  A     C P     1 
ATOM   1095 O  OP1   . A     C 3 15 ? 2.001   1.635   5.743   1.00 53.99  ?  39  A     C OP1   1 
ATOM   1096 O  OP2   . A     C 3 15 ? 0.970   3.978   6.209   1.00 50.63  ?  39  A     C OP2   1 
ATOM   1097 O  "O5'" . A     C 3 15 ? 3.186   3.375   7.066   1.00 61.63  ?  39  A     C "O5'" 1 
ATOM   1098 C  "C5'" . A     C 3 15 ? 3.342   4.660   7.625   1.00 59.69  ?  39  A     C "C5'" 1 
ATOM   1099 C  "C4'" . A     C 3 15 ? 3.173   4.597   9.116   1.00 64.12  ?  39  A     C "C4'" 1 
ATOM   1100 O  "O4'" . A     C 3 15 ? 1.951   3.889   9.440   1.00 59.38  ?  39  A     C "O4'" 1 
ATOM   1101 C  "C3'" . A     C 3 15 ? 4.240   3.838   9.876   1.00 58.63  ?  39  A     C "C3'" 1 
ATOM   1102 O  "O3'" . A     C 3 15 ? 5.395   4.612   10.090  1.00 60.06  ?  39  A     C "O3'" 1 
ATOM   1103 C  "C2'" . A     C 3 15 ? 3.524   3.454   11.169  1.00 60.52  ?  39  A     C "C2'" 1 
ATOM   1104 O  "O2'" . A     C 3 15 ? 3.495   4.546   12.075  1.00 57.58  ?  39  A     C "O2'" 1 
ATOM   1105 C  "C1'" . A     C 3 15 ? 2.105   3.211   10.668  1.00 49.97  ?  39  A     C "C1'" 1 
ATOM   1106 N  N9    . A     C 3 15 ? 1.836   1.805   10.415  1.00 46.77  ?  39  A     C N9    1 
ATOM   1107 C  C8    . A     C 3 15 ? 1.539   1.310   9.191   1.00 51.48  ?  39  A     C C8    1 
ATOM   1108 N  N7    . A     C 3 15 ? 1.303   0.027   9.201   1.00 52.18  ?  39  A     C N7    1 
ATOM   1109 C  C5    . A     C 3 15 ? 1.480   -0.337  10.509  1.00 48.49  ?  39  A     C C5    1 
ATOM   1110 C  C6    . A     C 3 15 ? 1.354   -1.575  11.129  1.00 48.14  ?  39  A     C C6    1 
ATOM   1111 N  N6    . A     C 3 15 ? 1.010   -2.671  10.460  1.00 52.43  ?  39  A     C N6    1 
ATOM   1112 N  N1    . A     C 3 15 ? 1.563   -1.635  12.456  1.00 49.11  ?  39  A     C N1    1 
ATOM   1113 C  C2    . A     C 3 15 ? 1.867   -0.480  13.067  1.00 51.73  ?  39  A     C C2    1 
ATOM   1114 N  N3    . A     C 3 15 ? 2.021   0.762   12.596  1.00 50.86  ?  39  A     C N3    1 
ATOM   1115 C  C4    . A     C 3 15 ? 1.797   0.759   11.284  1.00 52.64  ?  39  A     C C4    1 
ATOM   1116 P  P     . C     C 3 16 ? 6.788   4.058   9.540   1.00 73.13  ?  40  C     C P     1 
ATOM   1117 O  OP1   . C     C 3 16 ? 7.778   5.147   9.728   1.00 74.08  ?  40  C     C OP1   1 
ATOM   1118 O  OP2   . C     C 3 16 ? 6.522   3.503   8.193   1.00 56.28  ?  40  C     C OP2   1 
ATOM   1119 O  "O5'" . C     C 3 16 ? 7.137   2.859   10.533  1.00 61.91  ?  40  C     C "O5'" 1 
ATOM   1120 C  "C5'" . C     C 3 16 ? 7.148   3.065   11.935  1.00 51.93  ?  40  C     C "C5'" 1 
ATOM   1121 C  "C4'" . C     C 3 16 ? 7.237   1.759   12.675  1.00 52.27  ?  40  C     C "C4'" 1 
ATOM   1122 O  "O4'" . C     C 3 16 ? 5.958   1.099   12.634  1.00 60.88  ?  40  C     C "O4'" 1 
ATOM   1123 C  "C3'" . C     C 3 16 ? 8.186   0.736   12.087  1.00 58.44  ?  40  C     C "C3'" 1 
ATOM   1124 O  "O3'" . C     C 3 16 ? 9.525   0.956   12.457  1.00 60.66  ?  40  C     C "O3'" 1 
ATOM   1125 C  "C2'" . C     C 3 16 ? 7.627   -0.584  12.596  1.00 55.78  ?  40  C     C "C2'" 1 
ATOM   1126 O  "O2'" . C     C 3 16 ? 8.024   -0.823  13.934  1.00 57.35  ?  40  C     C "O2'" 1 
ATOM   1127 C  "C1'" . C     C 3 16 ? 6.136   -0.302  12.587  1.00 53.97  ?  40  C     C "C1'" 1 
ATOM   1128 N  N1    . C     C 3 16 ? 5.485   -0.820  11.373  1.00 55.85  ?  40  C     C N1    1 
ATOM   1129 C  C2    . C     C 3 16 ? 5.182   -2.180  11.365  1.00 59.45  ?  40  C     C C2    1 
ATOM   1130 O  O2    . C     C 3 16 ? 5.509   -2.849  12.381  1.00 59.00  ?  40  C     C O2    1 
ATOM   1131 N  N3    . C     C 3 16 ? 4.564   -2.692  10.260  1.00 55.97  ?  40  C     C N3    1 
ATOM   1132 C  C4    . C     C 3 16 ? 4.265   -1.882  9.226   1.00 52.36  ?  40  C     C C4    1 
ATOM   1133 N  N4    . C     C 3 16 ? 3.654   -2.403  8.149   1.00 55.18  ?  40  C     C N4    1 
ATOM   1134 C  C5    . C     C 3 16 ? 4.563   -0.493  9.241   1.00 49.22  ?  40  C     C C5    1 
ATOM   1135 C  C6    . C     C 3 16 ? 5.170   -0.004  10.321  1.00 55.60  ?  40  C     C C6    1 
ATOM   1136 P  P     . A     C 3 17 ? 10.685  0.520   11.445  1.00 68.17  ?  41  A     C P     1 
ATOM   1137 O  OP1   . A     C 3 17 ? 11.946  0.940   12.118  1.00 73.77  ?  41  A     C OP1   1 
ATOM   1138 O  OP2   . A     C 3 17 ? 10.393  1.088   10.099  1.00 66.10  ?  41  A     C OP2   1 
ATOM   1139 O  "O5'" . A     C 3 17 ? 10.517  -1.074  11.319  1.00 53.51  ?  41  A     C "O5'" 1 
ATOM   1140 C  "C5'" . A     C 3 17 ? 10.873  -1.933  12.388  1.00 51.68  ?  41  A     C "C5'" 1 
ATOM   1141 C  "C4'" . A     C 3 17 ? 10.448  -3.351  12.120  1.00 55.70  ?  41  A     C "C4'" 1 
ATOM   1142 O  "O4'" . A     C 3 17 ? 9.015   -3.391  11.943  1.00 65.45  ?  41  A     C "O4'" 1 
ATOM   1143 C  "C3'" . A     C 3 17 ? 10.987  -3.983  10.851  1.00 62.21  ?  41  A     C "C3'" 1 
ATOM   1144 O  "O3'" . A     C 3 17 ? 12.298  -4.489  10.997  1.00 74.33  ?  41  A     C "O3'" 1 
ATOM   1145 C  "C2'" . A     C 3 17 ? 9.960   -5.061  10.547  1.00 62.45  ?  41  A     C "C2'" 1 
ATOM   1146 O  "O2'" . A     C 3 17 ? 10.180  -6.224  11.327  1.00 75.55  ?  41  A     C "O2'" 1 
ATOM   1147 C  "C1'" . A     C 3 17 ? 8.668   -4.380  10.991  1.00 61.88  ?  41  A     C "C1'" 1 
ATOM   1148 N  N9    . A     C 3 17 ? 8.054   -3.729  9.824   1.00 62.87  ?  41  A     C N9    1 
ATOM   1149 C  C8    . A     C 3 17 ? 8.102   -2.402  9.479   1.00 62.10  ?  41  A     C C8    1 
ATOM   1150 N  N7    . A     C 3 17 ? 7.489   -2.155  8.342   1.00 61.77  ?  41  A     C N7    1 
ATOM   1151 C  C5    . A     C 3 17 ? 7.062   -3.397  7.920   1.00 51.72  ?  41  A     C C5    1 
ATOM   1152 C  C6    . A     C 3 17 ? 6.383   -3.781  6.785   1.00 56.79  ?  41  A     C C6    1 
ATOM   1153 N  N6    . A     C 3 17 ? 6.022   -2.874  5.870   1.00 59.63  ?  41  A     C N6    1 
ATOM   1154 N  N1    . A     C 3 17 ? 6.077   -5.092  6.647   1.00 56.49  ?  41  A     C N1    1 
ATOM   1155 C  C2    . A     C 3 17 ? 6.458   -5.940  7.598   1.00 48.91  ?  41  A     C C2    1 
ATOM   1156 N  N3    . A     C 3 17 ? 7.122   -5.682  8.708   1.00 52.32  ?  41  A     C N3    1 
ATOM   1157 C  C4    . A     C 3 17 ? 7.395   -4.379  8.805   1.00 53.70  ?  41  A     C C4    1 
ATOM   1158 P  P     . U     C 3 18 ? 13.353  -4.376  9.784   1.00 84.06  ?  42  U     C P     1 
ATOM   1159 O  OP1   . U     C 3 18 ? 14.571  -5.062  10.316  1.00 74.01  ?  42  U     C OP1   1 
ATOM   1160 O  OP2   . U     C 3 18 ? 13.466  -2.951  9.335   1.00 68.29  ?  42  U     C OP2   1 
ATOM   1161 O  "O5'" . U     C 3 18 ? 12.740  -5.296  8.626   1.00 62.40  ?  42  U     C "O5'" 1 
ATOM   1162 C  "C5'" . U     C 3 18 ? 12.914  -6.701  8.708   1.00 67.23  ?  42  U     C "C5'" 1 
ATOM   1163 C  "C4'" . U     C 3 18 ? 11.855  -7.484  7.981   1.00 67.32  ?  42  U     C "C4'" 1 
ATOM   1164 O  "O4'" . U     C 3 18 ? 10.556  -6.869  8.182   1.00 68.03  ?  42  U     C "O4'" 1 
ATOM   1165 C  "C3'" . U     C 3 18 ? 11.987  -7.541  6.470   1.00 67.46  ?  42  U     C "C3'" 1 
ATOM   1166 O  "O3'" . U     C 3 18 ? 12.972  -8.428  5.996   1.00 70.55  ?  42  U     C "O3'" 1 
ATOM   1167 C  "C2'" . U     C 3 18 ? 10.573  -7.875  6.040   1.00 69.40  ?  42  U     C "C2'" 1 
ATOM   1168 O  "O2'" . U     C 3 18 ? 10.250  -9.227  6.348   1.00 69.73  ?  42  U     C "O2'" 1 
ATOM   1169 C  "C1'" . U     C 3 18 ? 9.796   -6.961  6.982   1.00 68.31  ?  42  U     C "C1'" 1 
ATOM   1170 N  N1    . U     C 3 18 ? 9.665   -5.600  6.397   1.00 58.89  ?  42  U     C N1    1 
ATOM   1171 C  C2    . U     C 3 18 ? 8.854   -5.437  5.297   1.00 58.46  ?  42  U     C C2    1 
ATOM   1172 O  O2    . U     C 3 18 ? 8.227   -6.377  4.818   1.00 58.74  ?  42  U     C O2    1 
ATOM   1173 N  N3    . U     C 3 18 ? 8.794   -4.151  4.793   1.00 55.47  ?  42  U     C N3    1 
ATOM   1174 C  C4    . U     C 3 18 ? 9.463   -3.039  5.274   1.00 62.45  ?  42  U     C C4    1 
ATOM   1175 O  O4    . U     C 3 18 ? 9.340   -1.916  4.758   1.00 63.63  ?  42  U     C O4    1 
ATOM   1176 C  C5    . U     C 3 18 ? 10.278  -3.309  6.414   1.00 60.86  ?  42  U     C C5    1 
ATOM   1177 C  C6    . U     C 3 18 ? 10.352  -4.535  6.915   1.00 59.92  ?  42  U     C C6    1 
ATOM   1178 P  P     . A     C 3 19 ? 14.023  -7.863  4.923   1.00 91.19  ?  43  A     C P     1 
ATOM   1179 O  OP1   . A     C 3 19 ? 15.107  -8.870  4.782   1.00 96.32  ?  43  A     C OP1   1 
ATOM   1180 O  OP2   . A     C 3 19 ? 14.348  -6.456  5.323   1.00 74.68  ?  43  A     C OP2   1 
ATOM   1181 O  "O5'" . A     C 3 19 ? 13.214  -7.915  3.551   1.00 72.25  ?  43  A     C "O5'" 1 
ATOM   1182 C  "C5'" . A     C 3 19 ? 12.633  -9.146  3.155   1.00 76.43  ?  43  A     C "C5'" 1 
ATOM   1183 C  "C4'" . A     C 3 19 ? 11.877  -9.057  1.853   1.00 78.13  ?  43  A     C "C4'" 1 
ATOM   1184 O  "O4'" . A     C 3 19 ? 10.695  -8.227  1.997   1.00 76.38  ?  43  A     C "O4'" 1 
ATOM   1185 C  "C3'" . A     C 3 19 ? 12.595  -8.441  0.669   1.00 79.88  ?  43  A     C "C3'" 1 
ATOM   1186 O  "O3'" . A     C 3 19 ? 13.562  -9.300  0.101   1.00 81.65  ?  43  A     C "O3'" 1 
ATOM   1187 C  "C2'" . A     C 3 19 ? 11.428  -8.107  -0.260  1.00 81.35  ?  43  A     C "C2'" 1 
ATOM   1188 O  "O2'" . A     C 3 19 ? 10.941  -9.271  -0.922  1.00 72.73  ?  43  A     C "O2'" 1 
ATOM   1189 C  "C1'" . A     C 3 19 ? 10.372  -7.643  0.750   1.00 73.23  ?  43  A     C "C1'" 1 
ATOM   1190 N  N9    . A     C 3 19 ? 10.363  -6.176  0.904   1.00 67.59  ?  43  A     C N9    1 
ATOM   1191 C  C8    . A     C 3 19 ? 10.606  -5.418  2.022   1.00 67.89  ?  43  A     C C8    1 
ATOM   1192 N  N7    . A     C 3 19 ? 10.522  -4.125  1.817   1.00 66.15  ?  43  A     C N7    1 
ATOM   1193 C  C5    . A     C 3 19 ? 10.202  -4.034  0.470   1.00 60.50  ?  43  A     C C5    1 
ATOM   1194 C  C6    . A     C 3 19 ? 9.994   -2.943  -0.384  1.00 59.52  ?  43  A     C C6    1 
ATOM   1195 N  N6    . A     C 3 19 ? 10.045  -1.658  -0.020  1.00 61.61  ?  43  A     C N6    1 
ATOM   1196 N  N1    . A     C 3 19 ? 9.724   -3.209  -1.669  1.00 64.20  ?  43  A     C N1    1 
ATOM   1197 C  C2    . A     C 3 19 ? 9.666   -4.481  -2.076  1.00 70.07  ?  43  A     C C2    1 
ATOM   1198 N  N3    . A     C 3 19 ? 9.843   -5.591  -1.372  1.00 71.95  ?  43  A     C N3    1 
ATOM   1199 C  C4    . A     C 3 19 ? 10.108  -5.286  -0.095  1.00 66.14  ?  43  A     C C4    1 
ATOM   1200 P  P     . C     C 3 20 ? 14.835  -8.690  -0.671  1.00 95.43  ?  44  C     C P     1 
ATOM   1201 O  OP1   . C     C 3 20 ? 15.351  -9.858  -1.416  1.00 94.53  ?  44  C     C OP1   1 
ATOM   1202 O  OP2   . C     C 3 20 ? 15.723  -7.877  0.223   1.00 76.18  ?  44  C     C OP2   1 
ATOM   1203 O  "O5'" . C     C 3 20 ? 14.213  -7.712  -1.762  1.00 83.92  ?  44  C     C "O5'" 1 
ATOM   1204 C  "C5'" . C     C 3 20 ? 13.642  -8.222  -2.954  1.00 78.79  ?  44  C     C "C5'" 1 
ATOM   1205 C  "C4'" . C     C 3 20 ? 13.463  -7.133  -3.981  1.00 83.04  ?  44  C     C "C4'" 1 
ATOM   1206 O  "O4'" . C     C 3 20 ? 12.499  -6.155  -3.506  1.00 87.03  ?  44  C     C "O4'" 1 
ATOM   1207 C  "C3'" . C     C 3 20 ? 14.696  -6.303  -4.282  1.00 86.92  ?  44  C     C "C3'" 1 
ATOM   1208 O  "O3'" . C     C 3 20 ? 15.594  -6.961  -5.156  1.00 94.01  ?  44  C     C "O3'" 1 
ATOM   1209 C  "C2'" . C     C 3 20 ? 14.095  -5.015  -4.844  1.00 86.42  ?  44  C     C "C2'" 1 
ATOM   1210 O  "O2'" . C     C 3 20 ? 13.656  -5.204  -6.183  1.00 88.97  ?  44  C     C "O2'" 1 
ATOM   1211 C  "C1'" . C     C 3 20 ? 12.849  -4.864  -3.974  1.00 81.57  ?  44  C     C "C1'" 1 
ATOM   1212 N  N1    . C     C 3 20 ? 13.056  -3.979  -2.803  1.00 67.71  ?  44  C     C N1    1 
ATOM   1213 C  C2    . C     C 3 20 ? 13.074  -2.575  -2.941  1.00 69.04  ?  44  C     C C2    1 
ATOM   1214 O  O2    . C     C 3 20 ? 12.956  -2.027  -4.044  1.00 72.44  ?  44  C     C O2    1 
ATOM   1215 N  N3    . C     C 3 20 ? 13.239  -1.807  -1.857  1.00 63.24  ?  44  C     C N3    1 
ATOM   1216 C  C4    . C     C 3 20 ? 13.376  -2.396  -0.668  1.00 71.59  ?  44  C     C C4    1 
ATOM   1217 N  N4    . C     C 3 20 ? 13.545  -1.602  0.400   1.00 80.05  ?  44  C     C N4    1 
ATOM   1218 C  C5    . C     C 3 20 ? 13.345  -3.814  -0.496  1.00 66.95  ?  44  C     C C5    1 
ATOM   1219 C  C6    . C     C 3 20 ? 13.179  -4.562  -1.582  1.00 66.04  ?  44  C     C C6    1 
ATOM   1220 P  P     . A     C 3 21 ? 17.183  -6.841  -4.924  1.00 102.90 ?  45  A     C P     1 
ATOM   1221 O  OP1   . A     C 3 21 ? 17.795  -8.012  -5.612  1.00 93.81  ?  45  A     C OP1   1 
ATOM   1222 O  OP2   . A     C 3 21 ? 17.464  -6.622  -3.475  1.00 96.55  ?  45  A     C OP2   1 
ATOM   1223 O  "O5'" . A     C 3 21 ? 17.563  -5.501  -5.698  1.00 87.09  ?  45  A     C "O5'" 1 
ATOM   1224 C  "C5'" . A     C 3 21 ? 17.125  -5.296  -7.030  1.00 86.38  ?  45  A     C "C5'" 1 
ATOM   1225 C  "C4'" . A     C 3 21 ? 17.043  -3.830  -7.363  1.00 92.22  ?  45  A     C "C4'" 1 
ATOM   1226 O  "O4'" . A     C 3 21 ? 15.996  -3.197  -6.585  1.00 93.19  ?  45  A     C "O4'" 1 
ATOM   1227 C  "C3'" . A     C 3 21 ? 18.264  -2.982  -7.047  1.00 97.77  ?  45  A     C "C3'" 1 
ATOM   1228 O  "O3'" . A     C 3 21 ? 19.337  -3.147  -7.955  1.00 104.17 ?  45  A     C "O3'" 1 
ATOM   1229 C  "C2'" . A     C 3 21 ? 17.680  -1.575  -7.037  1.00 93.19  ?  45  A     C "C2'" 1 
ATOM   1230 O  "O2'" . A     C 3 21 ? 17.471  -1.108  -8.363  1.00 89.34  ?  45  A     C "O2'" 1 
ATOM   1231 C  "C1'" . A     C 3 21 ? 16.314  -1.829  -6.391  1.00 89.53  ?  45  A     C "C1'" 1 
ATOM   1232 N  N9    . A     C 3 21 ? 16.344  -1.528  -4.954  1.00 75.37  ?  45  A     C N9    1 
ATOM   1233 C  C8    . A     C 3 21 ? 16.372  -2.379  -3.883  1.00 76.78  ?  45  A     C C8    1 
ATOM   1234 N  N7    . A     C 3 21 ? 16.415  -1.743  -2.728  1.00 77.13  ?  45  A     C N7    1 
ATOM   1235 C  C5    . A     C 3 21 ? 16.425  -0.395  -3.073  1.00 73.56  ?  45  A     C C5    1 
ATOM   1236 C  C6    . A     C 3 21 ? 16.465  0.796   -2.306  1.00 76.51  ?  45  A     C C6    1 
ATOM   1237 N  N6    . A     C 3 21 ? 16.504  0.815   -0.965  1.00 76.35  ?  45  A     C N6    1 
ATOM   1238 N  N1    . A     C 3 21 ? 16.462  1.981   -2.978  1.00 75.83  ?  45  A     C N1    1 
ATOM   1239 C  C2    . A     C 3 21 ? 16.429  1.942   -4.326  1.00 80.43  ?  45  A     C C2    1 
ATOM   1240 N  N3    . A     C 3 21 ? 16.388  0.889   -5.158  1.00 76.36  ?  45  A     C N3    1 
ATOM   1241 C  C4    . A     C 3 21 ? 16.386  -0.257  -4.452  1.00 74.34  ?  45  A     C C4    1 
ATOM   1242 P  P     . G     C 3 22 ? 20.853  -3.042  -7.426  1.00 105.88 ?  46  G     C P     1 
ATOM   1243 O  OP1   . G     C 3 22 ? 21.689  -3.311  -8.624  1.00 111.12 ?  46  G     C OP1   1 
ATOM   1244 O  OP2   . G     C 3 22 ? 21.004  -3.902  -6.223  1.00 105.06 ?  46  G     C OP2   1 
ATOM   1245 O  "O5'" . G     C 3 22 ? 21.047  -1.506  -7.033  1.00 87.00  ?  46  G     C "O5'" 1 
ATOM   1246 C  "C5'" . G     C 3 22 ? 21.234  -0.554  -8.065  1.00 95.50  ?  46  G     C "C5'" 1 
ATOM   1247 C  "C4'" . G     C 3 22 ? 21.068  0.856   -7.579  1.00 99.70  ?  46  G     C "C4'" 1 
ATOM   1248 O  "O4'" . G     C 3 22 ? 19.823  0.986   -6.840  1.00 95.60  ?  46  G     C "O4'" 1 
ATOM   1249 C  "C3'" . G     C 3 22 ? 22.115  1.351   -6.596  1.00 109.22 ?  46  G     C "C3'" 1 
ATOM   1250 O  "O3'" . G     C 3 22 ? 23.357  1.687   -7.192  1.00 121.21 ?  46  G     C "O3'" 1 
ATOM   1251 C  "C2'" . G     C 3 22 ? 21.395  2.515   -5.929  1.00 102.86 ?  46  G     C "C2'" 1 
ATOM   1252 O  "O2'" . G     C 3 22 ? 21.343  3.654   -6.781  1.00 99.32  ?  46  G     C "O2'" 1 
ATOM   1253 C  "C1'" . G     C 3 22 ? 19.993  1.928   -5.792  1.00 97.09  ?  46  G     C "C1'" 1 
ATOM   1254 N  N9    . G     C 3 22 ? 19.870  1.238   -4.495  1.00 90.85  ?  46  G     C N9    1 
ATOM   1255 C  C8    . G     C 3 22 ? 19.860  -0.114  -4.205  1.00 92.17  ?  46  G     C C8    1 
ATOM   1256 N  N7    . G     C 3 22 ? 19.761  -0.355  -2.916  1.00 84.18  ?  46  G     C N7    1 
ATOM   1257 C  C5    . G     C 3 22 ? 19.720  0.912   -2.340  1.00 80.21  ?  46  G     C C5    1 
ATOM   1258 C  C6    . G     C 3 22 ? 19.613  1.307   -0.986  1.00 86.21  ?  46  G     C C6    1 
ATOM   1259 O  O6    . G     C 3 22 ? 19.534  0.586   0.019   1.00 89.12  ?  46  G     C O6    1 
ATOM   1260 N  N1    . G     C 3 22 ? 19.600  2.695   -0.859  1.00 84.61  ?  46  G     C N1    1 
ATOM   1261 C  C2    . G     C 3 22 ? 19.686  3.588   -1.902  1.00 83.20  ?  46  G     C C2    1 
ATOM   1262 N  N2    . G     C 3 22 ? 19.670  4.893   -1.586  1.00 80.25  ?  46  G     C N2    1 
ATOM   1263 N  N3    . G     C 3 22 ? 19.782  3.229   -3.166  1.00 80.56  ?  46  G     C N3    1 
ATOM   1264 C  C4    . G     C 3 22 ? 19.795  1.894   -3.300  1.00 80.67  ?  46  G     C C4    1 
ATOM   1265 P  P     . U     C 3 23 ? 24.734  1.425   -6.395  1.00 119.35 ?  47  U     C P     1 
ATOM   1266 O  OP1   . U     C 3 23 ? 25.779  1.133   -7.406  1.00 130.37 ?  47  U     C OP1   1 
ATOM   1267 O  OP2   . U     C 3 23 ? 24.506  0.452   -5.293  1.00 106.16 ?  47  U     C OP2   1 
ATOM   1268 O  "O5'" . U     C 3 23 ? 25.074  2.844   -5.768  1.00 105.96 ?  47  U     C "O5'" 1 
ATOM   1269 C  "C5'" . U     C 3 23 ? 24.601  4.030   -6.379  1.00 103.84 ?  47  U     C "C5'" 1 
ATOM   1270 C  "C4'" . U     C 3 23 ? 24.430  5.107   -5.346  1.00 113.54 ?  47  U     C "C4'" 1 
ATOM   1271 O  "O4'" . U     C 3 23 ? 23.200  4.894   -4.603  1.00 107.70 ?  47  U     C "O4'" 1 
ATOM   1272 C  "C3'" . U     C 3 23 ? 25.499  5.127   -4.271  1.00 116.87 ?  47  U     C "C3'" 1 
ATOM   1273 O  "O3'" . U     C 3 23 ? 26.703  5.731   -4.698  1.00 126.94 ?  47  U     C "O3'" 1 
ATOM   1274 C  "C2'" . U     C 3 23 ? 24.798  5.835   -3.121  1.00 107.67 ?  47  U     C "C2'" 1 
ATOM   1275 O  "O2'" . U     C 3 23 ? 24.724  7.236   -3.358  1.00 100.49 ?  47  U     C "O2'" 1 
ATOM   1276 C  "C1'" . U     C 3 23 ? 23.393  5.244   -3.245  1.00 98.32  ?  47  U     C "C1'" 1 
ATOM   1277 N  N1    . U     C 3 23 ? 23.229  4.015   -2.438  1.00 91.89  ?  47  U     C N1    1 
ATOM   1278 C  C2    . U     C 3 23 ? 23.030  4.137   -1.073  1.00 98.70  ?  47  U     C C2    1 
ATOM   1279 O  O2    . U     C 3 23 ? 22.991  5.222   -0.507  1.00 98.17  ?  47  U     C O2    1 
ATOM   1280 N  N3    . U     C 3 23 ? 22.876  2.937   -0.399  1.00 96.58  ?  47  U     C N3    1 
ATOM   1281 C  C4    . U     C 3 23 ? 22.897  1.658   -0.940  1.00 94.00  ?  47  U     C C4    1 
ATOM   1282 O  O4    . U     C 3 23 ? 22.743  0.669   -0.213  1.00 90.13  ?  47  U     C O4    1 
ATOM   1283 C  C5    . U     C 3 23 ? 23.107  1.630   -2.357  1.00 94.80  ?  47  U     C C5    1 
ATOM   1284 C  C6    . U     C 3 23 ? 23.258  2.775   -3.034  1.00 92.18  ?  47  U     C C6    1 
ATOM   1285 P  P     . G     C 3 24 ? 28.093  5.280   -4.037  1.00 127.29 ?  48  G     C P     1 
ATOM   1286 O  OP1   . G     C 3 24 ? 29.151  5.702   -4.997  1.00 120.81 ?  48  G     C OP1   1 
ATOM   1287 O  OP2   . G     C 3 24 ? 28.017  3.853   -3.595  1.00 106.66 ?  48  G     C OP2   1 
ATOM   1288 O  "O5'" . G     C 3 24 ? 28.168  6.217   -2.755  1.00 117.68 ?  48  G     C "O5'" 1 
ATOM   1289 C  "C5'" . G     C 3 24 ? 29.085  5.958   -1.710  1.00 119.89 ?  48  G     C "C5'" 1 
ATOM   1290 C  "C4'" . G     C 3 24 ? 28.592  6.550   -0.421  1.00 120.42 ?  48  G     C "C4'" 1 
ATOM   1291 O  "O4'" . G     C 3 24 ? 27.160  6.323   -0.305  1.00 119.69 ?  48  G     C "O4'" 1 
ATOM   1292 C  "C3'" . G     C 3 24 ? 29.177  5.933   0.841   1.00 121.34 ?  48  G     C "C3'" 1 
ATOM   1293 O  "O3'" . G     C 3 24 ? 30.435  6.484   1.186   1.00 125.51 ?  48  G     C "O3'" 1 
ATOM   1294 C  "C2'" . G     C 3 24 ? 28.088  6.183   1.873   1.00 122.75 ?  48  G     C "C2'" 1 
ATOM   1295 O  "O2'" . G     C 3 24 ? 28.122  7.532   2.319   1.00 125.17 ?  48  G     C "O2'" 1 
ATOM   1296 C  "C1'" . G     C 3 24 ? 26.831  5.976   1.025   1.00 120.45 ?  48  G     C "C1'" 1 
ATOM   1297 N  N9    . G     C 3 24 ? 26.409  4.560   1.029   1.00 108.90 ?  48  G     C N9    1 
ATOM   1298 C  C8    . G     C 3 24 ? 26.436  3.696   -0.046  1.00 105.05 ?  48  G     C C8    1 
ATOM   1299 N  N7    . G     C 3 24 ? 26.027  2.491   0.242   1.00 101.60 ?  48  G     C N7    1 
ATOM   1300 C  C5    . G     C 3 24 ? 25.711  2.568   1.591   1.00 100.81 ?  48  G     C C5    1 
ATOM   1301 C  C6    . G     C 3 24 ? 25.210  1.562   2.447   1.00 102.18 ?  48  G     C C6    1 
ATOM   1302 O  O6    . G     C 3 24 ? 24.949  0.382   2.151   1.00 98.39  ?  48  G     C O6    1 
ATOM   1303 N  N1    . G     C 3 24 ? 25.028  2.065   3.744   1.00 103.75 ?  48  G     C N1    1 
ATOM   1304 C  C2    . G     C 3 24 ? 25.296  3.357   4.157   1.00 99.64  ?  48  G     C C2    1 
ATOM   1305 N  N2    . G     C 3 24 ? 25.057  3.637   5.449   1.00 95.33  ?  48  G     C N2    1 
ATOM   1306 N  N3    . G     C 3 24 ? 25.762  4.303   3.355   1.00 95.89  ?  48  G     C N3    1 
ATOM   1307 C  C4    . G     C 3 24 ? 25.942  3.836   2.099   1.00 99.64  ?  48  G     C C4    1 
HETATM 1308 NA NA    . NA    D 4 .  ? -14.094 5.756   15.709  1.00 52.16  ?  101 NA    B NA    1 
HETATM 1309 N  N9    . GUN   E 5 .  ? 7.106   -1.784  2.352   1.00 62.29  ?  101 GUN   C N9    1 
HETATM 1310 C  C8    . GUN   E 5 .  ? 6.834   -0.954  1.352   1.00 60.17  ?  101 GUN   C C8    1 
HETATM 1311 N  N7    . GUN   E 5 .  ? 6.619   -1.661  0.246   1.00 63.77  ?  101 GUN   C N7    1 
HETATM 1312 C  C5    . GUN   E 5 .  ? 6.771   -2.979  0.555   1.00 59.32  ?  101 GUN   C C5    1 
HETATM 1313 C  C6    . GUN   E 5 .  ? 6.682   -4.168  -0.186  1.00 58.21  ?  101 GUN   C C6    1 
HETATM 1314 O  O6    . GUN   E 5 .  ? 6.369   -4.151  -1.529  1.00 63.95  ?  101 GUN   C O6    1 
HETATM 1315 N  N1    . GUN   E 5 .  ? 6.897   -5.310  0.408   1.00 57.26  ?  101 GUN   C N1    1 
HETATM 1316 C  C2    . GUN   E 5 .  ? 7.183   -5.360  1.682   1.00 59.38  ?  101 GUN   C C2    1 
HETATM 1317 N  N2    . GUN   E 5 .  ? 7.371   -6.683  2.232   1.00 66.19  ?  101 GUN   C N2    1 
HETATM 1318 N  N3    . GUN   E 5 .  ? 7.276   -4.281  2.442   1.00 56.43  ?  101 GUN   C N3    1 
HETATM 1319 C  C4    . GUN   E 5 .  ? 7.075   -3.065  1.882   1.00 59.53  ?  101 GUN   C C4    1 
HETATM 1320 NA NA    . NA    F 4 .  ? -15.427 -0.684  3.888   1.00 35.22  ?  102 NA    C NA    1 
HETATM 1321 K  K     . K     G 6 .  ? -3.587  0.367   6.542   1.00 76.40  ?  103 K     C K     1 
HETATM 1322 K  K     . K     H 6 .  ? -9.763  -8.142  12.481  1.00 103.91 ?  104 K     C K     1 
# 
